data_2ABL
# 
_entry.id   2ABL 
# 
_audit_conform.dict_name       mmcif_pdbx.dic 
_audit_conform.dict_version    5.389 
_audit_conform.dict_location   http://mmcif.pdb.org/dictionaries/ascii/mmcif_pdbx.dic 
# 
loop_
_database_2.database_id 
_database_2.database_code 
_database_2.pdbx_database_accession 
_database_2.pdbx_DOI 
PDB   2ABL         pdb_00002abl 10.2210/pdb2abl/pdb 
WWPDB D_1000177730 ?            ?                   
# 
loop_
_pdbx_audit_revision_history.ordinal 
_pdbx_audit_revision_history.data_content_type 
_pdbx_audit_revision_history.major_revision 
_pdbx_audit_revision_history.minor_revision 
_pdbx_audit_revision_history.revision_date 
1 'Structure model' 1 0 1997-09-04 
2 'Structure model' 1 1 2008-03-24 
3 'Structure model' 1 2 2011-07-13 
4 'Structure model' 1 3 2024-02-14 
5 'Structure model' 1 4 2024-04-03 
# 
_pdbx_audit_revision_details.ordinal             1 
_pdbx_audit_revision_details.revision_ordinal    1 
_pdbx_audit_revision_details.data_content_type   'Structure model' 
_pdbx_audit_revision_details.provider            repository 
_pdbx_audit_revision_details.type                'Initial release' 
_pdbx_audit_revision_details.description         ? 
_pdbx_audit_revision_details.details             ? 
# 
loop_
_pdbx_audit_revision_group.ordinal 
_pdbx_audit_revision_group.revision_ordinal 
_pdbx_audit_revision_group.data_content_type 
_pdbx_audit_revision_group.group 
1 2 'Structure model' 'Version format compliance' 
2 3 'Structure model' 'Version format compliance' 
3 4 'Structure model' 'Data collection'           
4 4 'Structure model' 'Database references'       
5 5 'Structure model' 'Refinement description'    
# 
loop_
_pdbx_audit_revision_category.ordinal 
_pdbx_audit_revision_category.revision_ordinal 
_pdbx_audit_revision_category.data_content_type 
_pdbx_audit_revision_category.category 
1 4 'Structure model' chem_comp_atom                
2 4 'Structure model' chem_comp_bond                
3 4 'Structure model' database_2                    
4 5 'Structure model' pdbx_initial_refinement_model 
# 
loop_
_pdbx_audit_revision_item.ordinal 
_pdbx_audit_revision_item.revision_ordinal 
_pdbx_audit_revision_item.data_content_type 
_pdbx_audit_revision_item.item 
1 4 'Structure model' '_database_2.pdbx_DOI'                
2 4 'Structure model' '_database_2.pdbx_database_accession' 
# 
_pdbx_database_status.status_code                     REL 
_pdbx_database_status.entry_id                        2ABL 
_pdbx_database_status.recvd_initial_deposition_date   1996-11-17 
_pdbx_database_status.deposit_site                    ? 
_pdbx_database_status.process_site                    BNL 
_pdbx_database_status.SG_entry                        . 
_pdbx_database_status.pdb_format_compatible           Y 
_pdbx_database_status.status_code_mr                  ? 
_pdbx_database_status.status_code_sf                  ? 
_pdbx_database_status.status_code_cs                  ? 
_pdbx_database_status.status_code_nmr_data            ? 
_pdbx_database_status.methods_development_category    ? 
# 
loop_
_audit_author.name 
_audit_author.pdbx_ordinal 
'Nam, H.-J.'      1 
'Frederick, C.A.' 2 
# 
_citation.id                        primary 
_citation.title                     
'Intramolecular interactions of the regulatory domains of the Bcr-Abl kinase reveal a novel control mechanism.' 
_citation.journal_abbrev            Structure 
_citation.journal_volume            4 
_citation.page_first                1105 
_citation.page_last                 1114 
_citation.year                      1996 
_citation.journal_id_ASTM           STRUE6 
_citation.country                   UK 
_citation.journal_id_ISSN           0969-2126 
_citation.journal_id_CSD            2005 
_citation.book_publisher            ? 
_citation.pdbx_database_id_PubMed   8805596 
_citation.pdbx_database_id_DOI      '10.1016/S0969-2126(96)00116-5' 
# 
loop_
_citation_author.citation_id 
_citation_author.name 
_citation_author.ordinal 
_citation_author.identifier_ORCID 
primary 'Nam, H.J.'       1 ? 
primary 'Haser, W.G.'     2 ? 
primary 'Roberts, T.M.'   3 ? 
primary 'Frederick, C.A.' 4 ? 
# 
loop_
_entity.id 
_entity.type 
_entity.src_method 
_entity.pdbx_description 
_entity.formula_weight 
_entity.pdbx_number_of_molecules 
_entity.pdbx_ec 
_entity.pdbx_mutation 
_entity.pdbx_fragment 
_entity.details 
1 polymer man 'ABL TYROSINE KINASE' 18122.951 1  2.7.1.112 'INS(M76)' 'SH3-SH2 DOMAIN FRAGMENT' ? 
2 water   nat water                 18.015    40 ?         ?          ?                         ? 
# 
_entity_poly.entity_id                      1 
_entity_poly.type                           'polypeptide(L)' 
_entity_poly.nstd_linkage                   no 
_entity_poly.nstd_monomer                   no 
_entity_poly.pdbx_seq_one_letter_code       
;MGPSENDPNLFVALYDFVASGDNTLSITKGEKLRVLGYNHNGEWCEAQTKNGQGWVPSNYITPVNSLEKHSWYHGPVSRN
AAEYLLSSGINGSFLVRESESSPGQRSISLRYEGRVYHYRINTASDGKLYVSSESRFNTLAELVHHHSTVADGLITTLHY
PAP
;
_entity_poly.pdbx_seq_one_letter_code_can   
;MGPSENDPNLFVALYDFVASGDNTLSITKGEKLRVLGYNHNGEWCEAQTKNGQGWVPSNYITPVNSLEKHSWYHGPVSRN
AAEYLLSSGINGSFLVRESESSPGQRSISLRYEGRVYHYRINTASDGKLYVSSESRFNTLAELVHHHSTVADGLITTLHY
PAP
;
_entity_poly.pdbx_strand_id                 A 
_entity_poly.pdbx_target_identifier         ? 
# 
_pdbx_entity_nonpoly.entity_id   2 
_pdbx_entity_nonpoly.name        water 
_pdbx_entity_nonpoly.comp_id     HOH 
# 
loop_
_entity_poly_seq.entity_id 
_entity_poly_seq.num 
_entity_poly_seq.mon_id 
_entity_poly_seq.hetero 
1 1   MET n 
1 2   GLY n 
1 3   PRO n 
1 4   SER n 
1 5   GLU n 
1 6   ASN n 
1 7   ASP n 
1 8   PRO n 
1 9   ASN n 
1 10  LEU n 
1 11  PHE n 
1 12  VAL n 
1 13  ALA n 
1 14  LEU n 
1 15  TYR n 
1 16  ASP n 
1 17  PHE n 
1 18  VAL n 
1 19  ALA n 
1 20  SER n 
1 21  GLY n 
1 22  ASP n 
1 23  ASN n 
1 24  THR n 
1 25  LEU n 
1 26  SER n 
1 27  ILE n 
1 28  THR n 
1 29  LYS n 
1 30  GLY n 
1 31  GLU n 
1 32  LYS n 
1 33  LEU n 
1 34  ARG n 
1 35  VAL n 
1 36  LEU n 
1 37  GLY n 
1 38  TYR n 
1 39  ASN n 
1 40  HIS n 
1 41  ASN n 
1 42  GLY n 
1 43  GLU n 
1 44  TRP n 
1 45  CYS n 
1 46  GLU n 
1 47  ALA n 
1 48  GLN n 
1 49  THR n 
1 50  LYS n 
1 51  ASN n 
1 52  GLY n 
1 53  GLN n 
1 54  GLY n 
1 55  TRP n 
1 56  VAL n 
1 57  PRO n 
1 58  SER n 
1 59  ASN n 
1 60  TYR n 
1 61  ILE n 
1 62  THR n 
1 63  PRO n 
1 64  VAL n 
1 65  ASN n 
1 66  SER n 
1 67  LEU n 
1 68  GLU n 
1 69  LYS n 
1 70  HIS n 
1 71  SER n 
1 72  TRP n 
1 73  TYR n 
1 74  HIS n 
1 75  GLY n 
1 76  PRO n 
1 77  VAL n 
1 78  SER n 
1 79  ARG n 
1 80  ASN n 
1 81  ALA n 
1 82  ALA n 
1 83  GLU n 
1 84  TYR n 
1 85  LEU n 
1 86  LEU n 
1 87  SER n 
1 88  SER n 
1 89  GLY n 
1 90  ILE n 
1 91  ASN n 
1 92  GLY n 
1 93  SER n 
1 94  PHE n 
1 95  LEU n 
1 96  VAL n 
1 97  ARG n 
1 98  GLU n 
1 99  SER n 
1 100 GLU n 
1 101 SER n 
1 102 SER n 
1 103 PRO n 
1 104 GLY n 
1 105 GLN n 
1 106 ARG n 
1 107 SER n 
1 108 ILE n 
1 109 SER n 
1 110 LEU n 
1 111 ARG n 
1 112 TYR n 
1 113 GLU n 
1 114 GLY n 
1 115 ARG n 
1 116 VAL n 
1 117 TYR n 
1 118 HIS n 
1 119 TYR n 
1 120 ARG n 
1 121 ILE n 
1 122 ASN n 
1 123 THR n 
1 124 ALA n 
1 125 SER n 
1 126 ASP n 
1 127 GLY n 
1 128 LYS n 
1 129 LEU n 
1 130 TYR n 
1 131 VAL n 
1 132 SER n 
1 133 SER n 
1 134 GLU n 
1 135 SER n 
1 136 ARG n 
1 137 PHE n 
1 138 ASN n 
1 139 THR n 
1 140 LEU n 
1 141 ALA n 
1 142 GLU n 
1 143 LEU n 
1 144 VAL n 
1 145 HIS n 
1 146 HIS n 
1 147 HIS n 
1 148 SER n 
1 149 THR n 
1 150 VAL n 
1 151 ALA n 
1 152 ASP n 
1 153 GLY n 
1 154 LEU n 
1 155 ILE n 
1 156 THR n 
1 157 THR n 
1 158 LEU n 
1 159 HIS n 
1 160 TYR n 
1 161 PRO n 
1 162 ALA n 
1 163 PRO n 
# 
_entity_src_gen.entity_id                          1 
_entity_src_gen.pdbx_src_id                        1 
_entity_src_gen.pdbx_alt_source_flag               sample 
_entity_src_gen.pdbx_seq_type                      ? 
_entity_src_gen.pdbx_beg_seq_num                   ? 
_entity_src_gen.pdbx_end_seq_num                   ? 
_entity_src_gen.gene_src_common_name               human 
_entity_src_gen.gene_src_genus                     Homo 
_entity_src_gen.pdbx_gene_src_gene                 'ABL SH3-SH2' 
_entity_src_gen.gene_src_species                   ? 
_entity_src_gen.gene_src_strain                    ? 
_entity_src_gen.gene_src_tissue                    ? 
_entity_src_gen.gene_src_tissue_fraction           ? 
_entity_src_gen.gene_src_details                   ? 
_entity_src_gen.pdbx_gene_src_fragment             ? 
_entity_src_gen.pdbx_gene_src_scientific_name      'Homo sapiens' 
_entity_src_gen.pdbx_gene_src_ncbi_taxonomy_id     9606 
_entity_src_gen.pdbx_gene_src_variant              ? 
_entity_src_gen.pdbx_gene_src_cell_line            BL21 
_entity_src_gen.pdbx_gene_src_atcc                 ? 
_entity_src_gen.pdbx_gene_src_organ                ? 
_entity_src_gen.pdbx_gene_src_organelle            ? 
_entity_src_gen.pdbx_gene_src_cell                 ? 
_entity_src_gen.pdbx_gene_src_cellular_location    ? 
_entity_src_gen.host_org_common_name               ? 
_entity_src_gen.pdbx_host_org_scientific_name      'Escherichia coli BL21(DE3)' 
_entity_src_gen.pdbx_host_org_ncbi_taxonomy_id     469008 
_entity_src_gen.host_org_genus                     Escherichia 
_entity_src_gen.pdbx_host_org_gene                 'ABL SH3-SH2' 
_entity_src_gen.pdbx_host_org_organ                ? 
_entity_src_gen.host_org_species                   'Escherichia coli' 
_entity_src_gen.pdbx_host_org_tissue               ? 
_entity_src_gen.pdbx_host_org_tissue_fraction      ? 
_entity_src_gen.pdbx_host_org_strain               'BL21 (DE3)' 
_entity_src_gen.pdbx_host_org_variant              ? 
_entity_src_gen.pdbx_host_org_cell_line            ? 
_entity_src_gen.pdbx_host_org_atcc                 ? 
_entity_src_gen.pdbx_host_org_culture_collection   ? 
_entity_src_gen.pdbx_host_org_cell                 ? 
_entity_src_gen.pdbx_host_org_organelle            ? 
_entity_src_gen.pdbx_host_org_cellular_location    ? 
_entity_src_gen.pdbx_host_org_vector_type          ? 
_entity_src_gen.pdbx_host_org_vector               ? 
_entity_src_gen.host_org_details                   ? 
_entity_src_gen.expression_system_id               ? 
_entity_src_gen.plasmid_name                       PRSET 
_entity_src_gen.plasmid_details                    ? 
_entity_src_gen.pdbx_description                   ? 
# 
loop_
_chem_comp.id 
_chem_comp.type 
_chem_comp.mon_nstd_flag 
_chem_comp.name 
_chem_comp.pdbx_synonyms 
_chem_comp.formula 
_chem_comp.formula_weight 
ALA 'L-peptide linking' y ALANINE         ? 'C3 H7 N O2'     89.093  
ARG 'L-peptide linking' y ARGININE        ? 'C6 H15 N4 O2 1' 175.209 
ASN 'L-peptide linking' y ASPARAGINE      ? 'C4 H8 N2 O3'    132.118 
ASP 'L-peptide linking' y 'ASPARTIC ACID' ? 'C4 H7 N O4'     133.103 
CYS 'L-peptide linking' y CYSTEINE        ? 'C3 H7 N O2 S'   121.158 
GLN 'L-peptide linking' y GLUTAMINE       ? 'C5 H10 N2 O3'   146.144 
GLU 'L-peptide linking' y 'GLUTAMIC ACID' ? 'C5 H9 N O4'     147.129 
GLY 'peptide linking'   y GLYCINE         ? 'C2 H5 N O2'     75.067  
HIS 'L-peptide linking' y HISTIDINE       ? 'C6 H10 N3 O2 1' 156.162 
HOH non-polymer         . WATER           ? 'H2 O'           18.015  
ILE 'L-peptide linking' y ISOLEUCINE      ? 'C6 H13 N O2'    131.173 
LEU 'L-peptide linking' y LEUCINE         ? 'C6 H13 N O2'    131.173 
LYS 'L-peptide linking' y LYSINE          ? 'C6 H15 N2 O2 1' 147.195 
MET 'L-peptide linking' y METHIONINE      ? 'C5 H11 N O2 S'  149.211 
PHE 'L-peptide linking' y PHENYLALANINE   ? 'C9 H11 N O2'    165.189 
PRO 'L-peptide linking' y PROLINE         ? 'C5 H9 N O2'     115.130 
SER 'L-peptide linking' y SERINE          ? 'C3 H7 N O3'     105.093 
THR 'L-peptide linking' y THREONINE       ? 'C4 H9 N O3'     119.119 
TRP 'L-peptide linking' y TRYPTOPHAN      ? 'C11 H12 N2 O2'  204.225 
TYR 'L-peptide linking' y TYROSINE        ? 'C9 H11 N O3'    181.189 
VAL 'L-peptide linking' y VALINE          ? 'C5 H11 N O2'    117.146 
# 
loop_
_pdbx_poly_seq_scheme.asym_id 
_pdbx_poly_seq_scheme.entity_id 
_pdbx_poly_seq_scheme.seq_id 
_pdbx_poly_seq_scheme.mon_id 
_pdbx_poly_seq_scheme.ndb_seq_num 
_pdbx_poly_seq_scheme.pdb_seq_num 
_pdbx_poly_seq_scheme.auth_seq_num 
_pdbx_poly_seq_scheme.pdb_mon_id 
_pdbx_poly_seq_scheme.auth_mon_id 
_pdbx_poly_seq_scheme.pdb_strand_id 
_pdbx_poly_seq_scheme.pdb_ins_code 
_pdbx_poly_seq_scheme.hetero 
A 1 1   MET 1   75  75  MET MET A . n 
A 1 2   GLY 2   76  76  GLY GLY A . n 
A 1 3   PRO 3   77  77  PRO PRO A . n 
A 1 4   SER 4   78  78  SER SER A . n 
A 1 5   GLU 5   79  79  GLU GLU A . n 
A 1 6   ASN 6   80  80  ASN ASN A . n 
A 1 7   ASP 7   81  81  ASP ASP A . n 
A 1 8   PRO 8   82  82  PRO PRO A . n 
A 1 9   ASN 9   83  83  ASN ASN A . n 
A 1 10  LEU 10  84  84  LEU LEU A . n 
A 1 11  PHE 11  85  85  PHE PHE A . n 
A 1 12  VAL 12  86  86  VAL VAL A . n 
A 1 13  ALA 13  87  87  ALA ALA A . n 
A 1 14  LEU 14  88  88  LEU LEU A . n 
A 1 15  TYR 15  89  89  TYR TYR A . n 
A 1 16  ASP 16  90  90  ASP ASP A . n 
A 1 17  PHE 17  91  91  PHE PHE A . n 
A 1 18  VAL 18  92  92  VAL VAL A . n 
A 1 19  ALA 19  93  93  ALA ALA A . n 
A 1 20  SER 20  94  94  SER SER A . n 
A 1 21  GLY 21  95  95  GLY GLY A . n 
A 1 22  ASP 22  96  96  ASP ASP A . n 
A 1 23  ASN 23  97  97  ASN ASN A . n 
A 1 24  THR 24  98  98  THR THR A . n 
A 1 25  LEU 25  99  99  LEU LEU A . n 
A 1 26  SER 26  100 100 SER SER A . n 
A 1 27  ILE 27  101 101 ILE ILE A . n 
A 1 28  THR 28  102 102 THR THR A . n 
A 1 29  LYS 29  103 103 LYS LYS A . n 
A 1 30  GLY 30  104 104 GLY GLY A . n 
A 1 31  GLU 31  105 105 GLU GLU A . n 
A 1 32  LYS 32  106 106 LYS LYS A . n 
A 1 33  LEU 33  107 107 LEU LEU A . n 
A 1 34  ARG 34  108 108 ARG ARG A . n 
A 1 35  VAL 35  109 109 VAL VAL A . n 
A 1 36  LEU 36  110 110 LEU LEU A . n 
A 1 37  GLY 37  111 111 GLY GLY A . n 
A 1 38  TYR 38  112 112 TYR TYR A . n 
A 1 39  ASN 39  113 113 ASN ASN A . n 
A 1 40  HIS 40  114 114 HIS HIS A . n 
A 1 41  ASN 41  115 115 ASN ASN A . n 
A 1 42  GLY 42  116 116 GLY GLY A . n 
A 1 43  GLU 43  117 117 GLU GLU A . n 
A 1 44  TRP 44  118 118 TRP TRP A . n 
A 1 45  CYS 45  119 119 CYS CYS A . n 
A 1 46  GLU 46  120 120 GLU GLU A . n 
A 1 47  ALA 47  121 121 ALA ALA A . n 
A 1 48  GLN 48  122 122 GLN GLN A . n 
A 1 49  THR 49  123 123 THR THR A . n 
A 1 50  LYS 50  124 124 LYS LYS A . n 
A 1 51  ASN 51  125 125 ASN ASN A . n 
A 1 52  GLY 52  126 126 GLY GLY A . n 
A 1 53  GLN 53  127 127 GLN GLN A . n 
A 1 54  GLY 54  128 128 GLY GLY A . n 
A 1 55  TRP 55  129 129 TRP TRP A . n 
A 1 56  VAL 56  130 130 VAL VAL A . n 
A 1 57  PRO 57  131 131 PRO PRO A . n 
A 1 58  SER 58  132 132 SER SER A . n 
A 1 59  ASN 59  133 133 ASN ASN A . n 
A 1 60  TYR 60  134 134 TYR TYR A . n 
A 1 61  ILE 61  135 135 ILE ILE A . n 
A 1 62  THR 62  136 136 THR THR A . n 
A 1 63  PRO 63  137 137 PRO PRO A . n 
A 1 64  VAL 64  138 138 VAL VAL A . n 
A 1 65  ASN 65  139 139 ASN ASN A . n 
A 1 66  SER 66  140 140 SER SER A . n 
A 1 67  LEU 67  141 141 LEU LEU A . n 
A 1 68  GLU 68  142 142 GLU GLU A . n 
A 1 69  LYS 69  143 143 LYS LYS A . n 
A 1 70  HIS 70  144 144 HIS HIS A . n 
A 1 71  SER 71  145 145 SER SER A . n 
A 1 72  TRP 72  146 146 TRP TRP A . n 
A 1 73  TYR 73  147 147 TYR TYR A . n 
A 1 74  HIS 74  148 148 HIS HIS A . n 
A 1 75  GLY 75  149 149 GLY GLY A . n 
A 1 76  PRO 76  150 150 PRO PRO A . n 
A 1 77  VAL 77  151 151 VAL VAL A . n 
A 1 78  SER 78  152 152 SER SER A . n 
A 1 79  ARG 79  153 153 ARG ARG A . n 
A 1 80  ASN 80  154 154 ASN ASN A . n 
A 1 81  ALA 81  155 155 ALA ALA A . n 
A 1 82  ALA 82  156 156 ALA ALA A . n 
A 1 83  GLU 83  157 157 GLU GLU A . n 
A 1 84  TYR 84  158 158 TYR TYR A . n 
A 1 85  LEU 85  159 159 LEU LEU A . n 
A 1 86  LEU 86  160 160 LEU LEU A . n 
A 1 87  SER 87  161 161 SER SER A . n 
A 1 88  SER 88  162 162 SER SER A . n 
A 1 89  GLY 89  163 163 GLY GLY A . n 
A 1 90  ILE 90  164 164 ILE ILE A . n 
A 1 91  ASN 91  165 165 ASN ASN A . n 
A 1 92  GLY 92  166 166 GLY GLY A . n 
A 1 93  SER 93  167 167 SER SER A . n 
A 1 94  PHE 94  168 168 PHE PHE A . n 
A 1 95  LEU 95  169 169 LEU LEU A . n 
A 1 96  VAL 96  170 170 VAL VAL A . n 
A 1 97  ARG 97  171 171 ARG ARG A . n 
A 1 98  GLU 98  172 172 GLU GLU A . n 
A 1 99  SER 99  173 173 SER SER A . n 
A 1 100 GLU 100 174 174 GLU GLU A . n 
A 1 101 SER 101 175 175 SER SER A . n 
A 1 102 SER 102 176 176 SER SER A . n 
A 1 103 PRO 103 177 177 PRO PRO A . n 
A 1 104 GLY 104 178 178 GLY GLY A . n 
A 1 105 GLN 105 179 179 GLN GLN A . n 
A 1 106 ARG 106 180 180 ARG ARG A . n 
A 1 107 SER 107 181 181 SER SER A . n 
A 1 108 ILE 108 182 182 ILE ILE A . n 
A 1 109 SER 109 183 183 SER SER A . n 
A 1 110 LEU 110 184 184 LEU LEU A . n 
A 1 111 ARG 111 185 185 ARG ARG A . n 
A 1 112 TYR 112 186 186 TYR TYR A . n 
A 1 113 GLU 113 187 187 GLU GLU A . n 
A 1 114 GLY 114 188 188 GLY GLY A . n 
A 1 115 ARG 115 189 189 ARG ARG A . n 
A 1 116 VAL 116 190 190 VAL VAL A . n 
A 1 117 TYR 117 191 191 TYR TYR A . n 
A 1 118 HIS 118 192 192 HIS HIS A . n 
A 1 119 TYR 119 193 193 TYR TYR A . n 
A 1 120 ARG 120 194 194 ARG ARG A . n 
A 1 121 ILE 121 195 195 ILE ILE A . n 
A 1 122 ASN 122 196 196 ASN ASN A . n 
A 1 123 THR 123 197 197 THR THR A . n 
A 1 124 ALA 124 198 198 ALA ALA A . n 
A 1 125 SER 125 199 199 SER SER A . n 
A 1 126 ASP 126 200 200 ASP ASP A . n 
A 1 127 GLY 127 201 201 GLY GLY A . n 
A 1 128 LYS 128 202 202 LYS LYS A . n 
A 1 129 LEU 129 203 203 LEU LEU A . n 
A 1 130 TYR 130 204 204 TYR TYR A . n 
A 1 131 VAL 131 205 205 VAL VAL A . n 
A 1 132 SER 132 206 206 SER SER A . n 
A 1 133 SER 133 207 207 SER SER A . n 
A 1 134 GLU 134 208 208 GLU GLU A . n 
A 1 135 SER 135 209 209 SER SER A . n 
A 1 136 ARG 136 210 210 ARG ARG A . n 
A 1 137 PHE 137 211 211 PHE PHE A . n 
A 1 138 ASN 138 212 212 ASN ASN A . n 
A 1 139 THR 139 213 213 THR THR A . n 
A 1 140 LEU 140 214 214 LEU LEU A . n 
A 1 141 ALA 141 215 215 ALA ALA A . n 
A 1 142 GLU 142 216 216 GLU GLU A . n 
A 1 143 LEU 143 217 217 LEU LEU A . n 
A 1 144 VAL 144 218 218 VAL VAL A . n 
A 1 145 HIS 145 219 219 HIS HIS A . n 
A 1 146 HIS 146 220 220 HIS HIS A . n 
A 1 147 HIS 147 221 221 HIS HIS A . n 
A 1 148 SER 148 222 222 SER SER A . n 
A 1 149 THR 149 223 223 THR THR A . n 
A 1 150 VAL 150 224 224 VAL VAL A . n 
A 1 151 ALA 151 225 225 ALA ALA A . n 
A 1 152 ASP 152 226 226 ASP ASP A . n 
A 1 153 GLY 153 227 227 GLY GLY A . n 
A 1 154 LEU 154 228 228 LEU LEU A . n 
A 1 155 ILE 155 229 229 ILE ILE A . n 
A 1 156 THR 156 230 230 THR THR A . n 
A 1 157 THR 157 231 231 THR THR A . n 
A 1 158 LEU 158 232 232 LEU LEU A . n 
A 1 159 HIS 159 233 233 HIS HIS A . n 
A 1 160 TYR 160 234 234 TYR TYR A . n 
A 1 161 PRO 161 235 235 PRO PRO A . n 
A 1 162 ALA 162 236 236 ALA ALA A . n 
A 1 163 PRO 163 237 237 PRO PRO A . n 
# 
loop_
_pdbx_nonpoly_scheme.asym_id 
_pdbx_nonpoly_scheme.entity_id 
_pdbx_nonpoly_scheme.mon_id 
_pdbx_nonpoly_scheme.ndb_seq_num 
_pdbx_nonpoly_scheme.pdb_seq_num 
_pdbx_nonpoly_scheme.auth_seq_num 
_pdbx_nonpoly_scheme.pdb_mon_id 
_pdbx_nonpoly_scheme.auth_mon_id 
_pdbx_nonpoly_scheme.pdb_strand_id 
_pdbx_nonpoly_scheme.pdb_ins_code 
B 2 HOH 1  501 501 HOH HOH A . 
B 2 HOH 2  502 502 HOH HOH A . 
B 2 HOH 3  503 503 HOH HOH A . 
B 2 HOH 4  504 504 HOH HOH A . 
B 2 HOH 5  505 505 HOH HOH A . 
B 2 HOH 6  506 506 HOH HOH A . 
B 2 HOH 7  507 507 HOH HOH A . 
B 2 HOH 8  508 508 HOH HOH A . 
B 2 HOH 9  509 509 HOH HOH A . 
B 2 HOH 10 510 510 HOH HOH A . 
B 2 HOH 11 511 511 HOH HOH A . 
B 2 HOH 12 512 512 HOH HOH A . 
B 2 HOH 13 513 513 HOH HOH A . 
B 2 HOH 14 514 514 HOH HOH A . 
B 2 HOH 15 515 515 HOH HOH A . 
B 2 HOH 16 516 516 HOH HOH A . 
B 2 HOH 17 517 517 HOH HOH A . 
B 2 HOH 18 518 518 HOH HOH A . 
B 2 HOH 19 519 519 HOH HOH A . 
B 2 HOH 20 520 520 HOH HOH A . 
B 2 HOH 21 521 521 HOH HOH A . 
B 2 HOH 22 522 522 HOH HOH A . 
B 2 HOH 23 523 523 HOH HOH A . 
B 2 HOH 24 524 524 HOH HOH A . 
B 2 HOH 25 525 525 HOH HOH A . 
B 2 HOH 26 526 526 HOH HOH A . 
B 2 HOH 27 527 527 HOH HOH A . 
B 2 HOH 28 528 528 HOH HOH A . 
B 2 HOH 29 529 529 HOH HOH A . 
B 2 HOH 30 530 530 HOH HOH A . 
B 2 HOH 31 531 531 HOH HOH A . 
B 2 HOH 32 532 532 HOH HOH A . 
B 2 HOH 33 533 533 HOH HOH A . 
B 2 HOH 34 534 534 HOH HOH A . 
B 2 HOH 35 535 535 HOH HOH A . 
B 2 HOH 36 536 536 HOH HOH A . 
B 2 HOH 37 537 537 HOH HOH A . 
B 2 HOH 38 538 538 HOH HOH A . 
B 2 HOH 39 539 539 HOH HOH A . 
B 2 HOH 40 540 540 HOH HOH A . 
# 
loop_
_software.name 
_software.classification 
_software.version 
_software.citation_id 
_software.pdbx_ordinal 
AMoRE     phasing          . ? 1 
X-PLOR    'model building' . ? 2 
X-PLOR    refinement       . ? 3 
SCALEPACK 'data scaling'   . ? 4 
X-PLOR    phasing          . ? 5 
# 
_cell.entry_id           2ABL 
_cell.length_a           65.620 
_cell.length_b           45.850 
_cell.length_c           54.450 
_cell.angle_alpha        90.00 
_cell.angle_beta         95.18 
_cell.angle_gamma        90.00 
_cell.Z_PDB              4 
_cell.pdbx_unique_axis   ? 
# 
_symmetry.entry_id                         2ABL 
_symmetry.space_group_name_H-M             'C 1 2 1' 
_symmetry.pdbx_full_space_group_name_H-M   ? 
_symmetry.cell_setting                     ? 
_symmetry.Int_Tables_number                5 
# 
_exptl.entry_id          2ABL 
_exptl.method            'X-RAY DIFFRACTION' 
_exptl.crystals_number   1 
# 
_exptl_crystal.id                    1 
_exptl_crystal.density_meas          ? 
_exptl_crystal.density_Matthews      2.25 
_exptl_crystal.density_percent_sol   45.32 
_exptl_crystal.description           ? 
# 
_exptl_crystal_grow.crystal_id      1 
_exptl_crystal_grow.method          ? 
_exptl_crystal_grow.temp            ? 
_exptl_crystal_grow.temp_details    ? 
_exptl_crystal_grow.pH              7.5 
_exptl_crystal_grow.pdbx_pH_range   ? 
_exptl_crystal_grow.pdbx_details    'pH 7.5' 
# 
_diffrn.id                     1 
_diffrn.ambient_temp           293 
_diffrn.ambient_temp_details   ? 
_diffrn.crystal_id             1 
# 
_diffrn_detector.diffrn_id              1 
_diffrn_detector.detector               'IMAGE PLATE' 
_diffrn_detector.type                   MARRESEARCH 
_diffrn_detector.pdbx_collection_date   1993-11 
_diffrn_detector.details                MIRRORS 
# 
_diffrn_radiation.diffrn_id                        1 
_diffrn_radiation.wavelength_id                    1 
_diffrn_radiation.pdbx_monochromatic_or_laue_m_l   M 
_diffrn_radiation.monochromator                    'NI FILTER' 
_diffrn_radiation.pdbx_diffrn_protocol             ? 
_diffrn_radiation.pdbx_scattering_type             x-ray 
# 
_diffrn_radiation_wavelength.id           1 
_diffrn_radiation_wavelength.wavelength   1.5418 
_diffrn_radiation_wavelength.wt           1.0 
# 
_diffrn_source.diffrn_id                   1 
_diffrn_source.source                      'ROTATING ANODE' 
_diffrn_source.type                        'RIGAKU RUH3R' 
_diffrn_source.pdbx_synchrotron_site       ? 
_diffrn_source.pdbx_synchrotron_beamline   ? 
_diffrn_source.pdbx_wavelength             1.5418 
_diffrn_source.pdbx_wavelength_list        ? 
# 
_reflns.entry_id                     2ABL 
_reflns.observed_criterion_sigma_I   ? 
_reflns.observed_criterion_sigma_F   ? 
_reflns.d_resolution_low             12.0 
_reflns.d_resolution_high            2.5 
_reflns.number_obs                   5585 
_reflns.number_all                   ? 
_reflns.percent_possible_obs         99.3 
_reflns.pdbx_Rmerge_I_obs            ? 
_reflns.pdbx_Rsym_value              0.0480000 
_reflns.pdbx_netI_over_sigmaI        ? 
_reflns.B_iso_Wilson_estimate        ? 
_reflns.pdbx_redundancy              3.5 
_reflns.pdbx_diffrn_id               1 
_reflns.pdbx_ordinal                 1 
# 
_reflns_shell.d_res_high             2.5 
_reflns_shell.d_res_low              2.59 
_reflns_shell.percent_possible_all   98. 
_reflns_shell.Rmerge_I_obs           ? 
_reflns_shell.pdbx_Rsym_value        0.1400000 
_reflns_shell.meanI_over_sigI_obs    ? 
_reflns_shell.pdbx_redundancy        3.3 
_reflns_shell.pdbx_diffrn_id         ? 
_reflns_shell.pdbx_ordinal           1 
# 
_refine.entry_id                                 2ABL 
_refine.ls_number_reflns_obs                     5575 
_refine.ls_number_reflns_all                     ? 
_refine.pdbx_ls_sigma_I                          ? 
_refine.pdbx_ls_sigma_F                          2. 
_refine.pdbx_data_cutoff_high_absF               ? 
_refine.pdbx_data_cutoff_low_absF                ? 
_refine.pdbx_data_cutoff_high_rms_absF           ? 
_refine.ls_d_res_low                             10. 
_refine.ls_d_res_high                            2.5 
_refine.ls_percent_reflns_obs                    99.1 
_refine.ls_R_factor_obs                          0.1830000 
_refine.ls_R_factor_all                          ? 
_refine.ls_R_factor_R_work                       0.1830000 
_refine.ls_R_factor_R_free                       0.2700000 
_refine.ls_R_factor_R_free_error                 ? 
_refine.ls_R_factor_R_free_error_details         ? 
_refine.ls_percent_reflns_R_free                 10. 
_refine.ls_number_reflns_R_free                  ? 
_refine.ls_number_parameters                     ? 
_refine.ls_number_restraints                     ? 
_refine.occupancy_min                            ? 
_refine.occupancy_max                            ? 
_refine.B_iso_mean                               ? 
_refine.aniso_B[1][1]                            ? 
_refine.aniso_B[2][2]                            ? 
_refine.aniso_B[3][3]                            ? 
_refine.aniso_B[1][2]                            ? 
_refine.aniso_B[1][3]                            ? 
_refine.aniso_B[2][3]                            ? 
_refine.solvent_model_details                    ? 
_refine.solvent_model_param_ksol                 ? 
_refine.solvent_model_param_bsol                 ? 
_refine.pdbx_ls_cross_valid_method               FREE-R 
_refine.details                                  ? 
_refine.pdbx_starting_model                      'ABL SH3, SRC SH2' 
_refine.pdbx_method_to_determine_struct          'MOLECULAR REPLACEMENT' 
_refine.pdbx_isotropic_thermal_model             ? 
_refine.pdbx_stereochemistry_target_values       ? 
_refine.pdbx_stereochem_target_val_spec_case     ? 
_refine.pdbx_R_Free_selection_details            X-PLOR 
_refine.pdbx_overall_ESU_R                       ? 
_refine.pdbx_overall_ESU_R_Free                  ? 
_refine.overall_SU_ML                            ? 
_refine.overall_SU_B                             ? 
_refine.pdbx_refine_id                           'X-RAY DIFFRACTION' 
_refine.pdbx_diffrn_id                           1 
_refine.pdbx_TLS_residual_ADP_flag               ? 
_refine.correlation_coeff_Fo_to_Fc               ? 
_refine.correlation_coeff_Fo_to_Fc_free          ? 
_refine.pdbx_solvent_vdw_probe_radii             ? 
_refine.pdbx_solvent_ion_probe_radii             ? 
_refine.pdbx_solvent_shrinkage_radii             ? 
_refine.pdbx_overall_phase_error                 ? 
_refine.overall_SU_R_Cruickshank_DPI             ? 
_refine.pdbx_overall_SU_R_free_Cruickshank_DPI   ? 
_refine.pdbx_overall_SU_R_Blow_DPI               ? 
_refine.pdbx_overall_SU_R_free_Blow_DPI          ? 
# 
_refine_hist.pdbx_refine_id                   'X-RAY DIFFRACTION' 
_refine_hist.cycle_id                         LAST 
_refine_hist.pdbx_number_atoms_protein        1281 
_refine_hist.pdbx_number_atoms_nucleic_acid   0 
_refine_hist.pdbx_number_atoms_ligand         0 
_refine_hist.number_atoms_solvent             40 
_refine_hist.number_atoms_total               1321 
_refine_hist.d_res_high                       2.5 
_refine_hist.d_res_low                        10. 
# 
loop_
_refine_ls_restr.type 
_refine_ls_restr.dev_ideal 
_refine_ls_restr.dev_ideal_target 
_refine_ls_restr.weight 
_refine_ls_restr.number 
_refine_ls_restr.pdbx_refine_id 
_refine_ls_restr.pdbx_restraint_function 
x_bond_d                0.018 ? ? ? 'X-RAY DIFFRACTION' ? 
x_bond_d_na             ?     ? ? ? 'X-RAY DIFFRACTION' ? 
x_bond_d_prot           ?     ? ? ? 'X-RAY DIFFRACTION' ? 
x_angle_d               ?     ? ? ? 'X-RAY DIFFRACTION' ? 
x_angle_d_na            ?     ? ? ? 'X-RAY DIFFRACTION' ? 
x_angle_d_prot          ?     ? ? ? 'X-RAY DIFFRACTION' ? 
x_angle_deg             3.5   ? ? ? 'X-RAY DIFFRACTION' ? 
x_angle_deg_na          ?     ? ? ? 'X-RAY DIFFRACTION' ? 
x_angle_deg_prot        ?     ? ? ? 'X-RAY DIFFRACTION' ? 
x_dihedral_angle_d      26.5  ? ? ? 'X-RAY DIFFRACTION' ? 
x_dihedral_angle_d_na   ?     ? ? ? 'X-RAY DIFFRACTION' ? 
x_dihedral_angle_d_prot ?     ? ? ? 'X-RAY DIFFRACTION' ? 
x_improper_angle_d      ?     ? ? ? 'X-RAY DIFFRACTION' ? 
x_improper_angle_d_na   ?     ? ? ? 'X-RAY DIFFRACTION' ? 
x_improper_angle_d_prot ?     ? ? ? 'X-RAY DIFFRACTION' ? 
x_mcbond_it             ?     ? ? ? 'X-RAY DIFFRACTION' ? 
x_mcangle_it            ?     ? ? ? 'X-RAY DIFFRACTION' ? 
x_scbond_it             ?     ? ? ? 'X-RAY DIFFRACTION' ? 
x_scangle_it            ?     ? ? ? 'X-RAY DIFFRACTION' ? 
# 
_struct.entry_id                  2ABL 
_struct.title                     'SH3-SH2 DOMAIN FRAGMENT OF HUMAN BCR-ABL TYROSINE KINASE' 
_struct.pdbx_model_details        ? 
_struct.pdbx_CASP_flag            ? 
_struct.pdbx_model_type_details   ? 
# 
_struct_keywords.entry_id        2ABL 
_struct_keywords.pdbx_keywords   TRANSFERASE 
_struct_keywords.text            'TRANSFERASE, TYROSINE KINASE, SH3, SH2, ONCOPROTEIN' 
# 
loop_
_struct_asym.id 
_struct_asym.pdbx_blank_PDB_chainid_flag 
_struct_asym.pdbx_modified 
_struct_asym.entity_id 
_struct_asym.details 
A N N 1 ? 
B N N 2 ? 
# 
_struct_ref.id                         1 
_struct_ref.db_name                    UNP 
_struct_ref.db_code                    ABL1_HUMAN 
_struct_ref.entity_id                  1 
_struct_ref.pdbx_db_accession          P00519 
_struct_ref.pdbx_align_begin           1 
_struct_ref.pdbx_seq_one_letter_code   
;MLEICLKLVGCKSKKGLSSSSSCYLEEALQRPVASDFEPQGLSEAARWNSKENLLAGPSENDPNLFVALYDFVASGDNTL
SITKGEKLRVLGYNHNGEWCEAQTKNGQGWVPSNYITPVNSLEKHSWYHGPVSRNAAEYLLSSGINGSFLVRESESSPGQ
RSISLRYEGRVYHYRINTASDGKLYVSSESRFNTLAELVHHHSTVADGLITTLHYPAPKRNKPTVYGVSPNYDKWEMERT
DITMKHKLGGGQYGEVYEGVWKKYSLTVAVKTLKEDTMEVEEFLKEAAVMKEIKHPNLVQLLGVCTREPPFYIITEFMTY
GNLLDYLRECNRQEVNAVVLLYMATQISSAMEYLEKKNFIHRDLAARNCLVGENHLVKVADFGLSRLMTGDTYTAHAGAK
FPIKWTAPESLAYNKFSIKSDVWAFGVLLWEIATYGMSPYPGIDLSQVYELLEKDYRMERPEGCPEKVYELMRACWQWNP
SDRPSFAEIHQAFETMFQESSISDEVEKELGKQGVRGAVSTLLQAPELPTKTRTSRRAAEHRDTTDVPEMPHSKGQGESD
PLDHEPAVSPLLPRKERGPPEGGLNEDERLLPKDKKTNLFSALIKKKKKTAPTPPKRSSSFREMDGQPERRGAGEEEGRD
ISNGALAFTPLDTADPAKSPKPSNGAGVPNGALRESGGSGFRSPHLWKKSSTLTSSRLATGEEEGGGSSSKRFLRSCSAS
CVPHGAKDTEWRSVTLPRDLQSTGRQFDSSTFGGHKSEKPALPRKRAGENRSDQVTRGTVTPPPRLVKKNEEAADEVFKD
IMESSPGSSPPNLTPKPLRRQVTVAPASGLPHKEEAEKGSALGTPAAAEPVTPTSKAGSGAPGGTSKGPAEESRVRRHKH
SSESPGRDKGKLSRLKPAPPPPPAASAGKAGGKPSQSPSQEAAGEAVLGAKTKATSLVDAVNSDAAKPSQPGEGLKKPVL
PATPKPQSAKPSGTPISPAPVPSTLPSASSALAGDQPSSTAFIPLISTRVSLRKTRQPPERIASGAITKGVVLDSTEALC
LAISRNSEQMASHSAVLEAGKNLYTFCVSYVDSIQQMRNKFAFREAINKLENNLRELQICPATAGSGPAATQDFSKLLSS
VKEISDIVQR
;
_struct_ref.pdbx_db_isoform            ? 
# 
_struct_ref_seq.align_id                      1 
_struct_ref_seq.ref_id                        1 
_struct_ref_seq.pdbx_PDB_id_code              2ABL 
_struct_ref_seq.pdbx_strand_id                A 
_struct_ref_seq.seq_align_beg                 2 
_struct_ref_seq.pdbx_seq_align_beg_ins_code   ? 
_struct_ref_seq.seq_align_end                 163 
_struct_ref_seq.pdbx_seq_align_end_ins_code   ? 
_struct_ref_seq.pdbx_db_accession             P00519 
_struct_ref_seq.db_align_beg                  57 
_struct_ref_seq.pdbx_db_align_beg_ins_code    ? 
_struct_ref_seq.db_align_end                  218 
_struct_ref_seq.pdbx_db_align_end_ins_code    ? 
_struct_ref_seq.pdbx_auth_seq_align_beg       76 
_struct_ref_seq.pdbx_auth_seq_align_end       237 
# 
_pdbx_struct_assembly.id                   1 
_pdbx_struct_assembly.details              author_defined_assembly 
_pdbx_struct_assembly.method_details       ? 
_pdbx_struct_assembly.oligomeric_details   monomeric 
_pdbx_struct_assembly.oligomeric_count     1 
# 
_pdbx_struct_assembly_gen.assembly_id       1 
_pdbx_struct_assembly_gen.oper_expression   1 
_pdbx_struct_assembly_gen.asym_id_list      A,B 
# 
_pdbx_struct_oper_list.id                   1 
_pdbx_struct_oper_list.type                 'identity operation' 
_pdbx_struct_oper_list.name                 1_555 
_pdbx_struct_oper_list.symmetry_operation   x,y,z 
_pdbx_struct_oper_list.matrix[1][1]         1.0000000000 
_pdbx_struct_oper_list.matrix[1][2]         0.0000000000 
_pdbx_struct_oper_list.matrix[1][3]         0.0000000000 
_pdbx_struct_oper_list.vector[1]            0.0000000000 
_pdbx_struct_oper_list.matrix[2][1]         0.0000000000 
_pdbx_struct_oper_list.matrix[2][2]         1.0000000000 
_pdbx_struct_oper_list.matrix[2][3]         0.0000000000 
_pdbx_struct_oper_list.vector[2]            0.0000000000 
_pdbx_struct_oper_list.matrix[3][1]         0.0000000000 
_pdbx_struct_oper_list.matrix[3][2]         0.0000000000 
_pdbx_struct_oper_list.matrix[3][3]         1.0000000000 
_pdbx_struct_oper_list.vector[3]            0.0000000000 
# 
_struct_biol.id   1 
# 
loop_
_struct_conf.conf_type_id 
_struct_conf.id 
_struct_conf.pdbx_PDB_helix_id 
_struct_conf.beg_label_comp_id 
_struct_conf.beg_label_asym_id 
_struct_conf.beg_label_seq_id 
_struct_conf.pdbx_beg_PDB_ins_code 
_struct_conf.end_label_comp_id 
_struct_conf.end_label_asym_id 
_struct_conf.end_label_seq_id 
_struct_conf.pdbx_end_PDB_ins_code 
_struct_conf.beg_auth_comp_id 
_struct_conf.beg_auth_asym_id 
_struct_conf.beg_auth_seq_id 
_struct_conf.end_auth_comp_id 
_struct_conf.end_auth_asym_id 
_struct_conf.end_auth_seq_id 
_struct_conf.pdbx_PDB_helix_class 
_struct_conf.details 
_struct_conf.pdbx_PDB_helix_length 
HELX_P HELX_P1 1 SER A 58  ? TYR A 60  ? SER A 132 TYR A 134 5 ? 3  
HELX_P HELX_P2 2 LEU A 67  ? LYS A 69  ? LEU A 141 LYS A 143 5 ? 3  
HELX_P HELX_P3 3 ARG A 79  ? LEU A 85  ? ARG A 153 LEU A 159 1 ? 7  
HELX_P HELX_P4 4 LEU A 140 ? THR A 149 ? LEU A 214 THR A 223 1 ? 10 
# 
_struct_conf_type.id          HELX_P 
_struct_conf_type.criteria    ? 
_struct_conf_type.reference   ? 
# 
loop_
_struct_sheet.id 
_struct_sheet.type 
_struct_sheet.number_strands 
_struct_sheet.details 
A ? 5 ? 
B ? 3 ? 
# 
loop_
_struct_sheet_order.sheet_id 
_struct_sheet_order.range_id_1 
_struct_sheet_order.range_id_2 
_struct_sheet_order.offset 
_struct_sheet_order.sense 
A 1 2 ? anti-parallel 
A 2 3 ? anti-parallel 
A 3 4 ? anti-parallel 
A 4 5 ? anti-parallel 
B 1 2 ? anti-parallel 
B 2 3 ? anti-parallel 
# 
loop_
_struct_sheet_range.sheet_id 
_struct_sheet_range.id 
_struct_sheet_range.beg_label_comp_id 
_struct_sheet_range.beg_label_asym_id 
_struct_sheet_range.beg_label_seq_id 
_struct_sheet_range.pdbx_beg_PDB_ins_code 
_struct_sheet_range.end_label_comp_id 
_struct_sheet_range.end_label_asym_id 
_struct_sheet_range.end_label_seq_id 
_struct_sheet_range.pdbx_end_PDB_ins_code 
_struct_sheet_range.beg_auth_comp_id 
_struct_sheet_range.beg_auth_asym_id 
_struct_sheet_range.beg_auth_seq_id 
_struct_sheet_range.end_auth_comp_id 
_struct_sheet_range.end_auth_asym_id 
_struct_sheet_range.end_auth_seq_id 
A 1 ILE A 61  ? PRO A 63  ? ILE A 135 PRO A 137 
A 2 LEU A 10  ? ALA A 13  ? LEU A 84  ALA A 87  
A 3 LYS A 32  ? TYR A 38  ? LYS A 106 TYR A 112 
A 4 TRP A 44  ? THR A 49  ? TRP A 118 THR A 123 
A 5 GLY A 52  ? PRO A 57  ? GLY A 126 PRO A 131 
B 1 PHE A 94  ? GLU A 98  ? PHE A 168 GLU A 172 
B 2 ARG A 106 ? TYR A 112 ? ARG A 180 TYR A 186 
B 3 ARG A 115 ? ILE A 121 ? ARG A 189 ILE A 195 
# 
loop_
_pdbx_struct_sheet_hbond.sheet_id 
_pdbx_struct_sheet_hbond.range_id_1 
_pdbx_struct_sheet_hbond.range_id_2 
_pdbx_struct_sheet_hbond.range_1_label_atom_id 
_pdbx_struct_sheet_hbond.range_1_label_comp_id 
_pdbx_struct_sheet_hbond.range_1_label_asym_id 
_pdbx_struct_sheet_hbond.range_1_label_seq_id 
_pdbx_struct_sheet_hbond.range_1_PDB_ins_code 
_pdbx_struct_sheet_hbond.range_1_auth_atom_id 
_pdbx_struct_sheet_hbond.range_1_auth_comp_id 
_pdbx_struct_sheet_hbond.range_1_auth_asym_id 
_pdbx_struct_sheet_hbond.range_1_auth_seq_id 
_pdbx_struct_sheet_hbond.range_2_label_atom_id 
_pdbx_struct_sheet_hbond.range_2_label_comp_id 
_pdbx_struct_sheet_hbond.range_2_label_asym_id 
_pdbx_struct_sheet_hbond.range_2_label_seq_id 
_pdbx_struct_sheet_hbond.range_2_PDB_ins_code 
_pdbx_struct_sheet_hbond.range_2_auth_atom_id 
_pdbx_struct_sheet_hbond.range_2_auth_comp_id 
_pdbx_struct_sheet_hbond.range_2_auth_asym_id 
_pdbx_struct_sheet_hbond.range_2_auth_seq_id 
A 1 2 O THR A 62  ? O THR A 136 N VAL A 12  ? N VAL A 86  
A 2 3 O PHE A 11  ? O PHE A 85  N LEU A 33  ? N LEU A 107 
A 3 4 O ARG A 34  ? O ARG A 108 N GLN A 48  ? N GLN A 122 
A 4 5 O CYS A 45  ? O CYS A 119 N VAL A 56  ? N VAL A 130 
B 1 2 O LEU A 95  ? O LEU A 169 N SER A 109 ? N SER A 183 
B 2 3 O ARG A 106 ? O ARG A 180 N ILE A 121 ? N ILE A 195 
# 
loop_
_pdbx_validate_rmsd_bond.id 
_pdbx_validate_rmsd_bond.PDB_model_num 
_pdbx_validate_rmsd_bond.auth_atom_id_1 
_pdbx_validate_rmsd_bond.auth_asym_id_1 
_pdbx_validate_rmsd_bond.auth_comp_id_1 
_pdbx_validate_rmsd_bond.auth_seq_id_1 
_pdbx_validate_rmsd_bond.PDB_ins_code_1 
_pdbx_validate_rmsd_bond.label_alt_id_1 
_pdbx_validate_rmsd_bond.auth_atom_id_2 
_pdbx_validate_rmsd_bond.auth_asym_id_2 
_pdbx_validate_rmsd_bond.auth_comp_id_2 
_pdbx_validate_rmsd_bond.auth_seq_id_2 
_pdbx_validate_rmsd_bond.PDB_ins_code_2 
_pdbx_validate_rmsd_bond.label_alt_id_2 
_pdbx_validate_rmsd_bond.bond_value 
_pdbx_validate_rmsd_bond.bond_target_value 
_pdbx_validate_rmsd_bond.bond_deviation 
_pdbx_validate_rmsd_bond.bond_standard_deviation 
_pdbx_validate_rmsd_bond.linker_flag 
1 1 NE2 A HIS 114 ? ? CD2 A HIS 114 ? ? 1.293 1.373 -0.080 0.011 N 
2 1 NE2 A HIS 148 ? ? CD2 A HIS 148 ? ? 1.287 1.373 -0.086 0.011 N 
3 1 NE2 A HIS 220 ? ? CD2 A HIS 220 ? ? 1.296 1.373 -0.077 0.011 N 
4 1 NE2 A HIS 233 ? ? CD2 A HIS 233 ? ? 1.307 1.373 -0.066 0.011 N 
# 
loop_
_pdbx_validate_rmsd_angle.id 
_pdbx_validate_rmsd_angle.PDB_model_num 
_pdbx_validate_rmsd_angle.auth_atom_id_1 
_pdbx_validate_rmsd_angle.auth_asym_id_1 
_pdbx_validate_rmsd_angle.auth_comp_id_1 
_pdbx_validate_rmsd_angle.auth_seq_id_1 
_pdbx_validate_rmsd_angle.PDB_ins_code_1 
_pdbx_validate_rmsd_angle.label_alt_id_1 
_pdbx_validate_rmsd_angle.auth_atom_id_2 
_pdbx_validate_rmsd_angle.auth_asym_id_2 
_pdbx_validate_rmsd_angle.auth_comp_id_2 
_pdbx_validate_rmsd_angle.auth_seq_id_2 
_pdbx_validate_rmsd_angle.PDB_ins_code_2 
_pdbx_validate_rmsd_angle.label_alt_id_2 
_pdbx_validate_rmsd_angle.auth_atom_id_3 
_pdbx_validate_rmsd_angle.auth_asym_id_3 
_pdbx_validate_rmsd_angle.auth_comp_id_3 
_pdbx_validate_rmsd_angle.auth_seq_id_3 
_pdbx_validate_rmsd_angle.PDB_ins_code_3 
_pdbx_validate_rmsd_angle.label_alt_id_3 
_pdbx_validate_rmsd_angle.angle_value 
_pdbx_validate_rmsd_angle.angle_target_value 
_pdbx_validate_rmsd_angle.angle_deviation 
_pdbx_validate_rmsd_angle.angle_standard_deviation 
_pdbx_validate_rmsd_angle.linker_flag 
1  1 NE  A ARG 108 ? ? CZ  A ARG 108 ? ? NH2 A ARG 108 ? ? 114.72 120.30 -5.58 0.50 N 
2  1 CD1 A TRP 118 ? ? CG  A TRP 118 ? ? CD2 A TRP 118 ? ? 111.63 106.30 5.33  0.80 N 
3  1 CE2 A TRP 118 ? ? CD2 A TRP 118 ? ? CG  A TRP 118 ? ? 101.59 107.30 -5.71 0.80 N 
4  1 CG  A TRP 118 ? ? CD2 A TRP 118 ? ? CE3 A TRP 118 ? ? 139.84 133.90 5.94  0.90 N 
5  1 CD1 A TRP 129 ? ? CG  A TRP 129 ? ? CD2 A TRP 129 ? ? 112.66 106.30 6.36  0.80 N 
6  1 CB  A TRP 129 ? ? CG  A TRP 129 ? ? CD1 A TRP 129 ? ? 118.71 127.00 -8.29 1.30 N 
7  1 CE2 A TRP 129 ? ? CD2 A TRP 129 ? ? CG  A TRP 129 ? ? 101.47 107.30 -5.83 0.80 N 
8  1 CG  A TRP 129 ? ? CD2 A TRP 129 ? ? CE3 A TRP 129 ? ? 139.57 133.90 5.67  0.90 N 
9  1 CD1 A TRP 146 ? ? CG  A TRP 146 ? ? CD2 A TRP 146 ? ? 112.62 106.30 6.32  0.80 N 
10 1 CB  A TRP 146 ? ? CG  A TRP 146 ? ? CD1 A TRP 146 ? ? 117.81 127.00 -9.19 1.30 N 
11 1 CE2 A TRP 146 ? ? CD2 A TRP 146 ? ? CG  A TRP 146 ? ? 101.42 107.30 -5.88 0.80 N 
12 1 CG  A TRP 146 ? ? CD2 A TRP 146 ? ? CE3 A TRP 146 ? ? 139.78 133.90 5.88  0.90 N 
13 1 CA  A HIS 148 ? ? C   A HIS 148 ? ? N   A GLY 149 ? ? 129.37 116.20 13.17 2.00 Y 
14 1 NE  A ARG 153 ? ? CZ  A ARG 153 ? ? NH2 A ARG 153 ? ? 116.79 120.30 -3.51 0.50 N 
15 1 CA  A LEU 169 ? ? CB  A LEU 169 ? ? CG  A LEU 169 ? ? 137.55 115.30 22.25 2.30 N 
16 1 NE  A ARG 180 ? ? CZ  A ARG 180 ? ? NH2 A ARG 180 ? ? 116.60 120.30 -3.70 0.50 N 
17 1 NE  A ARG 185 ? ? CZ  A ARG 185 ? ? NH2 A ARG 185 ? ? 114.37 120.30 -5.93 0.50 N 
18 1 CB  A TYR 193 ? ? CG  A TYR 193 ? ? CD1 A TYR 193 ? ? 117.13 121.00 -3.87 0.60 N 
19 1 NE  A ARG 210 ? ? CZ  A ARG 210 ? ? NH1 A ARG 210 ? ? 124.15 120.30 3.85  0.50 N 
20 1 NE  A ARG 210 ? ? CZ  A ARG 210 ? ? NH2 A ARG 210 ? ? 116.58 120.30 -3.72 0.50 N 
21 1 CG1 A VAL 218 ? ? CB  A VAL 218 ? ? CG2 A VAL 218 ? ? 120.86 110.90 9.96  1.60 N 
# 
loop_
_pdbx_validate_torsion.id 
_pdbx_validate_torsion.PDB_model_num 
_pdbx_validate_torsion.auth_comp_id 
_pdbx_validate_torsion.auth_asym_id 
_pdbx_validate_torsion.auth_seq_id 
_pdbx_validate_torsion.PDB_ins_code 
_pdbx_validate_torsion.label_alt_id 
_pdbx_validate_torsion.phi 
_pdbx_validate_torsion.psi 
1 1 ASN A 97  ? ? 69.12   -27.87 
2 1 LEU A 169 ? ? -170.80 148.29 
3 1 SER A 175 ? ? -76.85  -75.00 
4 1 PRO A 177 ? ? -58.15  -7.30  
5 1 VAL A 205 ? ? -122.41 -51.19 
# 
loop_
_chem_comp_atom.comp_id 
_chem_comp_atom.atom_id 
_chem_comp_atom.type_symbol 
_chem_comp_atom.pdbx_aromatic_flag 
_chem_comp_atom.pdbx_stereo_config 
_chem_comp_atom.pdbx_ordinal 
ALA N    N N N 1   
ALA CA   C N S 2   
ALA C    C N N 3   
ALA O    O N N 4   
ALA CB   C N N 5   
ALA OXT  O N N 6   
ALA H    H N N 7   
ALA H2   H N N 8   
ALA HA   H N N 9   
ALA HB1  H N N 10  
ALA HB2  H N N 11  
ALA HB3  H N N 12  
ALA HXT  H N N 13  
ARG N    N N N 14  
ARG CA   C N S 15  
ARG C    C N N 16  
ARG O    O N N 17  
ARG CB   C N N 18  
ARG CG   C N N 19  
ARG CD   C N N 20  
ARG NE   N N N 21  
ARG CZ   C N N 22  
ARG NH1  N N N 23  
ARG NH2  N N N 24  
ARG OXT  O N N 25  
ARG H    H N N 26  
ARG H2   H N N 27  
ARG HA   H N N 28  
ARG HB2  H N N 29  
ARG HB3  H N N 30  
ARG HG2  H N N 31  
ARG HG3  H N N 32  
ARG HD2  H N N 33  
ARG HD3  H N N 34  
ARG HE   H N N 35  
ARG HH11 H N N 36  
ARG HH12 H N N 37  
ARG HH21 H N N 38  
ARG HH22 H N N 39  
ARG HXT  H N N 40  
ASN N    N N N 41  
ASN CA   C N S 42  
ASN C    C N N 43  
ASN O    O N N 44  
ASN CB   C N N 45  
ASN CG   C N N 46  
ASN OD1  O N N 47  
ASN ND2  N N N 48  
ASN OXT  O N N 49  
ASN H    H N N 50  
ASN H2   H N N 51  
ASN HA   H N N 52  
ASN HB2  H N N 53  
ASN HB3  H N N 54  
ASN HD21 H N N 55  
ASN HD22 H N N 56  
ASN HXT  H N N 57  
ASP N    N N N 58  
ASP CA   C N S 59  
ASP C    C N N 60  
ASP O    O N N 61  
ASP CB   C N N 62  
ASP CG   C N N 63  
ASP OD1  O N N 64  
ASP OD2  O N N 65  
ASP OXT  O N N 66  
ASP H    H N N 67  
ASP H2   H N N 68  
ASP HA   H N N 69  
ASP HB2  H N N 70  
ASP HB3  H N N 71  
ASP HD2  H N N 72  
ASP HXT  H N N 73  
CYS N    N N N 74  
CYS CA   C N R 75  
CYS C    C N N 76  
CYS O    O N N 77  
CYS CB   C N N 78  
CYS SG   S N N 79  
CYS OXT  O N N 80  
CYS H    H N N 81  
CYS H2   H N N 82  
CYS HA   H N N 83  
CYS HB2  H N N 84  
CYS HB3  H N N 85  
CYS HG   H N N 86  
CYS HXT  H N N 87  
GLN N    N N N 88  
GLN CA   C N S 89  
GLN C    C N N 90  
GLN O    O N N 91  
GLN CB   C N N 92  
GLN CG   C N N 93  
GLN CD   C N N 94  
GLN OE1  O N N 95  
GLN NE2  N N N 96  
GLN OXT  O N N 97  
GLN H    H N N 98  
GLN H2   H N N 99  
GLN HA   H N N 100 
GLN HB2  H N N 101 
GLN HB3  H N N 102 
GLN HG2  H N N 103 
GLN HG3  H N N 104 
GLN HE21 H N N 105 
GLN HE22 H N N 106 
GLN HXT  H N N 107 
GLU N    N N N 108 
GLU CA   C N S 109 
GLU C    C N N 110 
GLU O    O N N 111 
GLU CB   C N N 112 
GLU CG   C N N 113 
GLU CD   C N N 114 
GLU OE1  O N N 115 
GLU OE2  O N N 116 
GLU OXT  O N N 117 
GLU H    H N N 118 
GLU H2   H N N 119 
GLU HA   H N N 120 
GLU HB2  H N N 121 
GLU HB3  H N N 122 
GLU HG2  H N N 123 
GLU HG3  H N N 124 
GLU HE2  H N N 125 
GLU HXT  H N N 126 
GLY N    N N N 127 
GLY CA   C N N 128 
GLY C    C N N 129 
GLY O    O N N 130 
GLY OXT  O N N 131 
GLY H    H N N 132 
GLY H2   H N N 133 
GLY HA2  H N N 134 
GLY HA3  H N N 135 
GLY HXT  H N N 136 
HIS N    N N N 137 
HIS CA   C N S 138 
HIS C    C N N 139 
HIS O    O N N 140 
HIS CB   C N N 141 
HIS CG   C Y N 142 
HIS ND1  N Y N 143 
HIS CD2  C Y N 144 
HIS CE1  C Y N 145 
HIS NE2  N Y N 146 
HIS OXT  O N N 147 
HIS H    H N N 148 
HIS H2   H N N 149 
HIS HA   H N N 150 
HIS HB2  H N N 151 
HIS HB3  H N N 152 
HIS HD1  H N N 153 
HIS HD2  H N N 154 
HIS HE1  H N N 155 
HIS HE2  H N N 156 
HIS HXT  H N N 157 
HOH O    O N N 158 
HOH H1   H N N 159 
HOH H2   H N N 160 
ILE N    N N N 161 
ILE CA   C N S 162 
ILE C    C N N 163 
ILE O    O N N 164 
ILE CB   C N S 165 
ILE CG1  C N N 166 
ILE CG2  C N N 167 
ILE CD1  C N N 168 
ILE OXT  O N N 169 
ILE H    H N N 170 
ILE H2   H N N 171 
ILE HA   H N N 172 
ILE HB   H N N 173 
ILE HG12 H N N 174 
ILE HG13 H N N 175 
ILE HG21 H N N 176 
ILE HG22 H N N 177 
ILE HG23 H N N 178 
ILE HD11 H N N 179 
ILE HD12 H N N 180 
ILE HD13 H N N 181 
ILE HXT  H N N 182 
LEU N    N N N 183 
LEU CA   C N S 184 
LEU C    C N N 185 
LEU O    O N N 186 
LEU CB   C N N 187 
LEU CG   C N N 188 
LEU CD1  C N N 189 
LEU CD2  C N N 190 
LEU OXT  O N N 191 
LEU H    H N N 192 
LEU H2   H N N 193 
LEU HA   H N N 194 
LEU HB2  H N N 195 
LEU HB3  H N N 196 
LEU HG   H N N 197 
LEU HD11 H N N 198 
LEU HD12 H N N 199 
LEU HD13 H N N 200 
LEU HD21 H N N 201 
LEU HD22 H N N 202 
LEU HD23 H N N 203 
LEU HXT  H N N 204 
LYS N    N N N 205 
LYS CA   C N S 206 
LYS C    C N N 207 
LYS O    O N N 208 
LYS CB   C N N 209 
LYS CG   C N N 210 
LYS CD   C N N 211 
LYS CE   C N N 212 
LYS NZ   N N N 213 
LYS OXT  O N N 214 
LYS H    H N N 215 
LYS H2   H N N 216 
LYS HA   H N N 217 
LYS HB2  H N N 218 
LYS HB3  H N N 219 
LYS HG2  H N N 220 
LYS HG3  H N N 221 
LYS HD2  H N N 222 
LYS HD3  H N N 223 
LYS HE2  H N N 224 
LYS HE3  H N N 225 
LYS HZ1  H N N 226 
LYS HZ2  H N N 227 
LYS HZ3  H N N 228 
LYS HXT  H N N 229 
MET N    N N N 230 
MET CA   C N S 231 
MET C    C N N 232 
MET O    O N N 233 
MET CB   C N N 234 
MET CG   C N N 235 
MET SD   S N N 236 
MET CE   C N N 237 
MET OXT  O N N 238 
MET H    H N N 239 
MET H2   H N N 240 
MET HA   H N N 241 
MET HB2  H N N 242 
MET HB3  H N N 243 
MET HG2  H N N 244 
MET HG3  H N N 245 
MET HE1  H N N 246 
MET HE2  H N N 247 
MET HE3  H N N 248 
MET HXT  H N N 249 
PHE N    N N N 250 
PHE CA   C N S 251 
PHE C    C N N 252 
PHE O    O N N 253 
PHE CB   C N N 254 
PHE CG   C Y N 255 
PHE CD1  C Y N 256 
PHE CD2  C Y N 257 
PHE CE1  C Y N 258 
PHE CE2  C Y N 259 
PHE CZ   C Y N 260 
PHE OXT  O N N 261 
PHE H    H N N 262 
PHE H2   H N N 263 
PHE HA   H N N 264 
PHE HB2  H N N 265 
PHE HB3  H N N 266 
PHE HD1  H N N 267 
PHE HD2  H N N 268 
PHE HE1  H N N 269 
PHE HE2  H N N 270 
PHE HZ   H N N 271 
PHE HXT  H N N 272 
PRO N    N N N 273 
PRO CA   C N S 274 
PRO C    C N N 275 
PRO O    O N N 276 
PRO CB   C N N 277 
PRO CG   C N N 278 
PRO CD   C N N 279 
PRO OXT  O N N 280 
PRO H    H N N 281 
PRO HA   H N N 282 
PRO HB2  H N N 283 
PRO HB3  H N N 284 
PRO HG2  H N N 285 
PRO HG3  H N N 286 
PRO HD2  H N N 287 
PRO HD3  H N N 288 
PRO HXT  H N N 289 
SER N    N N N 290 
SER CA   C N S 291 
SER C    C N N 292 
SER O    O N N 293 
SER CB   C N N 294 
SER OG   O N N 295 
SER OXT  O N N 296 
SER H    H N N 297 
SER H2   H N N 298 
SER HA   H N N 299 
SER HB2  H N N 300 
SER HB3  H N N 301 
SER HG   H N N 302 
SER HXT  H N N 303 
THR N    N N N 304 
THR CA   C N S 305 
THR C    C N N 306 
THR O    O N N 307 
THR CB   C N R 308 
THR OG1  O N N 309 
THR CG2  C N N 310 
THR OXT  O N N 311 
THR H    H N N 312 
THR H2   H N N 313 
THR HA   H N N 314 
THR HB   H N N 315 
THR HG1  H N N 316 
THR HG21 H N N 317 
THR HG22 H N N 318 
THR HG23 H N N 319 
THR HXT  H N N 320 
TRP N    N N N 321 
TRP CA   C N S 322 
TRP C    C N N 323 
TRP O    O N N 324 
TRP CB   C N N 325 
TRP CG   C Y N 326 
TRP CD1  C Y N 327 
TRP CD2  C Y N 328 
TRP NE1  N Y N 329 
TRP CE2  C Y N 330 
TRP CE3  C Y N 331 
TRP CZ2  C Y N 332 
TRP CZ3  C Y N 333 
TRP CH2  C Y N 334 
TRP OXT  O N N 335 
TRP H    H N N 336 
TRP H2   H N N 337 
TRP HA   H N N 338 
TRP HB2  H N N 339 
TRP HB3  H N N 340 
TRP HD1  H N N 341 
TRP HE1  H N N 342 
TRP HE3  H N N 343 
TRP HZ2  H N N 344 
TRP HZ3  H N N 345 
TRP HH2  H N N 346 
TRP HXT  H N N 347 
TYR N    N N N 348 
TYR CA   C N S 349 
TYR C    C N N 350 
TYR O    O N N 351 
TYR CB   C N N 352 
TYR CG   C Y N 353 
TYR CD1  C Y N 354 
TYR CD2  C Y N 355 
TYR CE1  C Y N 356 
TYR CE2  C Y N 357 
TYR CZ   C Y N 358 
TYR OH   O N N 359 
TYR OXT  O N N 360 
TYR H    H N N 361 
TYR H2   H N N 362 
TYR HA   H N N 363 
TYR HB2  H N N 364 
TYR HB3  H N N 365 
TYR HD1  H N N 366 
TYR HD2  H N N 367 
TYR HE1  H N N 368 
TYR HE2  H N N 369 
TYR HH   H N N 370 
TYR HXT  H N N 371 
VAL N    N N N 372 
VAL CA   C N S 373 
VAL C    C N N 374 
VAL O    O N N 375 
VAL CB   C N N 376 
VAL CG1  C N N 377 
VAL CG2  C N N 378 
VAL OXT  O N N 379 
VAL H    H N N 380 
VAL H2   H N N 381 
VAL HA   H N N 382 
VAL HB   H N N 383 
VAL HG11 H N N 384 
VAL HG12 H N N 385 
VAL HG13 H N N 386 
VAL HG21 H N N 387 
VAL HG22 H N N 388 
VAL HG23 H N N 389 
VAL HXT  H N N 390 
# 
loop_
_chem_comp_bond.comp_id 
_chem_comp_bond.atom_id_1 
_chem_comp_bond.atom_id_2 
_chem_comp_bond.value_order 
_chem_comp_bond.pdbx_aromatic_flag 
_chem_comp_bond.pdbx_stereo_config 
_chem_comp_bond.pdbx_ordinal 
ALA N   CA   sing N N 1   
ALA N   H    sing N N 2   
ALA N   H2   sing N N 3   
ALA CA  C    sing N N 4   
ALA CA  CB   sing N N 5   
ALA CA  HA   sing N N 6   
ALA C   O    doub N N 7   
ALA C   OXT  sing N N 8   
ALA CB  HB1  sing N N 9   
ALA CB  HB2  sing N N 10  
ALA CB  HB3  sing N N 11  
ALA OXT HXT  sing N N 12  
ARG N   CA   sing N N 13  
ARG N   H    sing N N 14  
ARG N   H2   sing N N 15  
ARG CA  C    sing N N 16  
ARG CA  CB   sing N N 17  
ARG CA  HA   sing N N 18  
ARG C   O    doub N N 19  
ARG C   OXT  sing N N 20  
ARG CB  CG   sing N N 21  
ARG CB  HB2  sing N N 22  
ARG CB  HB3  sing N N 23  
ARG CG  CD   sing N N 24  
ARG CG  HG2  sing N N 25  
ARG CG  HG3  sing N N 26  
ARG CD  NE   sing N N 27  
ARG CD  HD2  sing N N 28  
ARG CD  HD3  sing N N 29  
ARG NE  CZ   sing N N 30  
ARG NE  HE   sing N N 31  
ARG CZ  NH1  sing N N 32  
ARG CZ  NH2  doub N N 33  
ARG NH1 HH11 sing N N 34  
ARG NH1 HH12 sing N N 35  
ARG NH2 HH21 sing N N 36  
ARG NH2 HH22 sing N N 37  
ARG OXT HXT  sing N N 38  
ASN N   CA   sing N N 39  
ASN N   H    sing N N 40  
ASN N   H2   sing N N 41  
ASN CA  C    sing N N 42  
ASN CA  CB   sing N N 43  
ASN CA  HA   sing N N 44  
ASN C   O    doub N N 45  
ASN C   OXT  sing N N 46  
ASN CB  CG   sing N N 47  
ASN CB  HB2  sing N N 48  
ASN CB  HB3  sing N N 49  
ASN CG  OD1  doub N N 50  
ASN CG  ND2  sing N N 51  
ASN ND2 HD21 sing N N 52  
ASN ND2 HD22 sing N N 53  
ASN OXT HXT  sing N N 54  
ASP N   CA   sing N N 55  
ASP N   H    sing N N 56  
ASP N   H2   sing N N 57  
ASP CA  C    sing N N 58  
ASP CA  CB   sing N N 59  
ASP CA  HA   sing N N 60  
ASP C   O    doub N N 61  
ASP C   OXT  sing N N 62  
ASP CB  CG   sing N N 63  
ASP CB  HB2  sing N N 64  
ASP CB  HB3  sing N N 65  
ASP CG  OD1  doub N N 66  
ASP CG  OD2  sing N N 67  
ASP OD2 HD2  sing N N 68  
ASP OXT HXT  sing N N 69  
CYS N   CA   sing N N 70  
CYS N   H    sing N N 71  
CYS N   H2   sing N N 72  
CYS CA  C    sing N N 73  
CYS CA  CB   sing N N 74  
CYS CA  HA   sing N N 75  
CYS C   O    doub N N 76  
CYS C   OXT  sing N N 77  
CYS CB  SG   sing N N 78  
CYS CB  HB2  sing N N 79  
CYS CB  HB3  sing N N 80  
CYS SG  HG   sing N N 81  
CYS OXT HXT  sing N N 82  
GLN N   CA   sing N N 83  
GLN N   H    sing N N 84  
GLN N   H2   sing N N 85  
GLN CA  C    sing N N 86  
GLN CA  CB   sing N N 87  
GLN CA  HA   sing N N 88  
GLN C   O    doub N N 89  
GLN C   OXT  sing N N 90  
GLN CB  CG   sing N N 91  
GLN CB  HB2  sing N N 92  
GLN CB  HB3  sing N N 93  
GLN CG  CD   sing N N 94  
GLN CG  HG2  sing N N 95  
GLN CG  HG3  sing N N 96  
GLN CD  OE1  doub N N 97  
GLN CD  NE2  sing N N 98  
GLN NE2 HE21 sing N N 99  
GLN NE2 HE22 sing N N 100 
GLN OXT HXT  sing N N 101 
GLU N   CA   sing N N 102 
GLU N   H    sing N N 103 
GLU N   H2   sing N N 104 
GLU CA  C    sing N N 105 
GLU CA  CB   sing N N 106 
GLU CA  HA   sing N N 107 
GLU C   O    doub N N 108 
GLU C   OXT  sing N N 109 
GLU CB  CG   sing N N 110 
GLU CB  HB2  sing N N 111 
GLU CB  HB3  sing N N 112 
GLU CG  CD   sing N N 113 
GLU CG  HG2  sing N N 114 
GLU CG  HG3  sing N N 115 
GLU CD  OE1  doub N N 116 
GLU CD  OE2  sing N N 117 
GLU OE2 HE2  sing N N 118 
GLU OXT HXT  sing N N 119 
GLY N   CA   sing N N 120 
GLY N   H    sing N N 121 
GLY N   H2   sing N N 122 
GLY CA  C    sing N N 123 
GLY CA  HA2  sing N N 124 
GLY CA  HA3  sing N N 125 
GLY C   O    doub N N 126 
GLY C   OXT  sing N N 127 
GLY OXT HXT  sing N N 128 
HIS N   CA   sing N N 129 
HIS N   H    sing N N 130 
HIS N   H2   sing N N 131 
HIS CA  C    sing N N 132 
HIS CA  CB   sing N N 133 
HIS CA  HA   sing N N 134 
HIS C   O    doub N N 135 
HIS C   OXT  sing N N 136 
HIS CB  CG   sing N N 137 
HIS CB  HB2  sing N N 138 
HIS CB  HB3  sing N N 139 
HIS CG  ND1  sing Y N 140 
HIS CG  CD2  doub Y N 141 
HIS ND1 CE1  doub Y N 142 
HIS ND1 HD1  sing N N 143 
HIS CD2 NE2  sing Y N 144 
HIS CD2 HD2  sing N N 145 
HIS CE1 NE2  sing Y N 146 
HIS CE1 HE1  sing N N 147 
HIS NE2 HE2  sing N N 148 
HIS OXT HXT  sing N N 149 
HOH O   H1   sing N N 150 
HOH O   H2   sing N N 151 
ILE N   CA   sing N N 152 
ILE N   H    sing N N 153 
ILE N   H2   sing N N 154 
ILE CA  C    sing N N 155 
ILE CA  CB   sing N N 156 
ILE CA  HA   sing N N 157 
ILE C   O    doub N N 158 
ILE C   OXT  sing N N 159 
ILE CB  CG1  sing N N 160 
ILE CB  CG2  sing N N 161 
ILE CB  HB   sing N N 162 
ILE CG1 CD1  sing N N 163 
ILE CG1 HG12 sing N N 164 
ILE CG1 HG13 sing N N 165 
ILE CG2 HG21 sing N N 166 
ILE CG2 HG22 sing N N 167 
ILE CG2 HG23 sing N N 168 
ILE CD1 HD11 sing N N 169 
ILE CD1 HD12 sing N N 170 
ILE CD1 HD13 sing N N 171 
ILE OXT HXT  sing N N 172 
LEU N   CA   sing N N 173 
LEU N   H    sing N N 174 
LEU N   H2   sing N N 175 
LEU CA  C    sing N N 176 
LEU CA  CB   sing N N 177 
LEU CA  HA   sing N N 178 
LEU C   O    doub N N 179 
LEU C   OXT  sing N N 180 
LEU CB  CG   sing N N 181 
LEU CB  HB2  sing N N 182 
LEU CB  HB3  sing N N 183 
LEU CG  CD1  sing N N 184 
LEU CG  CD2  sing N N 185 
LEU CG  HG   sing N N 186 
LEU CD1 HD11 sing N N 187 
LEU CD1 HD12 sing N N 188 
LEU CD1 HD13 sing N N 189 
LEU CD2 HD21 sing N N 190 
LEU CD2 HD22 sing N N 191 
LEU CD2 HD23 sing N N 192 
LEU OXT HXT  sing N N 193 
LYS N   CA   sing N N 194 
LYS N   H    sing N N 195 
LYS N   H2   sing N N 196 
LYS CA  C    sing N N 197 
LYS CA  CB   sing N N 198 
LYS CA  HA   sing N N 199 
LYS C   O    doub N N 200 
LYS C   OXT  sing N N 201 
LYS CB  CG   sing N N 202 
LYS CB  HB2  sing N N 203 
LYS CB  HB3  sing N N 204 
LYS CG  CD   sing N N 205 
LYS CG  HG2  sing N N 206 
LYS CG  HG3  sing N N 207 
LYS CD  CE   sing N N 208 
LYS CD  HD2  sing N N 209 
LYS CD  HD3  sing N N 210 
LYS CE  NZ   sing N N 211 
LYS CE  HE2  sing N N 212 
LYS CE  HE3  sing N N 213 
LYS NZ  HZ1  sing N N 214 
LYS NZ  HZ2  sing N N 215 
LYS NZ  HZ3  sing N N 216 
LYS OXT HXT  sing N N 217 
MET N   CA   sing N N 218 
MET N   H    sing N N 219 
MET N   H2   sing N N 220 
MET CA  C    sing N N 221 
MET CA  CB   sing N N 222 
MET CA  HA   sing N N 223 
MET C   O    doub N N 224 
MET C   OXT  sing N N 225 
MET CB  CG   sing N N 226 
MET CB  HB2  sing N N 227 
MET CB  HB3  sing N N 228 
MET CG  SD   sing N N 229 
MET CG  HG2  sing N N 230 
MET CG  HG3  sing N N 231 
MET SD  CE   sing N N 232 
MET CE  HE1  sing N N 233 
MET CE  HE2  sing N N 234 
MET CE  HE3  sing N N 235 
MET OXT HXT  sing N N 236 
PHE N   CA   sing N N 237 
PHE N   H    sing N N 238 
PHE N   H2   sing N N 239 
PHE CA  C    sing N N 240 
PHE CA  CB   sing N N 241 
PHE CA  HA   sing N N 242 
PHE C   O    doub N N 243 
PHE C   OXT  sing N N 244 
PHE CB  CG   sing N N 245 
PHE CB  HB2  sing N N 246 
PHE CB  HB3  sing N N 247 
PHE CG  CD1  doub Y N 248 
PHE CG  CD2  sing Y N 249 
PHE CD1 CE1  sing Y N 250 
PHE CD1 HD1  sing N N 251 
PHE CD2 CE2  doub Y N 252 
PHE CD2 HD2  sing N N 253 
PHE CE1 CZ   doub Y N 254 
PHE CE1 HE1  sing N N 255 
PHE CE2 CZ   sing Y N 256 
PHE CE2 HE2  sing N N 257 
PHE CZ  HZ   sing N N 258 
PHE OXT HXT  sing N N 259 
PRO N   CA   sing N N 260 
PRO N   CD   sing N N 261 
PRO N   H    sing N N 262 
PRO CA  C    sing N N 263 
PRO CA  CB   sing N N 264 
PRO CA  HA   sing N N 265 
PRO C   O    doub N N 266 
PRO C   OXT  sing N N 267 
PRO CB  CG   sing N N 268 
PRO CB  HB2  sing N N 269 
PRO CB  HB3  sing N N 270 
PRO CG  CD   sing N N 271 
PRO CG  HG2  sing N N 272 
PRO CG  HG3  sing N N 273 
PRO CD  HD2  sing N N 274 
PRO CD  HD3  sing N N 275 
PRO OXT HXT  sing N N 276 
SER N   CA   sing N N 277 
SER N   H    sing N N 278 
SER N   H2   sing N N 279 
SER CA  C    sing N N 280 
SER CA  CB   sing N N 281 
SER CA  HA   sing N N 282 
SER C   O    doub N N 283 
SER C   OXT  sing N N 284 
SER CB  OG   sing N N 285 
SER CB  HB2  sing N N 286 
SER CB  HB3  sing N N 287 
SER OG  HG   sing N N 288 
SER OXT HXT  sing N N 289 
THR N   CA   sing N N 290 
THR N   H    sing N N 291 
THR N   H2   sing N N 292 
THR CA  C    sing N N 293 
THR CA  CB   sing N N 294 
THR CA  HA   sing N N 295 
THR C   O    doub N N 296 
THR C   OXT  sing N N 297 
THR CB  OG1  sing N N 298 
THR CB  CG2  sing N N 299 
THR CB  HB   sing N N 300 
THR OG1 HG1  sing N N 301 
THR CG2 HG21 sing N N 302 
THR CG2 HG22 sing N N 303 
THR CG2 HG23 sing N N 304 
THR OXT HXT  sing N N 305 
TRP N   CA   sing N N 306 
TRP N   H    sing N N 307 
TRP N   H2   sing N N 308 
TRP CA  C    sing N N 309 
TRP CA  CB   sing N N 310 
TRP CA  HA   sing N N 311 
TRP C   O    doub N N 312 
TRP C   OXT  sing N N 313 
TRP CB  CG   sing N N 314 
TRP CB  HB2  sing N N 315 
TRP CB  HB3  sing N N 316 
TRP CG  CD1  doub Y N 317 
TRP CG  CD2  sing Y N 318 
TRP CD1 NE1  sing Y N 319 
TRP CD1 HD1  sing N N 320 
TRP CD2 CE2  doub Y N 321 
TRP CD2 CE3  sing Y N 322 
TRP NE1 CE2  sing Y N 323 
TRP NE1 HE1  sing N N 324 
TRP CE2 CZ2  sing Y N 325 
TRP CE3 CZ3  doub Y N 326 
TRP CE3 HE3  sing N N 327 
TRP CZ2 CH2  doub Y N 328 
TRP CZ2 HZ2  sing N N 329 
TRP CZ3 CH2  sing Y N 330 
TRP CZ3 HZ3  sing N N 331 
TRP CH2 HH2  sing N N 332 
TRP OXT HXT  sing N N 333 
TYR N   CA   sing N N 334 
TYR N   H    sing N N 335 
TYR N   H2   sing N N 336 
TYR CA  C    sing N N 337 
TYR CA  CB   sing N N 338 
TYR CA  HA   sing N N 339 
TYR C   O    doub N N 340 
TYR C   OXT  sing N N 341 
TYR CB  CG   sing N N 342 
TYR CB  HB2  sing N N 343 
TYR CB  HB3  sing N N 344 
TYR CG  CD1  doub Y N 345 
TYR CG  CD2  sing Y N 346 
TYR CD1 CE1  sing Y N 347 
TYR CD1 HD1  sing N N 348 
TYR CD2 CE2  doub Y N 349 
TYR CD2 HD2  sing N N 350 
TYR CE1 CZ   doub Y N 351 
TYR CE1 HE1  sing N N 352 
TYR CE2 CZ   sing Y N 353 
TYR CE2 HE2  sing N N 354 
TYR CZ  OH   sing N N 355 
TYR OH  HH   sing N N 356 
TYR OXT HXT  sing N N 357 
VAL N   CA   sing N N 358 
VAL N   H    sing N N 359 
VAL N   H2   sing N N 360 
VAL CA  C    sing N N 361 
VAL CA  CB   sing N N 362 
VAL CA  HA   sing N N 363 
VAL C   O    doub N N 364 
VAL C   OXT  sing N N 365 
VAL CB  CG1  sing N N 366 
VAL CB  CG2  sing N N 367 
VAL CB  HB   sing N N 368 
VAL CG1 HG11 sing N N 369 
VAL CG1 HG12 sing N N 370 
VAL CG1 HG13 sing N N 371 
VAL CG2 HG21 sing N N 372 
VAL CG2 HG22 sing N N 373 
VAL CG2 HG23 sing N N 374 
VAL OXT HXT  sing N N 375 
# 
_pdbx_initial_refinement_model.accession_code   ? 
_pdbx_initial_refinement_model.id               1 
_pdbx_initial_refinement_model.entity_id_list   ? 
_pdbx_initial_refinement_model.type             'experimental model' 
_pdbx_initial_refinement_model.source_name      Other 
_pdbx_initial_refinement_model.details          
'Src SH2: Waksman et al (1992) Nature, 358, 646-653.  ABL SH3: Musacchio et al (1992) Nature, 359, 851-855.' 
# 
_atom_sites.entry_id                    2ABL 
_atom_sites.fract_transf_matrix[1][1]   0.01264899 
_atom_sites.fract_transf_matrix[1][2]   0.00025928 
_atom_sites.fract_transf_matrix[1][3]   0.00860657 
_atom_sites.fract_transf_matrix[2][1]   -0.00835032 
_atom_sites.fract_transf_matrix[2][2]   -0.01560690 
_atom_sites.fract_transf_matrix[2][3]   0.01274256 
_atom_sites.fract_transf_matrix[3][1]   0.00895064 
_atom_sites.fract_transf_matrix[3][2]   -0.01279687 
_atom_sites.fract_transf_matrix[3][3]   -0.00980798 
_atom_sites.fract_transf_vector[1]      0.141448 
_atom_sites.fract_transf_vector[2]      0.224347 
_atom_sites.fract_transf_vector[3]      0.767263 
# 
loop_
_atom_type.symbol 
C 
N 
O 
S 
# 
loop_
_atom_site.group_PDB 
_atom_site.id 
_atom_site.type_symbol 
_atom_site.label_atom_id 
_atom_site.label_alt_id 
_atom_site.label_comp_id 
_atom_site.label_asym_id 
_atom_site.label_entity_id 
_atom_site.label_seq_id 
_atom_site.pdbx_PDB_ins_code 
_atom_site.Cartn_x 
_atom_site.Cartn_y 
_atom_site.Cartn_z 
_atom_site.occupancy 
_atom_site.B_iso_or_equiv 
_atom_site.pdbx_formal_charge 
_atom_site.auth_seq_id 
_atom_site.auth_comp_id 
_atom_site.auth_asym_id 
_atom_site.auth_atom_id 
_atom_site.pdbx_PDB_model_num 
ATOM   1    N N   . MET A 1 1   ? -20.699 -8.184  5.048   1.00 42.28 ? 75  MET A N   1 
ATOM   2    C CA  . MET A 1 1   ? -21.475 -7.896  3.859   1.00 41.51 ? 75  MET A CA  1 
ATOM   3    C C   . MET A 1 1   ? -20.949 -6.514  3.601   1.00 39.33 ? 75  MET A C   1 
ATOM   4    O O   . MET A 1 1   ? -21.151 -5.574  4.367   1.00 39.46 ? 75  MET A O   1 
ATOM   5    C CB  . MET A 1 1   ? -23.016 -7.837  4.071   1.00 41.08 ? 75  MET A CB  1 
ATOM   6    C CG  . MET A 1 1   ? -23.736 -9.193  4.271   1.00 43.94 ? 75  MET A CG  1 
ATOM   7    S SD  . MET A 1 1   ? -23.331 -10.565 3.143   1.00 45.53 ? 75  MET A SD  1 
ATOM   8    C CE  . MET A 1 1   ? -23.276 -11.878 4.338   1.00 47.08 ? 75  MET A CE  1 
ATOM   9    N N   . GLY A 1 2   ? -20.111 -6.581  2.576   1.00 36.33 ? 76  GLY A N   1 
ATOM   10   C CA  . GLY A 1 2   ? -19.328 -5.458  2.122   1.00 32.78 ? 76  GLY A CA  1 
ATOM   11   C C   . GLY A 1 2   ? -17.986 -5.638  2.779   1.00 29.94 ? 76  GLY A C   1 
ATOM   12   O O   . GLY A 1 2   ? -17.875 -6.584  3.571   1.00 28.64 ? 76  GLY A O   1 
ATOM   13   N N   . PRO A 1 3   ? -16.963 -4.835  2.503   1.00 29.19 ? 77  PRO A N   1 
ATOM   14   C CA  . PRO A 1 3   ? -15.723 -4.809  3.238   1.00 29.24 ? 77  PRO A CA  1 
ATOM   15   C C   . PRO A 1 3   ? -15.932 -4.434  4.701   1.00 29.90 ? 77  PRO A C   1 
ATOM   16   O O   . PRO A 1 3   ? -16.893 -3.759  5.112   1.00 27.18 ? 77  PRO A O   1 
ATOM   17   C CB  . PRO A 1 3   ? -14.858 -3.804  2.498   1.00 26.80 ? 77  PRO A CB  1 
ATOM   18   C CG  . PRO A 1 3   ? -15.455 -3.780  1.138   1.00 27.65 ? 77  PRO A CG  1 
ATOM   19   C CD  . PRO A 1 3   ? -16.923 -3.804  1.500   1.00 27.06 ? 77  PRO A CD  1 
ATOM   20   N N   . SER A 1 4   ? -14.935 -4.892  5.457   1.00 31.54 ? 78  SER A N   1 
ATOM   21   C CA  . SER A 1 4   ? -14.803 -4.532  6.855   1.00 33.67 ? 78  SER A CA  1 
ATOM   22   C C   . SER A 1 4   ? -14.587 -3.029  6.904   1.00 34.27 ? 78  SER A C   1 
ATOM   23   O O   . SER A 1 4   ? -13.860 -2.447  6.089   1.00 33.43 ? 78  SER A O   1 
ATOM   24   C CB  . SER A 1 4   ? -13.599 -5.211  7.471   1.00 33.16 ? 78  SER A CB  1 
ATOM   25   O OG  . SER A 1 4   ? -13.291 -4.676  8.765   1.00 37.49 ? 78  SER A OG  1 
ATOM   26   N N   . GLU A 1 5   ? -15.160 -2.427  7.939   1.00 34.97 ? 79  GLU A N   1 
ATOM   27   C CA  . GLU A 1 5   ? -15.070 -0.987  8.136   1.00 35.60 ? 79  GLU A CA  1 
ATOM   28   C C   . GLU A 1 5   ? -13.666 -0.388  8.124   1.00 32.25 ? 79  GLU A C   1 
ATOM   29   O O   . GLU A 1 5   ? -13.518 0.800   7.844   1.00 32.64 ? 79  GLU A O   1 
ATOM   30   C CB  . GLU A 1 5   ? -15.749 -0.622  9.453   1.00 39.20 ? 79  GLU A CB  1 
ATOM   31   C CG  . GLU A 1 5   ? -15.300 -1.524  10.621  1.00 49.44 ? 79  GLU A CG  1 
ATOM   32   C CD  . GLU A 1 5   ? -15.718 -1.101  12.034  1.00 54.42 ? 79  GLU A CD  1 
ATOM   33   O OE1 . GLU A 1 5   ? -16.825 -0.568  12.224  1.00 54.85 ? 79  GLU A OE1 1 
ATOM   34   O OE2 . GLU A 1 5   ? -14.911 -1.322  12.948  1.00 55.76 ? 79  GLU A OE2 1 
ATOM   35   N N   . ASN A 1 6   ? -12.668 -1.217  8.452   1.00 27.91 ? 80  ASN A N   1 
ATOM   36   C CA  . ASN A 1 6   ? -11.263 -0.826  8.574   1.00 24.69 ? 80  ASN A CA  1 
ATOM   37   C C   . ASN A 1 6   ? -10.364 -1.427  7.504   1.00 21.46 ? 80  ASN A C   1 
ATOM   38   O O   . ASN A 1 6   ? -9.144  -1.558  7.643   1.00 21.53 ? 80  ASN A O   1 
ATOM   39   C CB  . ASN A 1 6   ? -10.740 -1.242  9.952   1.00 27.82 ? 80  ASN A CB  1 
ATOM   40   C CG  . ASN A 1 6   ? -11.214 -0.256  11.031  1.00 35.64 ? 80  ASN A CG  1 
ATOM   41   O OD1 . ASN A 1 6   ? -10.807 0.911   11.057  1.00 38.80 ? 80  ASN A OD1 1 
ATOM   42   N ND2 . ASN A 1 6   ? -12.107 -0.595  11.965  1.00 35.65 ? 80  ASN A ND2 1 
ATOM   43   N N   . ASP A 1 7   ? -10.968 -1.858  6.403   1.00 16.28 ? 81  ASP A N   1 
ATOM   44   C CA  . ASP A 1 7   ? -10.249 -2.492  5.345   1.00 13.19 ? 81  ASP A CA  1 
ATOM   45   C C   . ASP A 1 7   ? -9.426  -1.406  4.659   1.00 9.88  ? 81  ASP A C   1 
ATOM   46   O O   . ASP A 1 7   ? -10.011 -0.444  4.165   1.00 10.72 ? 81  ASP A O   1 
ATOM   47   C CB  . ASP A 1 7   ? -11.279 -3.129  4.406   1.00 13.40 ? 81  ASP A CB  1 
ATOM   48   C CG  . ASP A 1 7   ? -10.744 -3.919  3.213   1.00 16.09 ? 81  ASP A CG  1 
ATOM   49   O OD1 . ASP A 1 7   ? -9.596  -3.797  2.776   1.00 16.87 ? 81  ASP A OD1 1 
ATOM   50   O OD2 . ASP A 1 7   ? -11.527 -4.685  2.680   1.00 22.96 ? 81  ASP A OD2 1 
ATOM   51   N N   . PRO A 1 8   ? -8.109  -1.515  4.473   1.00 6.35  ? 82  PRO A N   1 
ATOM   52   C CA  . PRO A 1 8   ? -7.301  -0.507  3.810   1.00 5.53  ? 82  PRO A CA  1 
ATOM   53   C C   . PRO A 1 8   ? -7.664  -0.245  2.372   1.00 7.75  ? 82  PRO A C   1 
ATOM   54   O O   . PRO A 1 8   ? -7.217  0.737   1.778   1.00 12.06 ? 82  PRO A O   1 
ATOM   55   C CB  . PRO A 1 8   ? -5.923  -0.994  3.934   1.00 3.61  ? 82  PRO A CB  1 
ATOM   56   C CG  . PRO A 1 8   ? -6.023  -2.449  4.214   1.00 4.14  ? 82  PRO A CG  1 
ATOM   57   C CD  . PRO A 1 8   ? -7.256  -2.525  5.056   1.00 5.50  ? 82  PRO A CD  1 
ATOM   58   N N   . ASN A 1 9   ? -8.481  -1.114  1.794   1.00 8.32  ? 83  ASN A N   1 
ATOM   59   C CA  . ASN A 1 9   ? -8.834  -1.016  0.398   1.00 8.55  ? 83  ASN A CA  1 
ATOM   60   C C   . ASN A 1 9   ? -10.219 -0.467  0.215   1.00 7.24  ? 83  ASN A C   1 
ATOM   61   O O   . ASN A 1 9   ? -10.699 -0.376  -0.911  1.00 7.87  ? 83  ASN A O   1 
ATOM   62   C CB  . ASN A 1 9   ? -8.707  -2.381  -0.261  1.00 9.51  ? 83  ASN A CB  1 
ATOM   63   C CG  . ASN A 1 9   ? -7.237  -2.678  -0.500  1.00 14.47 ? 83  ASN A CG  1 
ATOM   64   O OD1 . ASN A 1 9   ? -6.694  -3.592  0.116   1.00 19.90 ? 83  ASN A OD1 1 
ATOM   65   N ND2 . ASN A 1 9   ? -6.497  -1.943  -1.321  1.00 15.07 ? 83  ASN A ND2 1 
ATOM   66   N N   . LEU A 1 10  ? -10.824 -0.053  1.326   1.00 5.74  ? 84  LEU A N   1 
ATOM   67   C CA  . LEU A 1 10  ? -12.117 0.585   1.300   1.00 4.37  ? 84  LEU A CA  1 
ATOM   68   C C   . LEU A 1 10  ? -11.893 2.038   0.885   1.00 4.09  ? 84  LEU A C   1 
ATOM   69   O O   . LEU A 1 10  ? -11.044 2.756   1.435   1.00 2.00  ? 84  LEU A O   1 
ATOM   70   C CB  . LEU A 1 10  ? -12.710 0.505   2.675   1.00 2.00  ? 84  LEU A CB  1 
ATOM   71   C CG  . LEU A 1 10  ? -14.123 0.958   2.752   1.00 3.05  ? 84  LEU A CG  1 
ATOM   72   C CD1 . LEU A 1 10  ? -15.031 0.077   1.881   1.00 2.00  ? 84  LEU A CD1 1 
ATOM   73   C CD2 . LEU A 1 10  ? -14.527 0.905   4.195   1.00 2.00  ? 84  LEU A CD2 1 
ATOM   74   N N   . PHE A 1 11  ? -12.585 2.442   -0.171  1.00 4.18  ? 85  PHE A N   1 
ATOM   75   C CA  . PHE A 1 11  ? -12.528 3.797   -0.689  1.00 4.53  ? 85  PHE A CA  1 
ATOM   76   C C   . PHE A 1 11  ? -13.876 4.488   -0.720  1.00 5.46  ? 85  PHE A C   1 
ATOM   77   O O   . PHE A 1 11  ? -14.886 3.770   -0.725  1.00 7.84  ? 85  PHE A O   1 
ATOM   78   C CB  . PHE A 1 11  ? -12.026 3.837   -2.109  1.00 2.00  ? 85  PHE A CB  1 
ATOM   79   C CG  . PHE A 1 11  ? -10.549 3.756   -2.132  1.00 2.00  ? 85  PHE A CG  1 
ATOM   80   C CD1 . PHE A 1 11  ? -9.902  2.647   -1.620  1.00 3.19  ? 85  PHE A CD1 1 
ATOM   81   C CD2 . PHE A 1 11  ? -9.842  4.826   -2.609  1.00 2.66  ? 85  PHE A CD2 1 
ATOM   82   C CE1 . PHE A 1 11  ? -8.528  2.604   -1.568  1.00 2.00  ? 85  PHE A CE1 1 
ATOM   83   C CE2 . PHE A 1 11  ? -8.457  4.782   -2.558  1.00 2.00  ? 85  PHE A CE2 1 
ATOM   84   C CZ  . PHE A 1 11  ? -7.801  3.686   -2.044  1.00 2.00  ? 85  PHE A CZ  1 
ATOM   85   N N   . VAL A 1 12  ? -13.994 5.834   -0.777  1.00 4.10  ? 86  VAL A N   1 
ATOM   86   C CA  . VAL A 1 12  ? -15.299 6.391   -1.009  1.00 3.96  ? 86  VAL A CA  1 
ATOM   87   C C   . VAL A 1 12  ? -15.230 7.304   -2.236  1.00 4.42  ? 86  VAL A C   1 
ATOM   88   O O   . VAL A 1 12  ? -14.176 7.897   -2.526  1.00 5.13  ? 86  VAL A O   1 
ATOM   89   C CB  . VAL A 1 12  ? -15.714 7.054   0.331   1.00 2.74  ? 86  VAL A CB  1 
ATOM   90   C CG1 . VAL A 1 12  ? -14.969 8.291   0.636   1.00 4.47  ? 86  VAL A CG1 1 
ATOM   91   C CG2 . VAL A 1 12  ? -17.174 7.388   0.240   1.00 2.00  ? 86  VAL A CG2 1 
ATOM   92   N N   . ALA A 1 13  ? -16.298 7.326   -3.038  1.00 2.66  ? 87  ALA A N   1 
ATOM   93   C CA  . ALA A 1 13  ? -16.378 8.164   -4.207  1.00 2.45  ? 87  ALA A CA  1 
ATOM   94   C C   . ALA A 1 13  ? -16.507 9.614   -3.859  1.00 4.30  ? 87  ALA A C   1 
ATOM   95   O O   . ALA A 1 13  ? -17.379 10.044  -3.103  1.00 6.10  ? 87  ALA A O   1 
ATOM   96   C CB  . ALA A 1 13  ? -17.572 7.829   -5.078  1.00 2.00  ? 87  ALA A CB  1 
ATOM   97   N N   . LEU A 1 14  ? -15.602 10.416  -4.377  1.00 5.31  ? 88  LEU A N   1 
ATOM   98   C CA  . LEU A 1 14  ? -15.681 11.843  -4.174  1.00 5.15  ? 88  LEU A CA  1 
ATOM   99   C C   . LEU A 1 14  ? -16.610 12.484  -5.139  1.00 5.09  ? 88  LEU A C   1 
ATOM   100  O O   . LEU A 1 14  ? -17.103 13.563  -4.865  1.00 3.40  ? 88  LEU A O   1 
ATOM   101  C CB  . LEU A 1 14  ? -14.403 12.555  -4.382  1.00 6.53  ? 88  LEU A CB  1 
ATOM   102  C CG  . LEU A 1 14  ? -13.375 12.558  -3.343  1.00 7.15  ? 88  LEU A CG  1 
ATOM   103  C CD1 . LEU A 1 14  ? -12.145 13.169  -3.978  1.00 7.07  ? 88  LEU A CD1 1 
ATOM   104  C CD2 . LEU A 1 14  ? -13.846 13.288  -2.122  1.00 7.83  ? 88  LEU A CD2 1 
ATOM   105  N N   . TYR A 1 15  ? -16.782 11.905  -6.315  1.00 8.98  ? 89  TYR A N   1 
ATOM   106  C CA  . TYR A 1 15  ? -17.660 12.502  -7.302  1.00 6.23  ? 89  TYR A CA  1 
ATOM   107  C C   . TYR A 1 15  ? -18.321 11.364  -8.028  1.00 6.80  ? 89  TYR A C   1 
ATOM   108  O O   . TYR A 1 15  ? -17.871 10.212  -7.969  1.00 7.33  ? 89  TYR A O   1 
ATOM   109  C CB  . TYR A 1 15  ? -16.858 13.322  -8.320  1.00 8.93  ? 89  TYR A CB  1 
ATOM   110  C CG  . TYR A 1 15  ? -15.923 14.407  -7.831  1.00 7.56  ? 89  TYR A CG  1 
ATOM   111  C CD1 . TYR A 1 15  ? -14.617 14.081  -7.531  1.00 11.07 ? 89  TYR A CD1 1 
ATOM   112  C CD2 . TYR A 1 15  ? -16.371 15.724  -7.710  1.00 11.10 ? 89  TYR A CD2 1 
ATOM   113  C CE1 . TYR A 1 15  ? -13.740 15.083  -7.084  1.00 16.61 ? 89  TYR A CE1 1 
ATOM   114  C CE2 . TYR A 1 15  ? -15.494 16.737  -7.266  1.00 12.96 ? 89  TYR A CE2 1 
ATOM   115  C CZ  . TYR A 1 15  ? -14.184 16.407  -6.958  1.00 15.89 ? 89  TYR A CZ  1 
ATOM   116  O OH  . TYR A 1 15  ? -13.313 17.385  -6.527  1.00 22.86 ? 89  TYR A OH  1 
ATOM   117  N N   . ASP A 1 16  ? -19.354 11.717  -8.759  1.00 7.37  ? 90  ASP A N   1 
ATOM   118  C CA  . ASP A 1 16  ? -19.965 10.730  -9.612  1.00 11.99 ? 90  ASP A CA  1 
ATOM   119  C C   . ASP A 1 16  ? -19.170 10.532  -10.887 1.00 14.26 ? 90  ASP A C   1 
ATOM   120  O O   . ASP A 1 16  ? -18.792 11.497  -11.586 1.00 16.02 ? 90  ASP A O   1 
ATOM   121  C CB  . ASP A 1 16  ? -21.332 11.101  -10.097 1.00 14.63 ? 90  ASP A CB  1 
ATOM   122  C CG  . ASP A 1 16  ? -22.355 11.512  -9.080  1.00 17.38 ? 90  ASP A CG  1 
ATOM   123  O OD1 . ASP A 1 16  ? -22.187 11.301  -7.894  1.00 18.36 ? 90  ASP A OD1 1 
ATOM   124  O OD2 . ASP A 1 16  ? -23.364 12.042  -9.505  1.00 24.68 ? 90  ASP A OD2 1 
ATOM   125  N N   . PHE A 1 17  ? -19.011 9.256   -11.223 1.00 12.87 ? 91  PHE A N   1 
ATOM   126  C CA  . PHE A 1 17  ? -18.407 8.906   -12.475 1.00 11.47 ? 91  PHE A CA  1 
ATOM   127  C C   . PHE A 1 17  ? -19.476 8.089   -13.230 1.00 13.46 ? 91  PHE A C   1 
ATOM   128  O O   . PHE A 1 17  ? -20.069 7.153   -12.695 1.00 14.17 ? 91  PHE A O   1 
ATOM   129  C CB  . PHE A 1 17  ? -17.098 8.094   -12.202 1.00 6.86  ? 91  PHE A CB  1 
ATOM   130  C CG  . PHE A 1 17  ? -16.451 7.597   -13.490 1.00 4.77  ? 91  PHE A CG  1 
ATOM   131  C CD1 . PHE A 1 17  ? -16.000 8.502   -14.439 1.00 2.00  ? 91  PHE A CD1 1 
ATOM   132  C CD2 . PHE A 1 17  ? -16.374 6.234   -13.748 1.00 5.32  ? 91  PHE A CD2 1 
ATOM   133  C CE1 . PHE A 1 17  ? -15.485 8.051   -15.637 1.00 3.36  ? 91  PHE A CE1 1 
ATOM   134  C CE2 . PHE A 1 17  ? -15.851 5.783   -14.963 1.00 5.85  ? 91  PHE A CE2 1 
ATOM   135  C CZ  . PHE A 1 17  ? -15.406 6.695   -15.906 1.00 5.39  ? 91  PHE A CZ  1 
ATOM   136  N N   . VAL A 1 18  ? -19.827 8.415   -14.470 1.00 16.45 ? 92  VAL A N   1 
ATOM   137  C CA  . VAL A 1 18  ? -20.729 7.594   -15.257 1.00 17.59 ? 92  VAL A CA  1 
ATOM   138  C C   . VAL A 1 18  ? -19.990 6.859   -16.382 1.00 19.47 ? 92  VAL A C   1 
ATOM   139  O O   . VAL A 1 18  ? -19.317 7.424   -17.271 1.00 18.33 ? 92  VAL A O   1 
ATOM   140  C CB  . VAL A 1 18  ? -21.867 8.490   -15.826 1.00 19.66 ? 92  VAL A CB  1 
ATOM   141  C CG1 . VAL A 1 18  ? -22.857 7.697   -16.704 1.00 17.11 ? 92  VAL A CG1 1 
ATOM   142  C CG2 . VAL A 1 18  ? -22.687 9.023   -14.657 1.00 19.56 ? 92  VAL A CG2 1 
ATOM   143  N N   . ALA A 1 19  ? -20.129 5.546   -16.235 1.00 21.71 ? 93  ALA A N   1 
ATOM   144  C CA  . ALA A 1 19  ? -19.589 4.559   -17.161 1.00 26.99 ? 93  ALA A CA  1 
ATOM   145  C C   . ALA A 1 19  ? -20.024 4.695   -18.593 1.00 27.69 ? 93  ALA A C   1 
ATOM   146  O O   . ALA A 1 19  ? -21.214 4.858   -18.870 1.00 29.02 ? 93  ALA A O   1 
ATOM   147  C CB  . ALA A 1 19  ? -19.982 3.108   -16.860 1.00 29.70 ? 93  ALA A CB  1 
ATOM   148  N N   . SER A 1 20  ? -19.021 4.436   -19.436 1.00 27.97 ? 94  SER A N   1 
ATOM   149  C CA  . SER A 1 20  ? -19.154 4.547   -20.862 1.00 29.44 ? 94  SER A CA  1 
ATOM   150  C C   . SER A 1 20  ? -19.664 3.251   -21.498 1.00 32.72 ? 94  SER A C   1 
ATOM   151  O O   . SER A 1 20  ? -20.533 3.244   -22.380 1.00 35.95 ? 94  SER A O   1 
ATOM   152  C CB  . SER A 1 20  ? -17.792 4.965   -21.398 1.00 25.96 ? 94  SER A CB  1 
ATOM   153  O OG  . SER A 1 20  ? -16.650 4.315   -20.837 1.00 22.63 ? 94  SER A OG  1 
ATOM   154  N N   . GLY A 1 21  ? -19.091 2.140   -21.075 1.00 32.83 ? 95  GLY A N   1 
ATOM   155  C CA  . GLY A 1 21  ? -19.507 0.845   -21.529 1.00 34.71 ? 95  GLY A CA  1 
ATOM   156  C C   . GLY A 1 21  ? -19.169 -0.034  -20.355 1.00 37.68 ? 95  GLY A C   1 
ATOM   157  O O   . GLY A 1 21  ? -19.244 0.384   -19.183 1.00 35.61 ? 95  GLY A O   1 
ATOM   158  N N   . ASP A 1 22  ? -18.783 -1.271  -20.643 1.00 40.51 ? 96  ASP A N   1 
ATOM   159  C CA  . ASP A 1 22  ? -18.311 -2.072  -19.539 1.00 43.08 ? 96  ASP A CA  1 
ATOM   160  C C   . ASP A 1 22  ? -16.816 -1.801  -19.463 1.00 40.46 ? 96  ASP A C   1 
ATOM   161  O O   . ASP A 1 22  ? -16.285 -0.965  -20.198 1.00 42.95 ? 96  ASP A O   1 
ATOM   162  C CB  . ASP A 1 22  ? -18.585 -3.568  -19.752 1.00 49.97 ? 96  ASP A CB  1 
ATOM   163  C CG  . ASP A 1 22  ? -18.631 -4.359  -18.430 1.00 54.81 ? 96  ASP A CG  1 
ATOM   164  O OD1 . ASP A 1 22  ? -18.359 -3.802  -17.349 1.00 55.88 ? 96  ASP A OD1 1 
ATOM   165  O OD2 . ASP A 1 22  ? -18.953 -5.551  -18.488 1.00 57.22 ? 96  ASP A OD2 1 
ATOM   166  N N   . ASN A 1 23  ? -16.094 -2.476  -18.597 1.00 36.43 ? 97  ASN A N   1 
ATOM   167  C CA  . ASN A 1 23  ? -14.724 -2.184  -18.221 1.00 31.32 ? 97  ASN A CA  1 
ATOM   168  C C   . ASN A 1 23  ? -14.680 -0.906  -17.434 1.00 24.75 ? 97  ASN A C   1 
ATOM   169  O O   . ASN A 1 23  ? -13.751 -0.852  -16.651 1.00 22.61 ? 97  ASN A O   1 
ATOM   170  C CB  . ASN A 1 23  ? -13.758 -2.073  -19.388 1.00 36.10 ? 97  ASN A CB  1 
ATOM   171  C CG  . ASN A 1 23  ? -13.374 -3.512  -19.694 1.00 43.31 ? 97  ASN A CG  1 
ATOM   172  O OD1 . ASN A 1 23  ? -12.598 -4.174  -18.981 1.00 47.93 ? 97  ASN A OD1 1 
ATOM   173  N ND2 . ASN A 1 23  ? -13.972 -4.095  -20.726 1.00 44.61 ? 97  ASN A ND2 1 
ATOM   174  N N   . THR A 1 24  ? -15.568 0.104   -17.559 1.00 17.44 ? 98  THR A N   1 
ATOM   175  C CA  . THR A 1 24  ? -15.654 1.221   -16.633 1.00 13.78 ? 98  THR A CA  1 
ATOM   176  C C   . THR A 1 24  ? -16.797 0.952   -15.650 1.00 12.90 ? 98  THR A C   1 
ATOM   177  O O   . THR A 1 24  ? -17.743 0.221   -15.995 1.00 13.33 ? 98  THR A O   1 
ATOM   178  C CB  . THR A 1 24  ? -15.894 2.519   -17.381 1.00 10.02 ? 98  THR A CB  1 
ATOM   179  O OG1 . THR A 1 24  ? -16.653 2.230   -18.534 1.00 14.38 ? 98  THR A OG1 1 
ATOM   180  C CG2 . THR A 1 24  ? -14.595 3.152   -17.790 1.00 11.42 ? 98  THR A CG2 1 
ATOM   181  N N   . LEU A 1 25  ? -16.712 1.445   -14.418 1.00 9.39  ? 99  LEU A N   1 
ATOM   182  C CA  . LEU A 1 25  ? -17.728 1.161   -13.441 1.00 6.00  ? 99  LEU A CA  1 
ATOM   183  C C   . LEU A 1 25  ? -18.369 2.478   -13.061 1.00 8.85  ? 99  LEU A C   1 
ATOM   184  O O   . LEU A 1 25  ? -17.636 3.431   -12.745 1.00 7.42  ? 99  LEU A O   1 
ATOM   185  C CB  . LEU A 1 25  ? -17.051 0.486   -12.266 1.00 6.95  ? 99  LEU A CB  1 
ATOM   186  C CG  . LEU A 1 25  ? -17.876 0.167   -11.031 1.00 6.76  ? 99  LEU A CG  1 
ATOM   187  C CD1 . LEU A 1 25  ? -18.713 -1.026  -11.333 1.00 6.80  ? 99  LEU A CD1 1 
ATOM   188  C CD2 . LEU A 1 25  ? -17.007 -0.054  -9.836  1.00 2.85  ? 99  LEU A CD2 1 
ATOM   189  N N   . SER A 1 26  ? -19.711 2.597   -13.148 1.00 9.09  ? 100 SER A N   1 
ATOM   190  C CA  . SER A 1 26  ? -20.358 3.836   -12.702 1.00 11.86 ? 100 SER A CA  1 
ATOM   191  C C   . SER A 1 26  ? -20.398 3.914   -11.184 1.00 11.67 ? 100 SER A C   1 
ATOM   192  O O   . SER A 1 26  ? -20.755 2.928   -10.545 1.00 14.92 ? 100 SER A O   1 
ATOM   193  C CB  . SER A 1 26  ? -21.786 3.931   -13.181 1.00 11.22 ? 100 SER A CB  1 
ATOM   194  O OG  . SER A 1 26  ? -21.804 3.839   -14.586 1.00 11.79 ? 100 SER A OG  1 
ATOM   195  N N   . ILE A 1 27  ? -20.063 5.034   -10.543 1.00 12.38 ? 101 ILE A N   1 
ATOM   196  C CA  . ILE A 1 27  ? -20.058 5.184   -9.077  1.00 9.51  ? 101 ILE A CA  1 
ATOM   197  C C   . ILE A 1 27  ? -20.681 6.532   -8.716  1.00 9.87  ? 101 ILE A C   1 
ATOM   198  O O   . ILE A 1 27  ? -20.655 7.460   -9.526  1.00 9.94  ? 101 ILE A O   1 
ATOM   199  C CB  . ILE A 1 27  ? -18.595 5.090   -8.505  1.00 8.02  ? 101 ILE A CB  1 
ATOM   200  C CG1 . ILE A 1 27  ? -17.671 6.034   -9.214  1.00 2.65  ? 101 ILE A CG1 1 
ATOM   201  C CG2 . ILE A 1 27  ? -18.093 3.643   -8.624  1.00 7.82  ? 101 ILE A CG2 1 
ATOM   202  C CD1 . ILE A 1 27  ? -16.334 6.212   -8.496  1.00 2.00  ? 101 ILE A CD1 1 
ATOM   203  N N   . THR A 1 28  ? -21.301 6.665   -7.546  1.00 11.81 ? 102 THR A N   1 
ATOM   204  C CA  . THR A 1 28  ? -21.975 7.872   -7.082  1.00 11.40 ? 102 THR A CA  1 
ATOM   205  C C   . THR A 1 28  ? -21.154 8.337   -5.944  1.00 7.96  ? 102 THR A C   1 
ATOM   206  O O   . THR A 1 28  ? -20.574 7.574   -5.196  1.00 10.25 ? 102 THR A O   1 
ATOM   207  C CB  . THR A 1 28  ? -23.381 7.656   -6.462  1.00 15.35 ? 102 THR A CB  1 
ATOM   208  O OG1 . THR A 1 28  ? -24.079 7.073   -7.534  1.00 22.94 ? 102 THR A OG1 1 
ATOM   209  C CG2 . THR A 1 28  ? -24.180 8.893   -5.991  1.00 17.89 ? 102 THR A CG2 1 
ATOM   210  N N   . LYS A 1 29  ? -21.238 9.625   -5.781  1.00 8.18  ? 103 LYS A N   1 
ATOM   211  C CA  . LYS A 1 29  ? -20.696 10.332  -4.648  1.00 7.90  ? 103 LYS A CA  1 
ATOM   212  C C   . LYS A 1 29  ? -21.338 9.700   -3.415  1.00 7.29  ? 103 LYS A C   1 
ATOM   213  O O   . LYS A 1 29  ? -22.528 9.395   -3.355  1.00 4.86  ? 103 LYS A O   1 
ATOM   214  C CB  . LYS A 1 29  ? -21.103 11.758  -4.796  1.00 3.79  ? 103 LYS A CB  1 
ATOM   215  C CG  . LYS A 1 29  ? -20.255 12.604  -3.966  1.00 9.77  ? 103 LYS A CG  1 
ATOM   216  C CD  . LYS A 1 29  ? -20.656 14.035  -4.069  1.00 9.65  ? 103 LYS A CD  1 
ATOM   217  C CE  . LYS A 1 29  ? -20.145 14.742  -2.790  1.00 13.74 ? 103 LYS A CE  1 
ATOM   218  N NZ  . LYS A 1 29  ? -18.757 14.511  -2.412  1.00 18.39 ? 103 LYS A NZ  1 
ATOM   219  N N   . GLY A 1 30  ? -20.453 9.373   -2.510  1.00 6.99  ? 104 GLY A N   1 
ATOM   220  C CA  . GLY A 1 30  ? -20.843 8.835   -1.234  1.00 7.58  ? 104 GLY A CA  1 
ATOM   221  C C   . GLY A 1 30  ? -20.745 7.351   -1.187  1.00 9.63  ? 104 GLY A C   1 
ATOM   222  O O   . GLY A 1 30  ? -20.659 6.810   -0.096  1.00 10.88 ? 104 GLY A O   1 
ATOM   223  N N   . GLU A 1 31  ? -20.805 6.707   -2.356  1.00 12.58 ? 105 GLU A N   1 
ATOM   224  C CA  . GLU A 1 31  ? -20.735 5.257   -2.504  1.00 12.24 ? 105 GLU A CA  1 
ATOM   225  C C   . GLU A 1 31  ? -19.332 4.714   -2.257  1.00 10.94 ? 105 GLU A C   1 
ATOM   226  O O   . GLU A 1 31  ? -18.340 5.282   -2.731  1.00 12.99 ? 105 GLU A O   1 
ATOM   227  C CB  . GLU A 1 31  ? -21.153 4.886   -3.897  1.00 12.80 ? 105 GLU A CB  1 
ATOM   228  C CG  . GLU A 1 31  ? -21.280 3.377   -4.006  1.00 15.86 ? 105 GLU A CG  1 
ATOM   229  C CD  . GLU A 1 31  ? -21.619 2.801   -5.380  1.00 16.21 ? 105 GLU A CD  1 
ATOM   230  O OE1 . GLU A 1 31  ? -21.651 3.538   -6.366  1.00 15.71 ? 105 GLU A OE1 1 
ATOM   231  O OE2 . GLU A 1 31  ? -21.864 1.593   -5.437  1.00 19.78 ? 105 GLU A OE2 1 
ATOM   232  N N   . LYS A 1 32  ? -19.279 3.595   -1.523  1.00 9.98  ? 106 LYS A N   1 
ATOM   233  C CA  . LYS A 1 32  ? -18.063 2.868   -1.158  1.00 9.82  ? 106 LYS A CA  1 
ATOM   234  C C   . LYS A 1 32  ? -17.715 1.826   -2.202  1.00 8.22  ? 106 LYS A C   1 
ATOM   235  O O   . LYS A 1 32  ? -18.588 1.161   -2.783  1.00 7.69  ? 106 LYS A O   1 
ATOM   236  C CB  . LYS A 1 32  ? -18.177 2.106   0.180   1.00 14.17 ? 106 LYS A CB  1 
ATOM   237  C CG  . LYS A 1 32  ? -18.700 2.802   1.433   1.00 13.06 ? 106 LYS A CG  1 
ATOM   238  C CD  . LYS A 1 32  ? -17.865 3.941   1.970   1.00 15.65 ? 106 LYS A CD  1 
ATOM   239  C CE  . LYS A 1 32  ? -18.694 4.601   3.075   1.00 22.18 ? 106 LYS A CE  1 
ATOM   240  N NZ  . LYS A 1 32  ? -19.950 5.168   2.557   1.00 26.26 ? 106 LYS A NZ  1 
ATOM   241  N N   . LEU A 1 33  ? -16.412 1.613   -2.268  1.00 4.24  ? 107 LEU A N   1 
ATOM   242  C CA  . LEU A 1 33  ? -15.783 0.834   -3.292  1.00 7.49  ? 107 LEU A CA  1 
ATOM   243  C C   . LEU A 1 33  ? -14.736 0.045   -2.565  1.00 7.06  ? 107 LEU A C   1 
ATOM   244  O O   . LEU A 1 33  ? -14.207 0.463   -1.531  1.00 6.48  ? 107 LEU A O   1 
ATOM   245  C CB  . LEU A 1 33  ? -14.967 1.655   -4.280  1.00 8.33  ? 107 LEU A CB  1 
ATOM   246  C CG  . LEU A 1 33  ? -15.326 2.944   -4.943  1.00 7.33  ? 107 LEU A CG  1 
ATOM   247  C CD1 . LEU A 1 33  ? -15.266 4.119   -4.034  1.00 9.24  ? 107 LEU A CD1 1 
ATOM   248  C CD2 . LEU A 1 33  ? -14.232 3.236   -5.925  1.00 14.45 ? 107 LEU A CD2 1 
ATOM   249  N N   . ARG A 1 34  ? -14.288 -0.960  -3.268  1.00 5.70  ? 108 ARG A N   1 
ATOM   250  C CA  . ARG A 1 34  ? -13.143 -1.693  -2.798  1.00 6.83  ? 108 ARG A CA  1 
ATOM   251  C C   . ARG A 1 34  ? -12.179 -1.615  -3.978  1.00 7.88  ? 108 ARG A C   1 
ATOM   252  O O   . ARG A 1 34  ? -12.594 -1.926  -5.112  1.00 9.77  ? 108 ARG A O   1 
ATOM   253  C CB  . ARG A 1 34  ? -13.631 -3.066  -2.511  1.00 8.02  ? 108 ARG A CB  1 
ATOM   254  C CG  . ARG A 1 34  ? -12.491 -3.925  -2.223  1.00 9.29  ? 108 ARG A CG  1 
ATOM   255  C CD  . ARG A 1 34  ? -13.033 -5.202  -1.714  1.00 17.57 ? 108 ARG A CD  1 
ATOM   256  N NE  . ARG A 1 34  ? -11.941 -5.776  -0.951  1.00 23.34 ? 108 ARG A NE  1 
ATOM   257  C CZ  . ARG A 1 34  ? -11.398 -6.961  -1.268  1.00 22.96 ? 108 ARG A CZ  1 
ATOM   258  N NH1 . ARG A 1 34  ? -11.845 -7.718  -2.306  1.00 14.22 ? 108 ARG A NH1 1 
ATOM   259  N NH2 . ARG A 1 34  ? -10.334 -7.307  -0.527  1.00 23.54 ? 108 ARG A NH2 1 
ATOM   260  N N   . VAL A 1 35  ? -10.939 -1.148  -3.802  1.00 7.42  ? 109 VAL A N   1 
ATOM   261  C CA  . VAL A 1 35  ? -9.969  -1.026  -4.895  1.00 5.39  ? 109 VAL A CA  1 
ATOM   262  C C   . VAL A 1 35  ? -9.053  -2.202  -4.872  1.00 6.12  ? 109 VAL A C   1 
ATOM   263  O O   . VAL A 1 35  ? -8.464  -2.554  -3.853  1.00 4.62  ? 109 VAL A O   1 
ATOM   264  C CB  . VAL A 1 35  ? -9.112  0.236   -4.769  1.00 6.54  ? 109 VAL A CB  1 
ATOM   265  C CG1 . VAL A 1 35  ? -8.008  0.293   -5.814  1.00 3.45  ? 109 VAL A CG1 1 
ATOM   266  C CG2 . VAL A 1 35  ? -10.076 1.433   -4.894  1.00 7.20  ? 109 VAL A CG2 1 
ATOM   267  N N   . LEU A 1 36  ? -8.955  -2.768  -6.071  1.00 9.62  ? 110 LEU A N   1 
ATOM   268  C CA  . LEU A 1 36  ? -8.165  -3.969  -6.361  1.00 8.71  ? 110 LEU A CA  1 
ATOM   269  C C   . LEU A 1 36  ? -6.815  -3.707  -6.961  1.00 8.81  ? 110 LEU A C   1 
ATOM   270  O O   . LEU A 1 36  ? -5.886  -4.468  -6.734  1.00 13.30 ? 110 LEU A O   1 
ATOM   271  C CB  . LEU A 1 36  ? -8.872  -4.885  -7.336  1.00 4.80  ? 110 LEU A CB  1 
ATOM   272  C CG  . LEU A 1 36  ? -10.312 -5.301  -7.087  1.00 3.75  ? 110 LEU A CG  1 
ATOM   273  C CD1 . LEU A 1 36  ? -10.699 -6.125  -8.260  1.00 5.97  ? 110 LEU A CD1 1 
ATOM   274  C CD2 . LEU A 1 36  ? -10.496 -6.192  -5.876  1.00 3.68  ? 110 LEU A CD2 1 
ATOM   275  N N   . GLY A 1 37  ? -6.638  -2.681  -7.761  1.00 10.34 ? 111 GLY A N   1 
ATOM   276  C CA  . GLY A 1 37  ? -5.362  -2.477  -8.418  1.00 8.10  ? 111 GLY A CA  1 
ATOM   277  C C   . GLY A 1 37  ? -5.482  -1.217  -9.219  1.00 5.35  ? 111 GLY A C   1 
ATOM   278  O O   . GLY A 1 37  ? -6.583  -0.725  -9.376  1.00 6.40  ? 111 GLY A O   1 
ATOM   279  N N   . TYR A 1 38  ? -4.365  -0.698  -9.645  1.00 5.95  ? 112 TYR A N   1 
ATOM   280  C CA  . TYR A 1 38  ? -4.219  0.573   -10.302 1.00 6.05  ? 112 TYR A CA  1 
ATOM   281  C C   . TYR A 1 38  ? -3.735  0.284   -11.683 1.00 5.96  ? 112 TYR A C   1 
ATOM   282  O O   . TYR A 1 38  ? -3.129  -0.768  -11.874 1.00 5.86  ? 112 TYR A O   1 
ATOM   283  C CB  . TYR A 1 38  ? -3.161  1.375   -9.677  1.00 5.93  ? 112 TYR A CB  1 
ATOM   284  C CG  . TYR A 1 38  ? -3.525  1.741   -8.295  1.00 5.56  ? 112 TYR A CG  1 
ATOM   285  C CD1 . TYR A 1 38  ? -4.287  2.883   -8.114  1.00 4.39  ? 112 TYR A CD1 1 
ATOM   286  C CD2 . TYR A 1 38  ? -3.095  0.927   -7.258  1.00 5.38  ? 112 TYR A CD2 1 
ATOM   287  C CE1 . TYR A 1 38  ? -4.645  3.237   -6.830  1.00 9.97  ? 112 TYR A CE1 1 
ATOM   288  C CE2 . TYR A 1 38  ? -3.454  1.277   -5.966  1.00 8.52  ? 112 TYR A CE2 1 
ATOM   289  C CZ  . TYR A 1 38  ? -4.218  2.427   -5.776  1.00 13.01 ? 112 TYR A CZ  1 
ATOM   290  O OH  . TYR A 1 38  ? -4.575  2.776   -4.496  1.00 20.72 ? 112 TYR A OH  1 
ATOM   291  N N   . ASN A 1 39  ? -3.934  1.182   -12.643 1.00 7.40  ? 113 ASN A N   1 
ATOM   292  C CA  . ASN A 1 39  ? -3.332  0.981   -13.940 1.00 8.34  ? 113 ASN A CA  1 
ATOM   293  C C   . ASN A 1 39  ? -1.854  1.362   -13.768 1.00 10.03 ? 113 ASN A C   1 
ATOM   294  O O   . ASN A 1 39  ? -1.341  1.576   -12.661 1.00 10.60 ? 113 ASN A O   1 
ATOM   295  C CB  . ASN A 1 39  ? -4.056  1.844   -15.019 1.00 6.52  ? 113 ASN A CB  1 
ATOM   296  C CG  . ASN A 1 39  ? -3.807  3.340   -14.984 1.00 6.47  ? 113 ASN A CG  1 
ATOM   297  O OD1 . ASN A 1 39  ? -3.547  3.888   -13.928 1.00 6.60  ? 113 ASN A OD1 1 
ATOM   298  N ND2 . ASN A 1 39  ? -3.874  4.078   -16.078 1.00 5.80  ? 113 ASN A ND2 1 
ATOM   299  N N   . HIS A 1 40  ? -1.107  1.429   -14.883 1.00 13.90 ? 114 HIS A N   1 
ATOM   300  C CA  . HIS A 1 40  ? 0.345   1.656   -14.893 1.00 12.46 ? 114 HIS A CA  1 
ATOM   301  C C   . HIS A 1 40  ? 0.891   2.924   -14.256 1.00 12.29 ? 114 HIS A C   1 
ATOM   302  O O   . HIS A 1 40  ? 2.025   2.933   -13.779 1.00 13.39 ? 114 HIS A O   1 
ATOM   303  C CB  . HIS A 1 40  ? 0.826   1.559   -16.328 1.00 12.53 ? 114 HIS A CB  1 
ATOM   304  C CG  . HIS A 1 40  ? 0.434   2.697   -17.240 1.00 18.26 ? 114 HIS A CG  1 
ATOM   305  N ND1 . HIS A 1 40  ? -0.746  2.877   -17.837 1.00 21.80 ? 114 HIS A ND1 1 
ATOM   306  C CD2 . HIS A 1 40  ? 1.281   3.739   -17.584 1.00 16.54 ? 114 HIS A CD2 1 
ATOM   307  C CE1 . HIS A 1 40  ? -0.629  3.989   -18.511 1.00 20.51 ? 114 HIS A CE1 1 
ATOM   308  N NE2 . HIS A 1 40  ? 0.574   4.495   -18.359 1.00 19.95 ? 114 HIS A NE2 1 
ATOM   309  N N   . ASN A 1 41  ? 0.103   4.007   -14.233 1.00 11.13 ? 115 ASN A N   1 
ATOM   310  C CA  . ASN A 1 41  ? 0.544   5.251   -13.653 1.00 5.77  ? 115 ASN A CA  1 
ATOM   311  C C   . ASN A 1 41  ? -0.274  5.513   -12.416 1.00 6.45  ? 115 ASN A C   1 
ATOM   312  O O   . ASN A 1 41  ? -0.100  6.555   -11.783 1.00 8.09  ? 115 ASN A O   1 
ATOM   313  C CB  . ASN A 1 41  ? 0.412   6.422   -14.679 1.00 4.02  ? 115 ASN A CB  1 
ATOM   314  C CG  . ASN A 1 41  ? -0.891  6.581   -15.456 1.00 9.93  ? 115 ASN A CG  1 
ATOM   315  O OD1 . ASN A 1 41  ? -1.807  5.744   -15.413 1.00 12.92 ? 115 ASN A OD1 1 
ATOM   316  N ND2 . ASN A 1 41  ? -1.034  7.622   -16.263 1.00 11.02 ? 115 ASN A ND2 1 
ATOM   317  N N   . GLY A 1 42  ? -1.143  4.605   -11.976 1.00 5.93  ? 116 GLY A N   1 
ATOM   318  C CA  . GLY A 1 42  ? -1.955  4.864   -10.791 1.00 2.56  ? 116 GLY A CA  1 
ATOM   319  C C   . GLY A 1 42  ? -3.123  5.768   -11.029 1.00 2.00  ? 116 GLY A C   1 
ATOM   320  O O   . GLY A 1 42  ? -3.908  6.002   -10.127 1.00 4.66  ? 116 GLY A O   1 
ATOM   321  N N   . GLU A 1 43  ? -3.356  6.230   -12.233 1.00 4.82  ? 117 GLU A N   1 
ATOM   322  C CA  . GLU A 1 43  ? -4.450  7.156   -12.531 1.00 4.24  ? 117 GLU A CA  1 
ATOM   323  C C   . GLU A 1 43  ? -5.770  6.437   -12.633 1.00 5.01  ? 117 GLU A C   1 
ATOM   324  O O   . GLU A 1 43  ? -6.804  7.105   -12.563 1.00 2.99  ? 117 GLU A O   1 
ATOM   325  C CB  . GLU A 1 43  ? -4.278  7.875   -13.851 1.00 6.79  ? 117 GLU A CB  1 
ATOM   326  C CG  . GLU A 1 43  ? -3.122  8.855   -13.951 1.00 10.67 ? 117 GLU A CG  1 
ATOM   327  C CD  . GLU A 1 43  ? -3.131  9.763   -15.183 1.00 17.04 ? 117 GLU A CD  1 
ATOM   328  O OE1 . GLU A 1 43  ? -4.058  9.761   -16.015 1.00 21.56 ? 117 GLU A OE1 1 
ATOM   329  O OE2 . GLU A 1 43  ? -2.162  10.495  -15.297 1.00 19.06 ? 117 GLU A OE2 1 
ATOM   330  N N   . TRP A 1 44  ? -5.846  5.119   -12.835 1.00 4.61  ? 118 TRP A N   1 
ATOM   331  C CA  . TRP A 1 44  ? -7.130  4.492   -12.852 1.00 2.00  ? 118 TRP A CA  1 
ATOM   332  C C   . TRP A 1 44  ? -7.015  3.301   -11.932 1.00 2.97  ? 118 TRP A C   1 
ATOM   333  O O   . TRP A 1 44  ? -5.935  2.745   -11.775 1.00 4.34  ? 118 TRP A O   1 
ATOM   334  C CB  . TRP A 1 44  ? -7.460  4.115   -14.284 1.00 3.62  ? 118 TRP A CB  1 
ATOM   335  C CG  . TRP A 1 44  ? -7.999  5.256   -15.167 1.00 2.44  ? 118 TRP A CG  1 
ATOM   336  C CD1 . TRP A 1 44  ? -7.192  6.294   -15.591 1.00 2.00  ? 118 TRP A CD1 1 
ATOM   337  C CD2 . TRP A 1 44  ? -9.300  5.397   -15.630 1.00 3.20  ? 118 TRP A CD2 1 
ATOM   338  N NE1 . TRP A 1 44  ? -7.964  7.083   -16.287 1.00 2.00  ? 118 TRP A NE1 1 
ATOM   339  C CE2 . TRP A 1 44  ? -9.214  6.596   -16.349 1.00 2.00  ? 118 TRP A CE2 1 
ATOM   340  C CE3 . TRP A 1 44  ? -10.523 4.735   -15.585 1.00 2.00  ? 118 TRP A CE3 1 
ATOM   341  C CZ2 . TRP A 1 44  ? -10.335 7.113   -17.011 1.00 2.84  ? 118 TRP A CZ2 1 
ATOM   342  C CZ3 . TRP A 1 44  ? -11.640 5.264   -16.261 1.00 2.00  ? 118 TRP A CZ3 1 
ATOM   343  C CH2 . TRP A 1 44  ? -11.556 6.444   -16.970 1.00 2.00  ? 118 TRP A CH2 1 
ATOM   344  N N   . CYS A 1 45  ? -8.117  2.917   -11.318 1.00 2.14  ? 119 CYS A N   1 
ATOM   345  C CA  . CYS A 1 45  ? -8.240  1.913   -10.308 1.00 4.91  ? 119 CYS A CA  1 
ATOM   346  C C   . CYS A 1 45  ? -9.190  0.883   -10.826 1.00 7.13  ? 119 CYS A C   1 
ATOM   347  O O   . CYS A 1 45  ? -10.182 1.251   -11.441 1.00 7.83  ? 119 CYS A O   1 
ATOM   348  C CB  . CYS A 1 45  ? -8.929  2.375   -9.076  1.00 5.10  ? 119 CYS A CB  1 
ATOM   349  S SG  . CYS A 1 45  ? -7.870  3.441   -8.135  1.00 21.35 ? 119 CYS A SG  1 
ATOM   350  N N   . GLU A 1 46  ? -8.990  -0.378  -10.545 1.00 7.83  ? 120 GLU A N   1 
ATOM   351  C CA  . GLU A 1 46  ? -9.966  -1.388  -10.844 1.00 11.69 ? 120 GLU A CA  1 
ATOM   352  C C   . GLU A 1 46  ? -10.698 -1.476  -9.514  1.00 11.33 ? 120 GLU A C   1 
ATOM   353  O O   . GLU A 1 46  ? -10.120 -1.896  -8.520  1.00 10.50 ? 120 GLU A O   1 
ATOM   354  C CB  . GLU A 1 46  ? -9.240  -2.666  -11.184 1.00 14.24 ? 120 GLU A CB  1 
ATOM   355  C CG  . GLU A 1 46  ? -10.051 -3.747  -11.869 1.00 17.18 ? 120 GLU A CG  1 
ATOM   356  C CD  . GLU A 1 46  ? -9.223  -4.960  -12.318 1.00 24.45 ? 120 GLU A CD  1 
ATOM   357  O OE1 . GLU A 1 46  ? -8.125  -5.266  -11.797 1.00 27.10 ? 120 GLU A OE1 1 
ATOM   358  O OE2 . GLU A 1 46  ? -9.715  -5.617  -13.229 1.00 26.86 ? 120 GLU A OE2 1 
ATOM   359  N N   . ALA A 1 47  ? -11.918 -0.962  -9.507  1.00 11.85 ? 121 ALA A N   1 
ATOM   360  C CA  . ALA A 1 47  ? -12.813 -0.969  -8.384  1.00 8.35  ? 121 ALA A CA  1 
ATOM   361  C C   . ALA A 1 47  ? -13.836 -2.104  -8.449  1.00 7.63  ? 121 ALA A C   1 
ATOM   362  O O   . ALA A 1 47  ? -14.127 -2.750  -9.467  1.00 6.51  ? 121 ALA A O   1 
ATOM   363  C CB  . ALA A 1 47  ? -13.555 0.349   -8.365  1.00 6.82  ? 121 ALA A CB  1 
ATOM   364  N N   . GLN A 1 48  ? -14.466 -2.278  -7.310  1.00 6.07  ? 122 GLN A N   1 
ATOM   365  C CA  . GLN A 1 48  ? -15.518 -3.239  -7.146  1.00 6.07  ? 122 GLN A CA  1 
ATOM   366  C C   . GLN A 1 48  ? -16.567 -2.673  -6.203  1.00 4.96  ? 122 GLN A C   1 
ATOM   367  O O   . GLN A 1 48  ? -16.191 -2.096  -5.171  1.00 6.08  ? 122 GLN A O   1 
ATOM   368  C CB  . GLN A 1 48  ? -14.838 -4.435  -6.617  1.00 4.53  ? 122 GLN A CB  1 
ATOM   369  C CG  . GLN A 1 48  ? -15.750 -5.567  -6.419  1.00 5.10  ? 122 GLN A CG  1 
ATOM   370  C CD  . GLN A 1 48  ? -14.848 -6.679  -6.026  1.00 4.03  ? 122 GLN A CD  1 
ATOM   371  O OE1 . GLN A 1 48  ? -14.357 -7.443  -6.842  1.00 6.45  ? 122 GLN A OE1 1 
ATOM   372  N NE2 . GLN A 1 48  ? -14.591 -6.773  -4.748  1.00 6.35  ? 122 GLN A NE2 1 
ATOM   373  N N   . THR A 1 49  ? -17.848 -2.735  -6.484  1.00 4.53  ? 123 THR A N   1 
ATOM   374  C CA  . THR A 1 49  ? -18.852 -2.200  -5.593  1.00 8.87  ? 123 THR A CA  1 
ATOM   375  C C   . THR A 1 49  ? -20.019 -3.195  -5.508  1.00 10.92 ? 123 THR A C   1 
ATOM   376  O O   . THR A 1 49  ? -19.896 -4.332  -5.978  1.00 9.09  ? 123 THR A O   1 
ATOM   377  C CB  . THR A 1 49  ? -19.375 -0.878  -6.121  1.00 13.20 ? 123 THR A CB  1 
ATOM   378  O OG1 . THR A 1 49  ? -20.143 -1.203  -7.298  1.00 17.91 ? 123 THR A OG1 1 
ATOM   379  C CG2 . THR A 1 49  ? -18.260 0.140   -6.399  1.00 16.41 ? 123 THR A CG2 1 
ATOM   380  N N   . LYS A 1 50  ? -21.206 -2.822  -5.006  1.00 12.03 ? 124 LYS A N   1 
ATOM   381  C CA  . LYS A 1 50  ? -22.325 -3.738  -4.956  1.00 15.25 ? 124 LYS A CA  1 
ATOM   382  C C   . LYS A 1 50  ? -22.923 -3.861  -6.317  1.00 15.03 ? 124 LYS A C   1 
ATOM   383  O O   . LYS A 1 50  ? -23.885 -4.611  -6.496  1.00 19.97 ? 124 LYS A O   1 
ATOM   384  C CB  . LYS A 1 50  ? -23.401 -3.240  -4.077  1.00 21.98 ? 124 LYS A CB  1 
ATOM   385  C CG  . LYS A 1 50  ? -22.961 -3.182  -2.625  1.00 29.68 ? 124 LYS A CG  1 
ATOM   386  C CD  . LYS A 1 50  ? -23.929 -2.314  -1.802  1.00 35.17 ? 124 LYS A CD  1 
ATOM   387  C CE  . LYS A 1 50  ? -23.239 -1.739  -0.542  1.00 38.52 ? 124 LYS A CE  1 
ATOM   388  N NZ  . LYS A 1 50  ? -22.881 -2.740  0.452   1.00 39.73 ? 124 LYS A NZ  1 
ATOM   389  N N   . ASN A 1 51  ? -22.417 -3.134  -7.314  1.00 13.68 ? 125 ASN A N   1 
ATOM   390  C CA  . ASN A 1 51  ? -23.001 -3.243  -8.630  1.00 10.54 ? 125 ASN A CA  1 
ATOM   391  C C   . ASN A 1 51  ? -22.027 -3.929  -9.541  1.00 9.29  ? 125 ASN A C   1 
ATOM   392  O O   . ASN A 1 51  ? -22.407 -4.256  -10.662 1.00 12.15 ? 125 ASN A O   1 
ATOM   393  C CB  . ASN A 1 51  ? -23.357 -1.862  -9.182  1.00 11.30 ? 125 ASN A CB  1 
ATOM   394  C CG  . ASN A 1 51  ? -24.369 -1.103  -8.316  1.00 14.04 ? 125 ASN A CG  1 
ATOM   395  O OD1 . ASN A 1 51  ? -25.270 -1.663  -7.698  1.00 20.07 ? 125 ASN A OD1 1 
ATOM   396  N ND2 . ASN A 1 51  ? -24.284 0.193   -8.114  1.00 12.44 ? 125 ASN A ND2 1 
ATOM   397  N N   . GLY A 1 52  ? -20.780 -4.248  -9.207  1.00 7.12  ? 126 GLY A N   1 
ATOM   398  C CA  . GLY A 1 52  ? -19.933 -4.929  -10.170 1.00 6.67  ? 126 GLY A CA  1 
ATOM   399  C C   . GLY A 1 52  ? -18.488 -4.514  -10.076 1.00 6.65  ? 126 GLY A C   1 
ATOM   400  O O   . GLY A 1 52  ? -18.057 -4.009  -9.052  1.00 7.12  ? 126 GLY A O   1 
ATOM   401  N N   . GLN A 1 53  ? -17.744 -4.640  -11.151 1.00 6.38  ? 127 GLN A N   1 
ATOM   402  C CA  . GLN A 1 53  ? -16.319 -4.402  -11.128 1.00 6.54  ? 127 GLN A CA  1 
ATOM   403  C C   . GLN A 1 53  ? -15.837 -3.678  -12.375 1.00 7.19  ? 127 GLN A C   1 
ATOM   404  O O   . GLN A 1 53  ? -16.397 -3.933  -13.449 1.00 8.13  ? 127 GLN A O   1 
ATOM   405  C CB  . GLN A 1 53  ? -15.713 -5.729  -11.002 1.00 3.53  ? 127 GLN A CB  1 
ATOM   406  C CG  . GLN A 1 53  ? -14.253 -5.633  -10.944 1.00 8.70  ? 127 GLN A CG  1 
ATOM   407  C CD  . GLN A 1 53  ? -13.680 -6.960  -10.613 1.00 9.87  ? 127 GLN A CD  1 
ATOM   408  O OE1 . GLN A 1 53  ? -12.754 -7.416  -11.282 1.00 11.27 ? 127 GLN A OE1 1 
ATOM   409  N NE2 . GLN A 1 53  ? -14.230 -7.586  -9.582  1.00 10.54 ? 127 GLN A NE2 1 
ATOM   410  N N   . GLY A 1 54  ? -14.824 -2.814  -12.316 1.00 6.76  ? 128 GLY A N   1 
ATOM   411  C CA  . GLY A 1 54  ? -14.392 -2.135  -13.521 1.00 5.49  ? 128 GLY A CA  1 
ATOM   412  C C   . GLY A 1 54  ? -13.649 -0.900  -13.144 1.00 7.22  ? 128 GLY A C   1 
ATOM   413  O O   . GLY A 1 54  ? -13.569 -0.579  -11.957 1.00 12.47 ? 128 GLY A O   1 
ATOM   414  N N   . TRP A 1 55  ? -13.079 -0.204  -14.105 1.00 5.91  ? 129 TRP A N   1 
ATOM   415  C CA  . TRP A 1 55  ? -12.178 0.888   -13.868 1.00 2.00  ? 129 TRP A CA  1 
ATOM   416  C C   . TRP A 1 55  ? -12.882 2.176   -13.624 1.00 2.00  ? 129 TRP A C   1 
ATOM   417  O O   . TRP A 1 55  ? -13.916 2.506   -14.174 1.00 2.29  ? 129 TRP A O   1 
ATOM   418  C CB  . TRP A 1 55  ? -11.242 1.037   -15.036 1.00 2.00  ? 129 TRP A CB  1 
ATOM   419  C CG  . TRP A 1 55  ? -10.316 -0.164  -15.267 1.00 2.00  ? 129 TRP A CG  1 
ATOM   420  C CD1 . TRP A 1 55  ? -10.731 -1.158  -16.099 1.00 2.00  ? 129 TRP A CD1 1 
ATOM   421  C CD2 . TRP A 1 55  ? -9.051  -0.400  -14.739 1.00 2.00  ? 129 TRP A CD2 1 
ATOM   422  N NE1 . TRP A 1 55  ? -9.747  -2.015  -16.091 1.00 3.66  ? 129 TRP A NE1 1 
ATOM   423  C CE2 . TRP A 1 55  ? -8.733  -1.625  -15.317 1.00 2.00  ? 129 TRP A CE2 1 
ATOM   424  C CE3 . TRP A 1 55  ? -8.124  0.204   -13.872 1.00 2.00  ? 129 TRP A CE3 1 
ATOM   425  C CZ2 . TRP A 1 55  ? -7.512  -2.255  -15.054 1.00 4.40  ? 129 TRP A CZ2 1 
ATOM   426  C CZ3 . TRP A 1 55  ? -6.910  -0.418  -13.597 1.00 2.00  ? 129 TRP A CZ3 1 
ATOM   427  C CH2 . TRP A 1 55  ? -6.590  -1.650  -14.188 1.00 3.85  ? 129 TRP A CH2 1 
ATOM   428  N N   . VAL A 1 56  ? -12.265 2.959   -12.798 1.00 3.14  ? 130 VAL A N   1 
ATOM   429  C CA  . VAL A 1 56  ? -12.825 4.210   -12.319 1.00 5.02  ? 130 VAL A CA  1 
ATOM   430  C C   . VAL A 1 56  ? -11.573 5.157   -12.260 1.00 6.35  ? 130 VAL A C   1 
ATOM   431  O O   . VAL A 1 56  ? -10.455 4.621   -12.070 1.00 3.83  ? 130 VAL A O   1 
ATOM   432  C CB  . VAL A 1 56  ? -13.461 3.735   -10.972 1.00 4.18  ? 130 VAL A CB  1 
ATOM   433  C CG1 . VAL A 1 56  ? -13.243 4.732   -9.898  1.00 8.24  ? 130 VAL A CG1 1 
ATOM   434  C CG2 . VAL A 1 56  ? -14.936 3.507   -11.147 1.00 2.00  ? 130 VAL A CG2 1 
ATOM   435  N N   . PRO A 1 57  ? -11.637 6.511   -12.415 1.00 4.23  ? 131 PRO A N   1 
ATOM   436  C CA  . PRO A 1 57  ? -10.496 7.393   -12.275 1.00 3.92  ? 131 PRO A CA  1 
ATOM   437  C C   . PRO A 1 57  ? -10.112 7.396   -10.823 1.00 4.29  ? 131 PRO A C   1 
ATOM   438  O O   . PRO A 1 57  ? -10.980 7.684   -9.992  1.00 6.41  ? 131 PRO A O   1 
ATOM   439  C CB  . PRO A 1 57  ? -10.931 8.773   -12.727 1.00 2.00  ? 131 PRO A CB  1 
ATOM   440  C CG  . PRO A 1 57  ? -12.172 8.510   -13.513 1.00 2.11  ? 131 PRO A CG  1 
ATOM   441  C CD  . PRO A 1 57  ? -12.807 7.306   -12.768 1.00 2.00  ? 131 PRO A CD  1 
ATOM   442  N N   . SER A 1 58  ? -8.842  7.217   -10.479 1.00 5.94  ? 132 SER A N   1 
ATOM   443  C CA  . SER A 1 58  ? -8.449  7.275   -9.103  1.00 7.82  ? 132 SER A CA  1 
ATOM   444  C C   . SER A 1 58  ? -8.665  8.661   -8.521  1.00 10.55 ? 132 SER A C   1 
ATOM   445  O O   . SER A 1 58  ? -8.862  8.805   -7.311  1.00 14.21 ? 132 SER A O   1 
ATOM   446  C CB  . SER A 1 58  ? -7.007  6.837   -8.995  1.00 7.39  ? 132 SER A CB  1 
ATOM   447  O OG  . SER A 1 58  ? -6.101  7.587   -9.767  1.00 14.58 ? 132 SER A OG  1 
ATOM   448  N N   . ASN A 1 59  ? -8.786  9.723   -9.323  1.00 12.77 ? 133 ASN A N   1 
ATOM   449  C CA  . ASN A 1 59  ? -9.038  11.029  -8.735  1.00 13.89 ? 133 ASN A CA  1 
ATOM   450  C C   . ASN A 1 59  ? -10.506 11.339  -8.469  1.00 13.31 ? 133 ASN A C   1 
ATOM   451  O O   . ASN A 1 59  ? -10.856 12.492  -8.172  1.00 14.95 ? 133 ASN A O   1 
ATOM   452  C CB  . ASN A 1 59  ? -8.400  12.155  -9.610  1.00 18.15 ? 133 ASN A CB  1 
ATOM   453  C CG  . ASN A 1 59  ? -8.767  12.414  -11.067 1.00 22.31 ? 133 ASN A CG  1 
ATOM   454  O OD1 . ASN A 1 59  ? -8.105  13.242  -11.685 1.00 27.90 ? 133 ASN A OD1 1 
ATOM   455  N ND2 . ASN A 1 59  ? -9.724  11.821  -11.763 1.00 24.80 ? 133 ASN A ND2 1 
ATOM   456  N N   . TYR A 1 60  ? -11.397 10.342  -8.540  1.00 9.09  ? 134 TYR A N   1 
ATOM   457  C CA  . TYR A 1 60  ? -12.805 10.552  -8.214  1.00 6.42  ? 134 TYR A CA  1 
ATOM   458  C C   . TYR A 1 60  ? -13.079 9.790   -6.941  1.00 4.42  ? 134 TYR A C   1 
ATOM   459  O O   . TYR A 1 60  ? -14.225 9.708   -6.523  1.00 6.23  ? 134 TYR A O   1 
ATOM   460  C CB  . TYR A 1 60  ? -13.776 10.007  -9.324  1.00 3.69  ? 134 TYR A CB  1 
ATOM   461  C CG  . TYR A 1 60  ? -13.950 10.873  -10.546 1.00 2.00  ? 134 TYR A CG  1 
ATOM   462  C CD1 . TYR A 1 60  ? -12.875 11.319  -11.323 1.00 3.70  ? 134 TYR A CD1 1 
ATOM   463  C CD2 . TYR A 1 60  ? -15.227 11.223  -10.907 1.00 3.62  ? 134 TYR A CD2 1 
ATOM   464  C CE1 . TYR A 1 60  ? -13.074 12.098  -12.469 1.00 2.00  ? 134 TYR A CE1 1 
ATOM   465  C CE2 . TYR A 1 60  ? -15.464 11.998  -12.038 1.00 5.82  ? 134 TYR A CE2 1 
ATOM   466  C CZ  . TYR A 1 60  ? -14.385 12.419  -12.807 1.00 5.94  ? 134 TYR A CZ  1 
ATOM   467  O OH  . TYR A 1 60  ? -14.651 13.123  -13.952 1.00 10.31 ? 134 TYR A OH  1 
ATOM   468  N N   . ILE A 1 61  ? -12.103 9.198   -6.289  1.00 4.22  ? 135 ILE A N   1 
ATOM   469  C CA  . ILE A 1 61  ? -12.334 8.360   -5.128  1.00 4.51  ? 135 ILE A CA  1 
ATOM   470  C C   . ILE A 1 61  ? -11.300 8.753   -4.054  1.00 5.40  ? 135 ILE A C   1 
ATOM   471  O O   . ILE A 1 61  ? -10.309 9.393   -4.409  1.00 6.64  ? 135 ILE A O   1 
ATOM   472  C CB  . ILE A 1 61  ? -12.179 6.831   -5.498  1.00 4.39  ? 135 ILE A CB  1 
ATOM   473  C CG1 . ILE A 1 61  ? -10.801 6.469   -5.995  1.00 3.66  ? 135 ILE A CG1 1 
ATOM   474  C CG2 . ILE A 1 61  ? -13.136 6.501   -6.599  1.00 7.88  ? 135 ILE A CG2 1 
ATOM   475  C CD1 . ILE A 1 61  ? -10.579 4.971   -6.069  1.00 2.00  ? 135 ILE A CD1 1 
ATOM   476  N N   . THR A 1 62  ? -11.437 8.440   -2.755  1.00 3.03  ? 136 THR A N   1 
ATOM   477  C CA  . THR A 1 62  ? -10.426 8.805   -1.781  1.00 3.78  ? 136 THR A CA  1 
ATOM   478  C C   . THR A 1 62  ? -10.407 7.681   -0.748  1.00 2.01  ? 136 THR A C   1 
ATOM   479  O O   . THR A 1 62  ? -11.439 7.065   -0.527  1.00 2.00  ? 136 THR A O   1 
ATOM   480  C CB  . THR A 1 62  ? -10.805 10.193  -1.195  1.00 2.51  ? 136 THR A CB  1 
ATOM   481  O OG1 . THR A 1 62  ? -9.699  10.535  -0.398  1.00 7.49  ? 136 THR A OG1 1 
ATOM   482  C CG2 . THR A 1 62  ? -12.026 10.271  -0.355  1.00 2.00  ? 136 THR A CG2 1 
ATOM   483  N N   . PRO A 1 63  ? -9.280  7.313   -0.139  1.00 3.01  ? 137 PRO A N   1 
ATOM   484  C CA  . PRO A 1 63  ? -9.218  6.311   0.915   1.00 4.08  ? 137 PRO A CA  1 
ATOM   485  C C   . PRO A 1 63  ? -10.089 6.537   2.140   1.00 3.22  ? 137 PRO A C   1 
ATOM   486  O O   . PRO A 1 63  ? -10.114 7.651   2.605   1.00 7.80  ? 137 PRO A O   1 
ATOM   487  C CB  . PRO A 1 63  ? -7.699  6.218   1.214   1.00 2.00  ? 137 PRO A CB  1 
ATOM   488  C CG  . PRO A 1 63  ? -7.098  7.523   0.788   1.00 2.00  ? 137 PRO A CG  1 
ATOM   489  C CD  . PRO A 1 63  ? -7.918  7.819   -0.450  1.00 4.77  ? 137 PRO A CD  1 
ATOM   490  N N   . VAL A 1 64  ? -10.795 5.557   2.697   1.00 3.19  ? 138 VAL A N   1 
ATOM   491  C CA  . VAL A 1 64  ? -11.514 5.723   3.922   1.00 2.00  ? 138 VAL A CA  1 
ATOM   492  C C   . VAL A 1 64  ? -10.531 5.267   4.973   1.00 3.10  ? 138 VAL A C   1 
ATOM   493  O O   . VAL A 1 64  ? -10.599 5.738   6.087   1.00 6.01  ? 138 VAL A O   1 
ATOM   494  C CB  . VAL A 1 64  ? -12.773 4.828   4.010   1.00 3.96  ? 138 VAL A CB  1 
ATOM   495  C CG1 . VAL A 1 64  ? -13.441 4.932   5.369   1.00 3.60  ? 138 VAL A CG1 1 
ATOM   496  C CG2 . VAL A 1 64  ? -13.792 5.280   3.023   1.00 2.00  ? 138 VAL A CG2 1 
ATOM   497  N N   . ASN A 1 65  ? -9.612  4.337   4.792   1.00 4.74  ? 139 ASN A N   1 
ATOM   498  C CA  . ASN A 1 65  ? -8.725  3.920   5.870   1.00 5.70  ? 139 ASN A CA  1 
ATOM   499  C C   . ASN A 1 65  ? -7.319  3.934   5.347   1.00 6.03  ? 139 ASN A C   1 
ATOM   500  O O   . ASN A 1 65  ? -6.691  2.920   5.152   1.00 8.85  ? 139 ASN A O   1 
ATOM   501  C CB  . ASN A 1 65  ? -9.055  2.509   6.386   1.00 3.37  ? 139 ASN A CB  1 
ATOM   502  C CG  . ASN A 1 65  ? -10.526 2.410   6.746   1.00 6.65  ? 139 ASN A CG  1 
ATOM   503  O OD1 . ASN A 1 65  ? -11.333 1.889   5.972   1.00 7.96  ? 139 ASN A OD1 1 
ATOM   504  N ND2 . ASN A 1 65  ? -10.954 2.952   7.885   1.00 3.13  ? 139 ASN A ND2 1 
ATOM   505  N N   . SER A 1 66  ? -6.787  5.113   5.142   1.00 8.04  ? 140 SER A N   1 
ATOM   506  C CA  . SER A 1 66  ? -5.473  5.250   4.612   1.00 12.10 ? 140 SER A CA  1 
ATOM   507  C C   . SER A 1 66  ? -4.450  4.619   5.553   1.00 14.28 ? 140 SER A C   1 
ATOM   508  O O   . SER A 1 66  ? -4.429  4.816   6.769   1.00 15.64 ? 140 SER A O   1 
ATOM   509  C CB  . SER A 1 66  ? -5.169  6.731   4.408   1.00 13.92 ? 140 SER A CB  1 
ATOM   510  O OG  . SER A 1 66  ? -3.850  6.831   3.868   1.00 14.64 ? 140 SER A OG  1 
ATOM   511  N N   . LEU A 1 67  ? -3.499  3.918   4.959   1.00 15.20 ? 141 LEU A N   1 
ATOM   512  C CA  . LEU A 1 67  ? -2.468  3.233   5.695   1.00 12.82 ? 141 LEU A CA  1 
ATOM   513  C C   . LEU A 1 67  ? -1.485  4.239   6.259   1.00 13.63 ? 141 LEU A C   1 
ATOM   514  O O   . LEU A 1 67  ? -0.669  3.893   7.129   1.00 9.13  ? 141 LEU A O   1 
ATOM   515  C CB  . LEU A 1 67  ? -1.808  2.242   4.721   1.00 11.53 ? 141 LEU A CB  1 
ATOM   516  C CG  . LEU A 1 67  ? -2.535  0.960   4.371   1.00 8.15  ? 141 LEU A CG  1 
ATOM   517  C CD1 . LEU A 1 67  ? -1.926  0.335   3.173   1.00 4.60  ? 141 LEU A CD1 1 
ATOM   518  C CD2 . LEU A 1 67  ? -2.438  -0.009  5.517   1.00 6.79  ? 141 LEU A CD2 1 
ATOM   519  N N   . GLU A 1 68  ? -1.589  5.500   5.777   1.00 15.98 ? 142 GLU A N   1 
ATOM   520  C CA  . GLU A 1 68  ? -0.700  6.578   6.214   1.00 15.52 ? 142 GLU A CA  1 
ATOM   521  C C   . GLU A 1 68  ? -0.826  6.979   7.653   1.00 17.16 ? 142 GLU A C   1 
ATOM   522  O O   . GLU A 1 68  ? 0.015   7.702   8.202   1.00 19.12 ? 142 GLU A O   1 
ATOM   523  C CB  . GLU A 1 68  ? -0.900  7.802   5.393   1.00 11.56 ? 142 GLU A CB  1 
ATOM   524  C CG  . GLU A 1 68  ? -0.104  7.529   4.155   1.00 16.68 ? 142 GLU A CG  1 
ATOM   525  C CD  . GLU A 1 68  ? 0.029   8.680   3.161   1.00 19.12 ? 142 GLU A CD  1 
ATOM   526  O OE1 . GLU A 1 68  ? 0.558   9.724   3.526   1.00 21.63 ? 142 GLU A OE1 1 
ATOM   527  O OE2 . GLU A 1 68  ? -0.367  8.531   2.005   1.00 22.15 ? 142 GLU A OE2 1 
ATOM   528  N N   . LYS A 1 69  ? -1.901  6.435   8.224   1.00 18.88 ? 143 LYS A N   1 
ATOM   529  C CA  . LYS A 1 69  ? -2.185  6.642   9.614   1.00 19.64 ? 143 LYS A CA  1 
ATOM   530  C C   . LYS A 1 69  ? -1.194  5.889   10.445  1.00 16.59 ? 143 LYS A C   1 
ATOM   531  O O   . LYS A 1 69  ? -1.021  6.294   11.575  1.00 19.83 ? 143 LYS A O   1 
ATOM   532  C CB  . LYS A 1 69  ? -3.656  6.212   9.992   1.00 21.90 ? 143 LYS A CB  1 
ATOM   533  C CG  . LYS A 1 69  ? -4.232  4.780   9.932   1.00 25.95 ? 143 LYS A CG  1 
ATOM   534  C CD  . LYS A 1 69  ? -5.719  4.708   10.369  1.00 26.66 ? 143 LYS A CD  1 
ATOM   535  C CE  . LYS A 1 69  ? -6.372  3.416   9.835   1.00 28.61 ? 143 LYS A CE  1 
ATOM   536  N NZ  . LYS A 1 69  ? -7.824  3.392   9.975   1.00 27.22 ? 143 LYS A NZ  1 
ATOM   537  N N   . HIS A 1 70  ? -0.476  4.853   10.030  1.00 17.89 ? 144 HIS A N   1 
ATOM   538  C CA  . HIS A 1 70  ? 0.472   4.203   10.947  1.00 17.76 ? 144 HIS A CA  1 
ATOM   539  C C   . HIS A 1 70  ? 1.811   4.936   10.868  1.00 15.79 ? 144 HIS A C   1 
ATOM   540  O O   . HIS A 1 70  ? 2.257   5.079   9.746   1.00 17.99 ? 144 HIS A O   1 
ATOM   541  C CB  . HIS A 1 70  ? 0.763   2.787   10.552  1.00 18.83 ? 144 HIS A CB  1 
ATOM   542  C CG  . HIS A 1 70  ? -0.438  1.921   10.350  1.00 21.44 ? 144 HIS A CG  1 
ATOM   543  N ND1 . HIS A 1 70  ? -0.818  1.383   9.196   1.00 23.80 ? 144 HIS A ND1 1 
ATOM   544  C CD2 . HIS A 1 70  ? -1.282  1.519   11.334  1.00 19.55 ? 144 HIS A CD2 1 
ATOM   545  C CE1 . HIS A 1 70  ? -1.867  0.648   9.415   1.00 22.79 ? 144 HIS A CE1 1 
ATOM   546  N NE2 . HIS A 1 70  ? -2.128  0.748   10.698  1.00 24.74 ? 144 HIS A NE2 1 
ATOM   547  N N   . SER A 1 71  ? 2.599   5.319   11.875  1.00 15.26 ? 145 SER A N   1 
ATOM   548  C CA  . SER A 1 71  ? 3.830   6.092   11.661  1.00 12.69 ? 145 SER A CA  1 
ATOM   549  C C   . SER A 1 71  ? 4.842   5.607   10.637  1.00 12.60 ? 145 SER A C   1 
ATOM   550  O O   . SER A 1 71  ? 5.569   6.407   10.019  1.00 14.59 ? 145 SER A O   1 
ATOM   551  C CB  . SER A 1 71  ? 4.576   6.262   12.992  1.00 12.17 ? 145 SER A CB  1 
ATOM   552  O OG  . SER A 1 71  ? 5.000   5.104   13.691  1.00 14.56 ? 145 SER A OG  1 
ATOM   553  N N   . TRP A 1 72  ? 4.899   4.269   10.479  1.00 12.24 ? 146 TRP A N   1 
ATOM   554  C CA  . TRP A 1 72  ? 5.834   3.649   9.570   1.00 9.05  ? 146 TRP A CA  1 
ATOM   555  C C   . TRP A 1 72  ? 5.312   3.621   8.138   1.00 8.56  ? 146 TRP A C   1 
ATOM   556  O O   . TRP A 1 72  ? 6.124   3.292   7.259   1.00 12.63 ? 146 TRP A O   1 
ATOM   557  C CB  . TRP A 1 72  ? 6.167   2.225   10.076  1.00 7.19  ? 146 TRP A CB  1 
ATOM   558  C CG  . TRP A 1 72  ? 4.991   1.294   10.364  1.00 10.09 ? 146 TRP A CG  1 
ATOM   559  C CD1 . TRP A 1 72  ? 4.611   1.140   11.649  1.00 8.39  ? 146 TRP A CD1 1 
ATOM   560  C CD2 . TRP A 1 72  ? 4.163   0.617   9.476   1.00 9.38  ? 146 TRP A CD2 1 
ATOM   561  N NE1 . TRP A 1 72  ? 3.535   0.393   11.589  1.00 8.82  ? 146 TRP A NE1 1 
ATOM   562  C CE2 . TRP A 1 72  ? 3.223   0.065   10.342  1.00 7.82  ? 146 TRP A CE2 1 
ATOM   563  C CE3 . TRP A 1 72  ? 4.034   0.378   8.094   1.00 7.95  ? 146 TRP A CE3 1 
ATOM   564  C CZ2 . TRP A 1 72  ? 2.153   -0.704  9.865   1.00 13.50 ? 146 TRP A CZ2 1 
ATOM   565  C CZ3 . TRP A 1 72  ? 2.967   -0.401  7.588   1.00 6.86  ? 146 TRP A CZ3 1 
ATOM   566  C CH2 . TRP A 1 72  ? 2.027   -0.940  8.465   1.00 9.69  ? 146 TRP A CH2 1 
ATOM   567  N N   . TYR A 1 73  ? 4.060   3.940   7.767   1.00 2.00  ? 147 TYR A N   1 
ATOM   568  C CA  . TYR A 1 73  ? 3.723   3.936   6.372   1.00 2.00  ? 147 TYR A CA  1 
ATOM   569  C C   . TYR A 1 73  ? 3.779   5.373   5.948   1.00 2.00  ? 147 TYR A C   1 
ATOM   570  O O   . TYR A 1 73  ? 3.059   6.228   6.438   1.00 4.48  ? 147 TYR A O   1 
ATOM   571  C CB  . TYR A 1 73  ? 2.362   3.394   6.157   1.00 2.31  ? 147 TYR A CB  1 
ATOM   572  C CG  . TYR A 1 73  ? 2.041   3.119   4.707   1.00 6.52  ? 147 TYR A CG  1 
ATOM   573  C CD1 . TYR A 1 73  ? 2.403   1.913   4.152   1.00 6.69  ? 147 TYR A CD1 1 
ATOM   574  C CD2 . TYR A 1 73  ? 1.385   4.061   3.919   1.00 8.40  ? 147 TYR A CD2 1 
ATOM   575  C CE1 . TYR A 1 73  ? 2.119   1.657   2.818   1.00 6.79  ? 147 TYR A CE1 1 
ATOM   576  C CE2 . TYR A 1 73  ? 1.103   3.789   2.588   1.00 5.93  ? 147 TYR A CE2 1 
ATOM   577  C CZ  . TYR A 1 73  ? 1.478   2.592   2.052   1.00 4.59  ? 147 TYR A CZ  1 
ATOM   578  O OH  . TYR A 1 73  ? 1.280   2.336   0.719   1.00 9.99  ? 147 TYR A OH  1 
ATOM   579  N N   . HIS A 1 74  ? 4.666   5.705   5.050   1.00 3.83  ? 148 HIS A N   1 
ATOM   580  C CA  . HIS A 1 74  ? 4.822   7.068   4.624   1.00 4.77  ? 148 HIS A CA  1 
ATOM   581  C C   . HIS A 1 74  ? 4.151   7.494   3.344   1.00 7.37  ? 148 HIS A C   1 
ATOM   582  O O   . HIS A 1 74  ? 4.344   8.669   3.085   1.00 12.55 ? 148 HIS A O   1 
ATOM   583  C CB  . HIS A 1 74  ? 6.274   7.400   4.494   1.00 6.77  ? 148 HIS A CB  1 
ATOM   584  C CG  . HIS A 1 74  ? 6.889   7.593   5.863   1.00 12.87 ? 148 HIS A CG  1 
ATOM   585  N ND1 . HIS A 1 74  ? 7.565   8.654   6.300   1.00 16.37 ? 148 HIS A ND1 1 
ATOM   586  C CD2 . HIS A 1 74  ? 6.776   6.698   6.889   1.00 13.30 ? 148 HIS A CD2 1 
ATOM   587  C CE1 . HIS A 1 74  ? 7.845   8.427   7.557   1.00 16.92 ? 148 HIS A CE1 1 
ATOM   588  N NE2 . HIS A 1 74  ? 7.361   7.250   7.895   1.00 17.79 ? 148 HIS A NE2 1 
ATOM   589  N N   . GLY A 1 75  ? 3.388   6.776   2.500   1.00 4.67  ? 149 GLY A N   1 
ATOM   590  C CA  . GLY A 1 75  ? 2.767   7.395   1.344   1.00 3.08  ? 149 GLY A CA  1 
ATOM   591  C C   . GLY A 1 75  ? 3.789   7.427   0.244   1.00 4.98  ? 149 GLY A C   1 
ATOM   592  O O   . GLY A 1 75  ? 4.707   6.606   0.356   1.00 5.71  ? 149 GLY A O   1 
ATOM   593  N N   . PRO A 1 76  ? 3.713   8.284   -0.791  1.00 3.18  ? 150 PRO A N   1 
ATOM   594  C CA  . PRO A 1 76  ? 4.718   8.410   -1.851  1.00 5.68  ? 150 PRO A CA  1 
ATOM   595  C C   . PRO A 1 76  ? 6.058   9.051   -1.473  1.00 9.14  ? 150 PRO A C   1 
ATOM   596  O O   . PRO A 1 76  ? 6.101   10.218  -1.098  1.00 11.69 ? 150 PRO A O   1 
ATOM   597  C CB  . PRO A 1 76  ? 4.037   9.166   -2.929  1.00 3.45  ? 150 PRO A CB  1 
ATOM   598  C CG  . PRO A 1 76  ? 3.024   9.978   -2.177  1.00 3.99  ? 150 PRO A CG  1 
ATOM   599  C CD  . PRO A 1 76  ? 2.511   9.010   -1.132  1.00 5.66  ? 150 PRO A CD  1 
ATOM   600  N N   . VAL A 1 77  ? 7.196   8.354   -1.535  1.00 7.60  ? 151 VAL A N   1 
ATOM   601  C CA  . VAL A 1 77  ? 8.460   8.886   -1.109  1.00 6.77  ? 151 VAL A CA  1 
ATOM   602  C C   . VAL A 1 77  ? 9.398   8.257   -2.085  1.00 7.63  ? 151 VAL A C   1 
ATOM   603  O O   . VAL A 1 77  ? 9.298   7.058   -2.328  1.00 14.15 ? 151 VAL A O   1 
ATOM   604  C CB  . VAL A 1 77  ? 8.800   8.446   0.343   1.00 11.51 ? 151 VAL A CB  1 
ATOM   605  C CG1 . VAL A 1 77  ? 10.219  8.909   0.620   1.00 14.67 ? 151 VAL A CG1 1 
ATOM   606  C CG2 . VAL A 1 77  ? 7.910   9.109   1.443   1.00 8.59  ? 151 VAL A CG2 1 
ATOM   607  N N   . SER A 1 78  ? 10.270  9.049   -2.699  1.00 6.32  ? 152 SER A N   1 
ATOM   608  C CA  . SER A 1 78  ? 11.240  8.500   -3.601  1.00 3.74  ? 152 SER A CA  1 
ATOM   609  C C   . SER A 1 78  ? 12.257  7.693   -2.854  1.00 2.59  ? 152 SER A C   1 
ATOM   610  O O   . SER A 1 78  ? 12.285  7.703   -1.636  1.00 7.14  ? 152 SER A O   1 
ATOM   611  C CB  . SER A 1 78  ? 11.932  9.624   -4.393  1.00 4.35  ? 152 SER A CB  1 
ATOM   612  O OG  . SER A 1 78  ? 12.610  10.579  -3.605  1.00 6.44  ? 152 SER A OG  1 
ATOM   613  N N   . ARG A 1 79  ? 13.148  6.999   -3.548  1.00 5.36  ? 153 ARG A N   1 
ATOM   614  C CA  . ARG A 1 79  ? 14.169  6.190   -2.942  1.00 4.23  ? 153 ARG A CA  1 
ATOM   615  C C   . ARG A 1 79  ? 15.082  7.164   -2.244  1.00 6.51  ? 153 ARG A C   1 
ATOM   616  O O   . ARG A 1 79  ? 15.460  6.977   -1.088  1.00 11.01 ? 153 ARG A O   1 
ATOM   617  C CB  . ARG A 1 79  ? 14.883  5.450   -4.035  1.00 4.03  ? 153 ARG A CB  1 
ATOM   618  C CG  . ARG A 1 79  ? 15.934  4.657   -3.366  1.00 8.72  ? 153 ARG A CG  1 
ATOM   619  C CD  . ARG A 1 79  ? 17.170  4.377   -4.217  1.00 9.14  ? 153 ARG A CD  1 
ATOM   620  N NE  . ARG A 1 79  ? 17.265  2.939   -4.379  1.00 16.00 ? 153 ARG A NE  1 
ATOM   621  C CZ  . ARG A 1 79  ? 18.374  2.290   -4.074  1.00 18.88 ? 153 ARG A CZ  1 
ATOM   622  N NH1 . ARG A 1 79  ? 19.453  2.967   -3.591  1.00 23.77 ? 153 ARG A NH1 1 
ATOM   623  N NH2 . ARG A 1 79  ? 18.394  0.974   -4.329  1.00 16.85 ? 153 ARG A NH2 1 
ATOM   624  N N   . ASN A 1 80  ? 15.407  8.276   -2.895  1.00 9.08  ? 154 ASN A N   1 
ATOM   625  C CA  . ASN A 1 80  ? 16.305  9.264   -2.290  1.00 8.10  ? 154 ASN A CA  1 
ATOM   626  C C   . ASN A 1 80  ? 15.710  10.034  -1.127  1.00 6.95  ? 154 ASN A C   1 
ATOM   627  O O   . ASN A 1 80  ? 16.395  10.209  -0.133  1.00 11.41 ? 154 ASN A O   1 
ATOM   628  C CB  . ASN A 1 80  ? 16.776  10.234  -3.352  1.00 9.64  ? 154 ASN A CB  1 
ATOM   629  C CG  . ASN A 1 80  ? 17.638  9.577   -4.437  1.00 11.97 ? 154 ASN A CG  1 
ATOM   630  O OD1 . ASN A 1 80  ? 18.483  8.709   -4.186  1.00 8.81  ? 154 ASN A OD1 1 
ATOM   631  N ND2 . ASN A 1 80  ? 17.358  9.991   -5.684  1.00 7.29  ? 154 ASN A ND2 1 
ATOM   632  N N   . ALA A 1 81  ? 14.475  10.502  -1.099  1.00 3.01  ? 155 ALA A N   1 
ATOM   633  C CA  . ALA A 1 81  ? 13.917  11.116  0.082   1.00 2.00  ? 155 ALA A CA  1 
ATOM   634  C C   . ALA A 1 81  ? 13.858  10.192  1.257   1.00 3.47  ? 155 ALA A C   1 
ATOM   635  O O   . ALA A 1 81  ? 14.060  10.628  2.381   1.00 4.25  ? 155 ALA A O   1 
ATOM   636  C CB  . ALA A 1 81  ? 12.519  11.549  -0.141  1.00 3.30  ? 155 ALA A CB  1 
ATOM   637  N N   . ALA A 1 82  ? 13.534  8.928   1.038   1.00 3.85  ? 156 ALA A N   1 
ATOM   638  C CA  . ALA A 1 82  ? 13.520  7.925   2.089   1.00 4.25  ? 156 ALA A CA  1 
ATOM   639  C C   . ALA A 1 82  ? 14.879  7.787   2.727   1.00 5.03  ? 156 ALA A C   1 
ATOM   640  O O   . ALA A 1 82  ? 14.978  7.483   3.908   1.00 5.09  ? 156 ALA A O   1 
ATOM   641  C CB  . ALA A 1 82  ? 13.127  6.555   1.546   1.00 2.25  ? 156 ALA A CB  1 
ATOM   642  N N   . GLU A 1 83  ? 15.958  7.966   1.976   1.00 8.35  ? 157 GLU A N   1 
ATOM   643  C CA  . GLU A 1 83  ? 17.301  7.978   2.527   1.00 7.22  ? 157 GLU A CA  1 
ATOM   644  C C   . GLU A 1 83  ? 17.551  9.218   3.411   1.00 9.39  ? 157 GLU A C   1 
ATOM   645  O O   . GLU A 1 83  ? 18.373  9.218   4.329   1.00 12.18 ? 157 GLU A O   1 
ATOM   646  C CB  . GLU A 1 83  ? 18.261  7.979   1.401   1.00 8.07  ? 157 GLU A CB  1 
ATOM   647  C CG  . GLU A 1 83  ? 18.227  6.745   0.529   1.00 17.35 ? 157 GLU A CG  1 
ATOM   648  C CD  . GLU A 1 83  ? 19.600  6.185   0.203   1.00 18.17 ? 157 GLU A CD  1 
ATOM   649  O OE1 . GLU A 1 83  ? 20.571  6.915   0.307   1.00 26.06 ? 157 GLU A OE1 1 
ATOM   650  O OE2 . GLU A 1 83  ? 19.727  5.018   -0.160  1.00 21.69 ? 157 GLU A OE2 1 
ATOM   651  N N   . TYR A 1 84  ? 16.913  10.344  3.135   1.00 9.05  ? 158 TYR A N   1 
ATOM   652  C CA  . TYR A 1 84  ? 17.014  11.547  3.902   1.00 8.04  ? 158 TYR A CA  1 
ATOM   653  C C   . TYR A 1 84  ? 16.265  11.265  5.190   1.00 10.18 ? 158 TYR A C   1 
ATOM   654  O O   . TYR A 1 84  ? 16.790  11.549  6.262   1.00 13.49 ? 158 TYR A O   1 
ATOM   655  C CB  . TYR A 1 84  ? 16.341  12.671  3.148   1.00 9.25  ? 158 TYR A CB  1 
ATOM   656  C CG  . TYR A 1 84  ? 16.190  13.925  3.955   1.00 5.84  ? 158 TYR A CG  1 
ATOM   657  C CD1 . TYR A 1 84  ? 17.262  14.803  4.090   1.00 5.52  ? 158 TYR A CD1 1 
ATOM   658  C CD2 . TYR A 1 84  ? 14.985  14.189  4.577   1.00 8.63  ? 158 TYR A CD2 1 
ATOM   659  C CE1 . TYR A 1 84  ? 17.121  15.955  4.857   1.00 6.31  ? 158 TYR A CE1 1 
ATOM   660  C CE2 . TYR A 1 84  ? 14.831  15.345  5.369   1.00 6.90  ? 158 TYR A CE2 1 
ATOM   661  C CZ  . TYR A 1 84  ? 15.904  16.222  5.491   1.00 8.77  ? 158 TYR A CZ  1 
ATOM   662  O OH  . TYR A 1 84  ? 15.736  17.381  6.225   1.00 11.25 ? 158 TYR A OH  1 
ATOM   663  N N   . LEU A 1 85  ? 15.021  10.791  5.175   1.00 9.32  ? 159 LEU A N   1 
ATOM   664  C CA  . LEU A 1 85  ? 14.262  10.458  6.380   1.00 5.51  ? 159 LEU A CA  1 
ATOM   665  C C   . LEU A 1 85  ? 14.988  9.478   7.288   1.00 7.35  ? 159 LEU A C   1 
ATOM   666  O O   . LEU A 1 85  ? 14.880  9.542   8.518   1.00 10.11 ? 159 LEU A O   1 
ATOM   667  C CB  . LEU A 1 85  ? 12.923  9.874   5.987   1.00 2.00  ? 159 LEU A CB  1 
ATOM   668  C CG  . LEU A 1 85  ? 12.075  10.868  5.277   1.00 2.73  ? 159 LEU A CG  1 
ATOM   669  C CD1 . LEU A 1 85  ? 10.863  10.216  4.711   1.00 2.00  ? 159 LEU A CD1 1 
ATOM   670  C CD2 . LEU A 1 85  ? 11.702  11.960  6.261   1.00 2.27  ? 159 LEU A CD2 1 
ATOM   671  N N   . LEU A 1 86  ? 15.799  8.598   6.741   1.00 7.97  ? 160 LEU A N   1 
ATOM   672  C CA  . LEU A 1 86  ? 16.550  7.635   7.493   1.00 5.81  ? 160 LEU A CA  1 
ATOM   673  C C   . LEU A 1 86  ? 18.018  7.978   7.558   1.00 8.03  ? 160 LEU A C   1 
ATOM   674  O O   . LEU A 1 86  ? 18.875  7.101   7.511   1.00 12.66 ? 160 LEU A O   1 
ATOM   675  C CB  . LEU A 1 86  ? 16.289  6.262   6.835   1.00 6.72  ? 160 LEU A CB  1 
ATOM   676  C CG  . LEU A 1 86  ? 14.874  5.634   6.878   1.00 3.11  ? 160 LEU A CG  1 
ATOM   677  C CD1 . LEU A 1 86  ? 14.903  4.392   6.039   1.00 3.54  ? 160 LEU A CD1 1 
ATOM   678  C CD2 . LEU A 1 86  ? 14.440  5.291   8.283   1.00 2.00  ? 160 LEU A CD2 1 
ATOM   679  N N   . SER A 1 87  ? 18.415  9.247   7.689   1.00 13.09 ? 161 SER A N   1 
ATOM   680  C CA  . SER A 1 87  ? 19.848  9.584   7.843   1.00 12.19 ? 161 SER A CA  1 
ATOM   681  C C   . SER A 1 87  ? 20.288  9.625   9.307   1.00 13.40 ? 161 SER A C   1 
ATOM   682  O O   . SER A 1 87  ? 21.418  10.013  9.645   1.00 15.27 ? 161 SER A O   1 
ATOM   683  C CB  . SER A 1 87  ? 20.177  10.943  7.191   1.00 6.65  ? 161 SER A CB  1 
ATOM   684  O OG  . SER A 1 87  ? 19.247  12.010  7.372   1.00 7.46  ? 161 SER A OG  1 
ATOM   685  N N   . SER A 1 88  ? 19.362  9.222   10.178  1.00 13.32 ? 162 SER A N   1 
ATOM   686  C CA  . SER A 1 88  ? 19.543  9.123   11.601  1.00 13.52 ? 162 SER A CA  1 
ATOM   687  C C   . SER A 1 88  ? 18.562  8.040   12.078  1.00 13.20 ? 162 SER A C   1 
ATOM   688  O O   . SER A 1 88  ? 17.452  7.860   11.568  1.00 13.08 ? 162 SER A O   1 
ATOM   689  C CB  . SER A 1 88  ? 19.220  10.446  12.316  1.00 11.87 ? 162 SER A CB  1 
ATOM   690  O OG  . SER A 1 88  ? 17.871  10.939  12.308  1.00 18.69 ? 162 SER A OG  1 
ATOM   691  N N   . GLY A 1 89  ? 19.005  7.225   13.009  1.00 11.96 ? 163 GLY A N   1 
ATOM   692  C CA  . GLY A 1 89  ? 18.157  6.249   13.622  1.00 11.63 ? 163 GLY A CA  1 
ATOM   693  C C   . GLY A 1 89  ? 19.030  5.047   13.885  1.00 12.82 ? 163 GLY A C   1 
ATOM   694  O O   . GLY A 1 89  ? 20.115  4.890   13.294  1.00 15.30 ? 163 GLY A O   1 
ATOM   695  N N   . ILE A 1 90  ? 18.506  4.222   14.788  1.00 11.67 ? 164 ILE A N   1 
ATOM   696  C CA  . ILE A 1 90  ? 19.195  3.013   15.164  1.00 11.58 ? 164 ILE A CA  1 
ATOM   697  C C   . ILE A 1 90  ? 18.985  1.951   14.126  1.00 9.53  ? 164 ILE A C   1 
ATOM   698  O O   . ILE A 1 90  ? 18.245  2.118   13.164  1.00 11.90 ? 164 ILE A O   1 
ATOM   699  C CB  . ILE A 1 90  ? 18.699  2.477   16.499  1.00 13.80 ? 164 ILE A CB  1 
ATOM   700  C CG1 . ILE A 1 90  ? 17.251  2.104   16.432  1.00 15.18 ? 164 ILE A CG1 1 
ATOM   701  C CG2 . ILE A 1 90  ? 18.910  3.548   17.559  1.00 14.65 ? 164 ILE A CG2 1 
ATOM   702  C CD1 . ILE A 1 90  ? 16.887  1.223   17.644  1.00 20.20 ? 164 ILE A CD1 1 
ATOM   703  N N   . ASN A 1 91  ? 19.607  0.817   14.333  1.00 8.15  ? 165 ASN A N   1 
ATOM   704  C CA  . ASN A 1 91  ? 19.435  -0.297  13.451  1.00 6.52  ? 165 ASN A CA  1 
ATOM   705  C C   . ASN A 1 91  ? 18.033  -0.793  13.547  1.00 8.10  ? 165 ASN A C   1 
ATOM   706  O O   . ASN A 1 91  ? 17.456  -1.038  14.622  1.00 8.78  ? 165 ASN A O   1 
ATOM   707  C CB  . ASN A 1 91  ? 20.382  -1.406  13.817  1.00 6.16  ? 165 ASN A CB  1 
ATOM   708  C CG  . ASN A 1 91  ? 21.799  -0.890  13.627  1.00 8.49  ? 165 ASN A CG  1 
ATOM   709  O OD1 . ASN A 1 91  ? 22.739  -1.571  13.979  1.00 10.93 ? 165 ASN A OD1 1 
ATOM   710  N ND2 . ASN A 1 91  ? 22.116  0.318   13.153  1.00 4.87  ? 165 ASN A ND2 1 
ATOM   711  N N   . GLY A 1 92  ? 17.495  -0.837  12.342  1.00 6.48  ? 166 GLY A N   1 
ATOM   712  C CA  . GLY A 1 92  ? 16.187  -1.381  12.132  1.00 3.75  ? 166 GLY A CA  1 
ATOM   713  C C   . GLY A 1 92  ? 15.198  -0.332  11.805  1.00 2.59  ? 166 GLY A C   1 
ATOM   714  O O   . GLY A 1 92  ? 14.104  -0.714  11.441  1.00 2.97  ? 166 GLY A O   1 
ATOM   715  N N   . SER A 1 93  ? 15.501  0.958   11.928  1.00 4.59  ? 167 SER A N   1 
ATOM   716  C CA  . SER A 1 93  ? 14.527  2.026   11.656  1.00 5.32  ? 167 SER A CA  1 
ATOM   717  C C   . SER A 1 93  ? 14.035  1.881   10.234  1.00 2.66  ? 167 SER A C   1 
ATOM   718  O O   . SER A 1 93  ? 14.865  1.511   9.427   1.00 5.56  ? 167 SER A O   1 
ATOM   719  C CB  . SER A 1 93  ? 15.217  3.387   11.882  1.00 7.59  ? 167 SER A CB  1 
ATOM   720  O OG  . SER A 1 93  ? 15.794  3.449   13.176  1.00 2.00  ? 167 SER A OG  1 
ATOM   721  N N   . PHE A 1 94  ? 12.819  2.175   9.841   1.00 2.00  ? 168 PHE A N   1 
ATOM   722  C CA  . PHE A 1 94  ? 12.344  1.699   8.570   1.00 2.00  ? 168 PHE A CA  1 
ATOM   723  C C   . PHE A 1 94  ? 11.153  2.544   8.207   1.00 2.00  ? 168 PHE A C   1 
ATOM   724  O O   . PHE A 1 94  ? 10.658  3.332   9.029   1.00 4.17  ? 168 PHE A O   1 
ATOM   725  C CB  . PHE A 1 94  ? 11.971  0.168   8.736   1.00 3.36  ? 168 PHE A CB  1 
ATOM   726  C CG  . PHE A 1 94  ? 10.581  -0.172  9.230   1.00 2.00  ? 168 PHE A CG  1 
ATOM   727  C CD1 . PHE A 1 94  ? 10.300  -0.214  10.588  1.00 2.00  ? 168 PHE A CD1 1 
ATOM   728  C CD2 . PHE A 1 94  ? 9.567   -0.393  8.319   1.00 2.00  ? 168 PHE A CD2 1 
ATOM   729  C CE1 . PHE A 1 94  ? 9.006   -0.466  11.040  1.00 2.00  ? 168 PHE A CE1 1 
ATOM   730  C CE2 . PHE A 1 94  ? 8.280   -0.639  8.769   1.00 2.00  ? 168 PHE A CE2 1 
ATOM   731  C CZ  . PHE A 1 94  ? 8.002   -0.679  10.125  1.00 2.00  ? 168 PHE A CZ  1 
ATOM   732  N N   . LEU A 1 95  ? 10.555  2.281   7.074   1.00 2.00  ? 169 LEU A N   1 
ATOM   733  C CA  . LEU A 1 95  ? 9.444   3.061   6.551   1.00 3.75  ? 169 LEU A CA  1 
ATOM   734  C C   . LEU A 1 95  ? 8.936   2.259   5.359   1.00 3.83  ? 169 LEU A C   1 
ATOM   735  O O   . LEU A 1 95  ? 9.723   1.526   4.750   1.00 6.39  ? 169 LEU A O   1 
ATOM   736  C CB  . LEU A 1 95  ? 10.124  4.395   6.266   1.00 2.89  ? 169 LEU A CB  1 
ATOM   737  C CG  . LEU A 1 95  ? 10.053  5.463   5.236   1.00 3.32  ? 169 LEU A CG  1 
ATOM   738  C CD1 . LEU A 1 95  ? 11.174  6.393   5.568   1.00 2.00  ? 169 LEU A CD1 1 
ATOM   739  C CD2 . LEU A 1 95  ? 10.338  5.021   3.873   1.00 3.41  ? 169 LEU A CD2 1 
ATOM   740  N N   . VAL A 1 96  ? 7.662   2.277   5.029   1.00 2.76  ? 170 VAL A N   1 
ATOM   741  C CA  . VAL A 1 96  ? 7.141   1.636   3.845   1.00 2.31  ? 170 VAL A CA  1 
ATOM   742  C C   . VAL A 1 96  ? 6.710   2.834   3.013   1.00 4.88  ? 170 VAL A C   1 
ATOM   743  O O   . VAL A 1 96  ? 6.078   3.780   3.496   1.00 2.91  ? 170 VAL A O   1 
ATOM   744  C CB  . VAL A 1 96  ? 5.947   0.784   4.223   1.00 4.04  ? 170 VAL A CB  1 
ATOM   745  C CG1 . VAL A 1 96  ? 5.283   0.184   3.030   1.00 7.44  ? 170 VAL A CG1 1 
ATOM   746  C CG2 . VAL A 1 96  ? 6.443   -0.353  5.094   1.00 5.03  ? 170 VAL A CG2 1 
ATOM   747  N N   . ARG A 1 97  ? 7.028   2.844   1.738   1.00 5.72  ? 171 ARG A N   1 
ATOM   748  C CA  . ARG A 1 97  ? 6.729   3.929   0.833   1.00 2.73  ? 171 ARG A CA  1 
ATOM   749  C C   . ARG A 1 97  ? 6.143   3.321   -0.436  1.00 6.87  ? 171 ARG A C   1 
ATOM   750  O O   . ARG A 1 97  ? 6.367   2.155   -0.802  1.00 8.33  ? 171 ARG A O   1 
ATOM   751  C CB  . ARG A 1 97  ? 8.015   4.656   0.519   1.00 4.90  ? 171 ARG A CB  1 
ATOM   752  C CG  . ARG A 1 97  ? 9.180   3.807   0.002   1.00 2.00  ? 171 ARG A CG  1 
ATOM   753  C CD  . ARG A 1 97  ? 10.542  4.557   -0.031  1.00 4.31  ? 171 ARG A CD  1 
ATOM   754  N NE  . ARG A 1 97  ? 11.687  3.729   -0.487  1.00 4.23  ? 171 ARG A NE  1 
ATOM   755  C CZ  . ARG A 1 97  ? 11.893  3.464   -1.773  1.00 2.00  ? 171 ARG A CZ  1 
ATOM   756  N NH1 . ARG A 1 97  ? 11.071  3.962   -2.692  1.00 5.71  ? 171 ARG A NH1 1 
ATOM   757  N NH2 . ARG A 1 97  ? 12.851  2.635   -2.145  1.00 2.00  ? 171 ARG A NH2 1 
ATOM   758  N N   . GLU A 1 98  ? 5.367   4.156   -1.086  1.00 4.93  ? 172 GLU A N   1 
ATOM   759  C CA  . GLU A 1 98  ? 4.728   3.889   -2.332  1.00 6.44  ? 172 GLU A CA  1 
ATOM   760  C C   . GLU A 1 98  ? 5.544   4.572   -3.374  1.00 8.45  ? 172 GLU A C   1 
ATOM   761  O O   . GLU A 1 98  ? 6.181   5.603   -3.191  1.00 7.73  ? 172 GLU A O   1 
ATOM   762  C CB  . GLU A 1 98  ? 3.366   4.505   -2.497  1.00 5.47  ? 172 GLU A CB  1 
ATOM   763  C CG  . GLU A 1 98  ? 2.297   3.950   -1.606  1.00 10.59 ? 172 GLU A CG  1 
ATOM   764  C CD  . GLU A 1 98  ? 1.095   4.864   -1.480  1.00 14.73 ? 172 GLU A CD  1 
ATOM   765  O OE1 . GLU A 1 98  ? 0.936   5.771   -2.300  1.00 16.21 ? 172 GLU A OE1 1 
ATOM   766  O OE2 . GLU A 1 98  ? 0.316   4.678   -0.548  1.00 14.56 ? 172 GLU A OE2 1 
ATOM   767  N N   . SER A 1 99  ? 5.457   4.036   -4.555  1.00 14.88 ? 173 SER A N   1 
ATOM   768  C CA  . SER A 1 99  ? 6.038   4.722   -5.670  1.00 19.90 ? 173 SER A CA  1 
ATOM   769  C C   . SER A 1 99  ? 5.165   5.961   -5.870  1.00 23.76 ? 173 SER A C   1 
ATOM   770  O O   . SER A 1 99  ? 3.980   6.012   -5.531  1.00 25.19 ? 173 SER A O   1 
ATOM   771  C CB  . SER A 1 99  ? 5.985   3.835   -6.868  1.00 15.38 ? 173 SER A CB  1 
ATOM   772  O OG  . SER A 1 99  ? 6.770   4.454   -7.850  1.00 22.13 ? 173 SER A OG  1 
ATOM   773  N N   . GLU A 1 100 ? 5.766   6.986   -6.436  1.00 27.69 ? 174 GLU A N   1 
ATOM   774  C CA  . GLU A 1 100 ? 5.041   8.203   -6.674  1.00 31.76 ? 174 GLU A CA  1 
ATOM   775  C C   . GLU A 1 100 ? 4.033   7.957   -7.806  1.00 34.54 ? 174 GLU A C   1 
ATOM   776  O O   . GLU A 1 100 ? 2.929   8.493   -7.763  1.00 36.28 ? 174 GLU A O   1 
ATOM   777  C CB  . GLU A 1 100 ? 6.075   9.297   -7.000  1.00 34.09 ? 174 GLU A CB  1 
ATOM   778  C CG  . GLU A 1 100 ? 7.271   9.258   -6.020  1.00 37.75 ? 174 GLU A CG  1 
ATOM   779  C CD  . GLU A 1 100 ? 7.905   10.593  -5.603  1.00 39.54 ? 174 GLU A CD  1 
ATOM   780  O OE1 . GLU A 1 100 ? 7.362   11.295  -4.736  1.00 39.63 ? 174 GLU A OE1 1 
ATOM   781  O OE2 . GLU A 1 100 ? 8.974   10.909  -6.128  1.00 39.66 ? 174 GLU A OE2 1 
ATOM   782  N N   . SER A 1 101 ? 4.365   7.156   -8.829  1.00 37.52 ? 175 SER A N   1 
ATOM   783  C CA  . SER A 1 101 ? 3.446   6.839   -9.929  1.00 38.39 ? 175 SER A CA  1 
ATOM   784  C C   . SER A 1 101 ? 2.410   5.810   -9.494  1.00 37.45 ? 175 SER A C   1 
ATOM   785  O O   . SER A 1 101 ? 1.263   6.179   -9.231  1.00 40.00 ? 175 SER A O   1 
ATOM   786  C CB  . SER A 1 101 ? 4.249   6.314   -11.130 1.00 40.10 ? 175 SER A CB  1 
ATOM   787  O OG  . SER A 1 101 ? 5.368   5.514   -10.717 1.00 41.63 ? 175 SER A OG  1 
ATOM   788  N N   . SER A 1 102 ? 2.740   4.523   -9.355  1.00 35.53 ? 176 SER A N   1 
ATOM   789  C CA  . SER A 1 102 ? 1.737   3.596   -8.875  1.00 35.31 ? 176 SER A CA  1 
ATOM   790  C C   . SER A 1 102 ? 1.788   3.454   -7.356  1.00 32.45 ? 176 SER A C   1 
ATOM   791  O O   . SER A 1 102 ? 2.785   2.966   -6.817  1.00 35.61 ? 176 SER A O   1 
ATOM   792  C CB  . SER A 1 102 ? 1.935   2.240   -9.533  1.00 38.89 ? 176 SER A CB  1 
ATOM   793  O OG  . SER A 1 102 ? 0.772   1.422   -9.351  1.00 43.63 ? 176 SER A OG  1 
ATOM   794  N N   . PRO A 1 103 ? 0.747   3.779   -6.599  1.00 29.24 ? 177 PRO A N   1 
ATOM   795  C CA  . PRO A 1 103 ? 0.616   3.409   -5.192  1.00 27.44 ? 177 PRO A CA  1 
ATOM   796  C C   . PRO A 1 103 ? 0.670   1.884   -4.939  1.00 27.24 ? 177 PRO A C   1 
ATOM   797  O O   . PRO A 1 103 ? 0.669   1.435   -3.783  1.00 28.23 ? 177 PRO A O   1 
ATOM   798  C CB  . PRO A 1 103 ? -0.707  4.014   -4.756  1.00 26.19 ? 177 PRO A CB  1 
ATOM   799  C CG  . PRO A 1 103 ? -0.956  5.102   -5.758  1.00 25.39 ? 177 PRO A CG  1 
ATOM   800  C CD  . PRO A 1 103 ? -0.408  4.539   -7.051  1.00 27.37 ? 177 PRO A CD  1 
ATOM   801  N N   . GLY A 1 104 ? 0.677   1.035   -5.978  1.00 24.75 ? 178 GLY A N   1 
ATOM   802  C CA  . GLY A 1 104 ? 0.772   -0.394  -5.775  1.00 21.47 ? 178 GLY A CA  1 
ATOM   803  C C   . GLY A 1 104 ? 2.219   -0.865  -5.641  1.00 18.76 ? 178 GLY A C   1 
ATOM   804  O O   . GLY A 1 104 ? 2.451   -1.957  -5.150  1.00 22.17 ? 178 GLY A O   1 
ATOM   805  N N   . GLN A 1 105 ? 3.247   -0.123  -6.042  1.00 18.07 ? 179 GLN A N   1 
ATOM   806  C CA  . GLN A 1 105 ? 4.643   -0.565  -5.982  1.00 16.57 ? 179 GLN A CA  1 
ATOM   807  C C   . GLN A 1 105 ? 5.145   -0.050  -4.619  1.00 13.90 ? 179 GLN A C   1 
ATOM   808  O O   . GLN A 1 105 ? 5.329   1.158   -4.435  1.00 12.85 ? 179 GLN A O   1 
ATOM   809  C CB  . GLN A 1 105 ? 5.366   0.075   -7.215  1.00 21.22 ? 179 GLN A CB  1 
ATOM   810  C CG  . GLN A 1 105 ? 6.777   -0.326  -7.751  1.00 30.38 ? 179 GLN A CG  1 
ATOM   811  C CD  . GLN A 1 105 ? 7.328   0.629   -8.843  1.00 34.64 ? 179 GLN A CD  1 
ATOM   812  O OE1 . GLN A 1 105 ? 8.031   1.608   -8.558  1.00 36.24 ? 179 GLN A OE1 1 
ATOM   813  N NE2 . GLN A 1 105 ? 7.060   0.458   -10.142 1.00 36.20 ? 179 GLN A NE2 1 
ATOM   814  N N   . ARG A 1 106 ? 5.263   -0.884  -3.603  1.00 10.12 ? 180 ARG A N   1 
ATOM   815  C CA  . ARG A 1 106 ? 5.801   -0.452  -2.358  1.00 5.18  ? 180 ARG A CA  1 
ATOM   816  C C   . ARG A 1 106 ? 7.178   -1.005  -2.169  1.00 6.08  ? 180 ARG A C   1 
ATOM   817  O O   . ARG A 1 106 ? 7.551   -2.039  -2.751  1.00 7.21  ? 180 ARG A O   1 
ATOM   818  C CB  . ARG A 1 106 ? 5.066   -0.935  -1.192  1.00 8.77  ? 180 ARG A CB  1 
ATOM   819  C CG  . ARG A 1 106 ? 3.833   -0.208  -0.838  1.00 10.34 ? 180 ARG A CG  1 
ATOM   820  C CD  . ARG A 1 106 ? 2.810   -0.601  -1.826  1.00 11.12 ? 180 ARG A CD  1 
ATOM   821  N NE  . ARG A 1 106 ? 1.642   -0.272  -1.124  1.00 13.76 ? 180 ARG A NE  1 
ATOM   822  C CZ  . ARG A 1 106 ? 0.991   -1.234  -0.473  1.00 21.82 ? 180 ARG A CZ  1 
ATOM   823  N NH1 . ARG A 1 106 ? 1.387   -2.519  -0.480  1.00 17.04 ? 180 ARG A NH1 1 
ATOM   824  N NH2 . ARG A 1 106 ? -0.032  -0.847  0.305   1.00 23.94 ? 180 ARG A NH2 1 
ATOM   825  N N   . SER A 1 107 ? 7.905   -0.297  -1.309  1.00 4.75  ? 181 SER A N   1 
ATOM   826  C CA  . SER A 1 107 ? 9.221   -0.702  -0.887  1.00 5.14  ? 181 SER A CA  1 
ATOM   827  C C   . SER A 1 107 ? 9.320   -0.585  0.623   1.00 3.85  ? 181 SER A C   1 
ATOM   828  O O   . SER A 1 107 ? 8.448   -0.004  1.257   1.00 3.08  ? 181 SER A O   1 
ATOM   829  C CB  . SER A 1 107 ? 10.293  0.179   -1.469  1.00 4.56  ? 181 SER A CB  1 
ATOM   830  O OG  . SER A 1 107 ? 10.326  -0.020  -2.864  1.00 9.80  ? 181 SER A OG  1 
ATOM   831  N N   . ILE A 1 108 ? 10.348  -1.129  1.223   1.00 2.00  ? 182 ILE A N   1 
ATOM   832  C CA  . ILE A 1 108 ? 10.590  -0.967  2.620   1.00 2.00  ? 182 ILE A CA  1 
ATOM   833  C C   . ILE A 1 108 ? 11.925  -0.248  2.578   1.00 2.00  ? 182 ILE A C   1 
ATOM   834  O O   . ILE A 1 108 ? 12.770  -0.652  1.781   1.00 2.00  ? 182 ILE A O   1 
ATOM   835  C CB  . ILE A 1 108 ? 10.670  -2.396  3.281   1.00 2.31  ? 182 ILE A CB  1 
ATOM   836  C CG1 . ILE A 1 108 ? 9.327   -2.979  3.338   1.00 2.53  ? 182 ILE A CG1 1 
ATOM   837  C CG2 . ILE A 1 108 ? 11.209  -2.345  4.688   1.00 2.00  ? 182 ILE A CG2 1 
ATOM   838  C CD1 . ILE A 1 108 ? 9.322   -4.365  3.944   1.00 9.11  ? 182 ILE A CD1 1 
ATOM   839  N N   . SER A 1 109 ? 12.219  0.824   3.289   1.00 2.00  ? 183 SER A N   1 
ATOM   840  C CA  . SER A 1 109 ? 13.595  1.303   3.360   1.00 3.03  ? 183 SER A CA  1 
ATOM   841  C C   . SER A 1 109 ? 14.008  1.053   4.786   1.00 2.80  ? 183 SER A C   1 
ATOM   842  O O   . SER A 1 109 ? 13.237  1.330   5.700   1.00 2.00  ? 183 SER A O   1 
ATOM   843  C CB  . SER A 1 109 ? 13.698  2.771   3.065   1.00 2.00  ? 183 SER A CB  1 
ATOM   844  O OG  . SER A 1 109 ? 13.288  2.831   1.703   1.00 6.63  ? 183 SER A OG  1 
ATOM   845  N N   . LEU A 1 110 ? 15.224  0.569   4.991   1.00 5.29  ? 184 LEU A N   1 
ATOM   846  C CA  . LEU A 1 110 ? 15.695  0.162   6.301   1.00 3.91  ? 184 LEU A CA  1 
ATOM   847  C C   . LEU A 1 110 ? 17.095  0.639   6.634   1.00 5.17  ? 184 LEU A C   1 
ATOM   848  O O   . LEU A 1 110 ? 17.996  0.429   5.827   1.00 5.09  ? 184 LEU A O   1 
ATOM   849  C CB  . LEU A 1 110 ? 15.620  -1.319  6.285   1.00 4.14  ? 184 LEU A CB  1 
ATOM   850  C CG  . LEU A 1 110 ? 16.189  -2.209  7.293   1.00 5.04  ? 184 LEU A CG  1 
ATOM   851  C CD1 . LEU A 1 110 ? 15.347  -2.067  8.519   1.00 5.58  ? 184 LEU A CD1 1 
ATOM   852  C CD2 . LEU A 1 110 ? 16.153  -3.638  6.799   1.00 3.79  ? 184 LEU A CD2 1 
ATOM   853  N N   . ARG A 1 111 ? 17.294  1.243   7.806   1.00 4.64  ? 185 ARG A N   1 
ATOM   854  C CA  . ARG A 1 111 ? 18.609  1.614   8.253   1.00 6.66  ? 185 ARG A CA  1 
ATOM   855  C C   . ARG A 1 111 ? 19.320  0.496   9.041   1.00 7.54  ? 185 ARG A C   1 
ATOM   856  O O   . ARG A 1 111 ? 18.851  -0.092  10.017  1.00 7.33  ? 185 ARG A O   1 
ATOM   857  C CB  . ARG A 1 111 ? 18.499  2.876   9.090   1.00 6.06  ? 185 ARG A CB  1 
ATOM   858  C CG  . ARG A 1 111 ? 19.900  3.126   9.528   1.00 11.27 ? 185 ARG A CG  1 
ATOM   859  C CD  . ARG A 1 111 ? 20.196  4.477   10.114  1.00 18.18 ? 185 ARG A CD  1 
ATOM   860  N NE  . ARG A 1 111 ? 20.815  5.250   9.063   1.00 20.79 ? 185 ARG A NE  1 
ATOM   861  C CZ  . ARG A 1 111 ? 21.681  6.198   9.326   1.00 19.15 ? 185 ARG A CZ  1 
ATOM   862  N NH1 . ARG A 1 111 ? 22.043  6.509   10.575  1.00 15.50 ? 185 ARG A NH1 1 
ATOM   863  N NH2 . ARG A 1 111 ? 22.161  6.812   8.255   1.00 24.39 ? 185 ARG A NH2 1 
ATOM   864  N N   . TYR A 1 112 ? 20.512  0.160   8.623   1.00 9.40  ? 186 TYR A N   1 
ATOM   865  C CA  . TYR A 1 112 ? 21.274  -0.799  9.344   1.00 12.05 ? 186 TYR A CA  1 
ATOM   866  C C   . TYR A 1 112 ? 22.700  -0.337  9.240   1.00 13.79 ? 186 TYR A C   1 
ATOM   867  O O   . TYR A 1 112 ? 23.292  -0.142  8.192   1.00 16.34 ? 186 TYR A O   1 
ATOM   868  C CB  . TYR A 1 112 ? 21.109  -2.154  8.736   1.00 13.63 ? 186 TYR A CB  1 
ATOM   869  C CG  . TYR A 1 112 ? 22.032  -3.142  9.403   1.00 11.17 ? 186 TYR A CG  1 
ATOM   870  C CD1 . TYR A 1 112 ? 21.779  -3.579  10.688  1.00 12.48 ? 186 TYR A CD1 1 
ATOM   871  C CD2 . TYR A 1 112 ? 23.137  -3.597  8.714   1.00 16.39 ? 186 TYR A CD2 1 
ATOM   872  C CE1 . TYR A 1 112 ? 22.640  -4.488  11.294  1.00 17.02 ? 186 TYR A CE1 1 
ATOM   873  C CE2 . TYR A 1 112 ? 24.013  -4.505  9.305   1.00 19.81 ? 186 TYR A CE2 1 
ATOM   874  C CZ  . TYR A 1 112 ? 23.757  -4.944  10.592  1.00 18.41 ? 186 TYR A CZ  1 
ATOM   875  O OH  . TYR A 1 112 ? 24.631  -5.835  11.162  1.00 22.50 ? 186 TYR A OH  1 
ATOM   876  N N   . GLU A 1 113 ? 23.194  -0.066  10.421  1.00 17.29 ? 187 GLU A N   1 
ATOM   877  C CA  . GLU A 1 113 ? 24.560  0.324   10.678  1.00 17.53 ? 187 GLU A CA  1 
ATOM   878  C C   . GLU A 1 113 ? 25.021  1.479   9.810   1.00 17.88 ? 187 GLU A C   1 
ATOM   879  O O   . GLU A 1 113 ? 26.026  1.388   9.114   1.00 20.26 ? 187 GLU A O   1 
ATOM   880  C CB  . GLU A 1 113 ? 25.424  -0.943  10.495  1.00 21.45 ? 187 GLU A CB  1 
ATOM   881  C CG  . GLU A 1 113 ? 26.622  -1.101  11.435  1.00 25.46 ? 187 GLU A CG  1 
ATOM   882  C CD  . GLU A 1 113 ? 26.350  -1.307  12.930  1.00 28.19 ? 187 GLU A CD  1 
ATOM   883  O OE1 . GLU A 1 113 ? 25.595  -2.211  13.276  1.00 32.41 ? 187 GLU A OE1 1 
ATOM   884  O OE2 . GLU A 1 113 ? 26.898  -0.577  13.765  1.00 32.50 ? 187 GLU A OE2 1 
ATOM   885  N N   . GLY A 1 114 ? 24.271  2.581   9.806   1.00 17.13 ? 188 GLY A N   1 
ATOM   886  C CA  . GLY A 1 114 ? 24.723  3.766   9.107   1.00 14.43 ? 188 GLY A CA  1 
ATOM   887  C C   . GLY A 1 114 ? 24.311  3.883   7.657   1.00 14.73 ? 188 GLY A C   1 
ATOM   888  O O   . GLY A 1 114 ? 24.420  4.977   7.094   1.00 16.30 ? 188 GLY A O   1 
ATOM   889  N N   . ARG A 1 115 ? 23.842  2.838   6.996   1.00 13.83 ? 189 ARG A N   1 
ATOM   890  C CA  . ARG A 1 115 ? 23.374  3.009   5.649   1.00 11.86 ? 189 ARG A CA  1 
ATOM   891  C C   . ARG A 1 115 ? 21.998  2.441   5.530   1.00 8.17  ? 189 ARG A C   1 
ATOM   892  O O   . ARG A 1 115 ? 21.584  1.688   6.398   1.00 8.31  ? 189 ARG A O   1 
ATOM   893  C CB  . ARG A 1 115 ? 24.308  2.335   4.663   1.00 19.20 ? 189 ARG A CB  1 
ATOM   894  C CG  . ARG A 1 115 ? 24.971  1.034   5.018   1.00 28.03 ? 189 ARG A CG  1 
ATOM   895  C CD  . ARG A 1 115 ? 25.949  0.748   3.892   1.00 36.20 ? 189 ARG A CD  1 
ATOM   896  N NE  . ARG A 1 115 ? 25.279  0.220   2.710   1.00 41.85 ? 189 ARG A NE  1 
ATOM   897  C CZ  . ARG A 1 115 ? 25.644  0.552   1.467   1.00 45.87 ? 189 ARG A CZ  1 
ATOM   898  N NH1 . ARG A 1 115 ? 26.655  1.413   1.242   1.00 47.84 ? 189 ARG A NH1 1 
ATOM   899  N NH2 . ARG A 1 115 ? 25.002  -0.020  0.435   1.00 47.66 ? 189 ARG A NH2 1 
ATOM   900  N N   . VAL A 1 116 ? 21.310  2.861   4.474   1.00 6.91  ? 190 VAL A N   1 
ATOM   901  C CA  . VAL A 1 116 ? 19.936  2.531   4.179   1.00 6.89  ? 190 VAL A CA  1 
ATOM   902  C C   . VAL A 1 116 ? 19.908  1.422   3.141   1.00 8.10  ? 190 VAL A C   1 
ATOM   903  O O   . VAL A 1 116 ? 20.680  1.537   2.185   1.00 11.04 ? 190 VAL A O   1 
ATOM   904  C CB  . VAL A 1 116 ? 19.239  3.809   3.653   1.00 4.95  ? 190 VAL A CB  1 
ATOM   905  C CG1 . VAL A 1 116 ? 17.830  3.496   3.181   1.00 2.00  ? 190 VAL A CG1 1 
ATOM   906  C CG2 . VAL A 1 116 ? 19.230  4.841   4.760   1.00 2.00  ? 190 VAL A CG2 1 
ATOM   907  N N   . TYR A 1 117 ? 19.055  0.377   3.264   1.00 9.38  ? 191 TYR A N   1 
ATOM   908  C CA  . TYR A 1 117 ? 18.902  -0.755  2.336   1.00 7.02  ? 191 TYR A CA  1 
ATOM   909  C C   . TYR A 1 117 ? 17.509  -0.724  1.769   1.00 5.12  ? 191 TYR A C   1 
ATOM   910  O O   . TYR A 1 117 ? 16.610  -0.422  2.552   1.00 8.57  ? 191 TYR A O   1 
ATOM   911  C CB  . TYR A 1 117 ? 19.087  -2.044  3.072   1.00 7.49  ? 191 TYR A CB  1 
ATOM   912  C CG  . TYR A 1 117 ? 20.510  -2.146  3.516   1.00 7.18  ? 191 TYR A CG  1 
ATOM   913  C CD1 . TYR A 1 117 ? 20.903  -1.594  4.743   1.00 6.71  ? 191 TYR A CD1 1 
ATOM   914  C CD2 . TYR A 1 117 ? 21.404  -2.770  2.658   1.00 6.01  ? 191 TYR A CD2 1 
ATOM   915  C CE1 . TYR A 1 117 ? 22.244  -1.667  5.126   1.00 7.82  ? 191 TYR A CE1 1 
ATOM   916  C CE2 . TYR A 1 117 ? 22.746  -2.833  3.050   1.00 10.57 ? 191 TYR A CE2 1 
ATOM   917  C CZ  . TYR A 1 117 ? 23.152  -2.288  4.271   1.00 7.19  ? 191 TYR A CZ  1 
ATOM   918  O OH  . TYR A 1 117 ? 24.464  -2.403  4.618   1.00 11.97 ? 191 TYR A OH  1 
ATOM   919  N N   . HIS A 1 118 ? 17.206  -0.952  0.498   1.00 4.31  ? 192 HIS A N   1 
ATOM   920  C CA  . HIS A 1 118 ? 15.837  -0.774  -0.003  1.00 4.69  ? 192 HIS A CA  1 
ATOM   921  C C   . HIS A 1 118 ? 15.306  -2.066  -0.513  1.00 5.67  ? 192 HIS A C   1 
ATOM   922  O O   . HIS A 1 118 ? 16.127  -2.727  -1.158  1.00 10.95 ? 192 HIS A O   1 
ATOM   923  C CB  . HIS A 1 118 ? 15.763  0.218   -1.152  1.00 4.68  ? 192 HIS A CB  1 
ATOM   924  C CG  . HIS A 1 118 ? 16.127  1.614   -0.694  1.00 4.08  ? 192 HIS A CG  1 
ATOM   925  N ND1 . HIS A 1 118 ? 15.306  2.549   -0.185  1.00 4.96  ? 192 HIS A ND1 1 
ATOM   926  C CD2 . HIS A 1 118 ? 17.412  2.082   -0.677  1.00 2.00  ? 192 HIS A CD2 1 
ATOM   927  C CE1 . HIS A 1 118 ? 16.060  3.568   0.146   1.00 2.44  ? 192 HIS A CE1 1 
ATOM   928  N NE2 . HIS A 1 118 ? 17.307  3.272   -0.147  1.00 2.45  ? 192 HIS A NE2 1 
ATOM   929  N N   . TYR A 1 119 ? 14.028  -2.428  -0.316  1.00 4.44  ? 193 TYR A N   1 
ATOM   930  C CA  . TYR A 1 119 ? 13.522  -3.750  -0.632  1.00 3.82  ? 193 TYR A CA  1 
ATOM   931  C C   . TYR A 1 119 ? 12.182  -3.591  -1.289  1.00 4.30  ? 193 TYR A C   1 
ATOM   932  O O   . TYR A 1 119 ? 11.345  -2.942  -0.676  1.00 7.13  ? 193 TYR A O   1 
ATOM   933  C CB  . TYR A 1 119 ? 13.305  -4.630  0.649   1.00 2.20  ? 193 TYR A CB  1 
ATOM   934  C CG  . TYR A 1 119 ? 14.563  -4.928  1.469   1.00 3.06  ? 193 TYR A CG  1 
ATOM   935  C CD1 . TYR A 1 119 ? 15.321  -6.039  1.092   1.00 5.45  ? 193 TYR A CD1 1 
ATOM   936  C CD2 . TYR A 1 119 ? 14.999  -4.093  2.502   1.00 2.00  ? 193 TYR A CD2 1 
ATOM   937  C CE1 . TYR A 1 119 ? 16.513  -6.330  1.722   1.00 2.00  ? 193 TYR A CE1 1 
ATOM   938  C CE2 . TYR A 1 119 ? 16.199  -4.370  3.140   1.00 2.53  ? 193 TYR A CE2 1 
ATOM   939  C CZ  . TYR A 1 119 ? 16.947  -5.495  2.735   1.00 7.90  ? 193 TYR A CZ  1 
ATOM   940  O OH  . TYR A 1 119 ? 18.169  -5.818  3.323   1.00 13.96 ? 193 TYR A OH  1 
ATOM   941  N N   . ARG A 1 120 ? 11.906  -4.185  -2.430  1.00 5.21  ? 194 ARG A N   1 
ATOM   942  C CA  . ARG A 1 120 ? 10.618  -4.154  -3.055  1.00 9.33  ? 194 ARG A CA  1 
ATOM   943  C C   . ARG A 1 120 ? 9.695   -5.113  -2.329  1.00 8.36  ? 194 ARG A C   1 
ATOM   944  O O   . ARG A 1 120 ? 10.158  -6.151  -1.881  1.00 6.50  ? 194 ARG A O   1 
ATOM   945  C CB  . ARG A 1 120 ? 10.764  -4.564  -4.518  1.00 17.20 ? 194 ARG A CB  1 
ATOM   946  C CG  . ARG A 1 120 ? 9.894   -3.753  -5.481  1.00 28.25 ? 194 ARG A CG  1 
ATOM   947  C CD  . ARG A 1 120 ? 10.747  -3.108  -6.605  1.00 40.75 ? 194 ARG A CD  1 
ATOM   948  N NE  . ARG A 1 120 ? 10.194  -1.820  -7.065  1.00 48.21 ? 194 ARG A NE  1 
ATOM   949  C CZ  . ARG A 1 120 ? 10.653  -0.632  -6.612  1.00 51.10 ? 194 ARG A CZ  1 
ATOM   950  N NH1 . ARG A 1 120 ? 11.666  -0.527  -5.726  1.00 53.24 ? 194 ARG A NH1 1 
ATOM   951  N NH2 . ARG A 1 120 ? 10.000  0.489   -6.942  1.00 51.57 ? 194 ARG A NH2 1 
ATOM   952  N N   . ILE A 1 121 ? 8.421   -4.751  -2.181  1.00 8.75  ? 195 ILE A N   1 
ATOM   953  C CA  . ILE A 1 121 ? 7.421   -5.556  -1.530  1.00 8.25  ? 195 ILE A CA  1 
ATOM   954  C C   . ILE A 1 121 ? 6.672   -6.018  -2.755  1.00 12.23 ? 195 ILE A C   1 
ATOM   955  O O   . ILE A 1 121 ? 6.162   -5.245  -3.582  1.00 13.43 ? 195 ILE A O   1 
ATOM   956  C CB  . ILE A 1 121 ? 6.470   -4.718  -0.601  1.00 8.88  ? 195 ILE A CB  1 
ATOM   957  C CG1 . ILE A 1 121 ? 7.101   -4.398  0.742   1.00 2.85  ? 195 ILE A CG1 1 
ATOM   958  C CG2 . ILE A 1 121 ? 5.183   -5.510  -0.339  1.00 7.85  ? 195 ILE A CG2 1 
ATOM   959  C CD1 . ILE A 1 121 ? 6.140   -3.461  1.524   1.00 2.00  ? 195 ILE A CD1 1 
ATOM   960  N N   . ASN A 1 122 ? 6.618   -7.328  -2.913  1.00 16.26 ? 196 ASN A N   1 
ATOM   961  C CA  . ASN A 1 122 ? 5.952   -7.911  -4.081  1.00 14.78 ? 196 ASN A CA  1 
ATOM   962  C C   . ASN A 1 122 ? 4.511   -8.252  -3.775  1.00 14.13 ? 196 ASN A C   1 
ATOM   963  O O   . ASN A 1 122 ? 4.127   -8.460  -2.624  1.00 14.16 ? 196 ASN A O   1 
ATOM   964  C CB  . ASN A 1 122 ? 6.676   -9.171  -4.520  1.00 10.38 ? 196 ASN A CB  1 
ATOM   965  C CG  . ASN A 1 122 ? 8.168   -9.010  -4.783  1.00 11.33 ? 196 ASN A CG  1 
ATOM   966  O OD1 . ASN A 1 122 ? 9.075   -9.297  -4.001  1.00 13.20 ? 196 ASN A OD1 1 
ATOM   967  N ND2 . ASN A 1 122 ? 8.544   -8.533  -5.940  1.00 18.51 ? 196 ASN A ND2 1 
ATOM   968  N N   . THR A 1 123 ? 3.659   -8.232  -4.778  1.00 18.35 ? 197 THR A N   1 
ATOM   969  C CA  . THR A 1 123 ? 2.312   -8.731  -4.602  1.00 21.59 ? 197 THR A CA  1 
ATOM   970  C C   . THR A 1 123 ? 2.297   -9.977  -5.455  1.00 23.01 ? 197 THR A C   1 
ATOM   971  O O   . THR A 1 123 ? 2.731   -9.959  -6.602  1.00 26.04 ? 197 THR A O   1 
ATOM   972  C CB  . THR A 1 123 ? 1.286   -7.754  -5.124  1.00 21.07 ? 197 THR A CB  1 
ATOM   973  O OG1 . THR A 1 123 ? 1.558   -6.451  -4.598  1.00 22.33 ? 197 THR A OG1 1 
ATOM   974  C CG2 . THR A 1 123 ? -0.085  -8.175  -4.681  1.00 19.45 ? 197 THR A CG2 1 
ATOM   975  N N   . ALA A 1 124 ? 1.888   -11.106 -4.931  1.00 26.55 ? 198 ALA A N   1 
ATOM   976  C CA  . ALA A 1 124 ? 1.880   -12.365 -5.661  1.00 26.21 ? 198 ALA A CA  1 
ATOM   977  C C   . ALA A 1 124 ? 0.604   -12.433 -6.446  1.00 26.96 ? 198 ALA A C   1 
ATOM   978  O O   . ALA A 1 124 ? -0.308  -11.639 -6.181  1.00 26.40 ? 198 ALA A O   1 
ATOM   979  C CB  . ALA A 1 124 ? 1.901   -13.496 -4.695  1.00 24.90 ? 198 ALA A CB  1 
ATOM   980  N N   . SER A 1 125 ? 0.511   -13.437 -7.324  1.00 29.54 ? 199 SER A N   1 
ATOM   981  C CA  . SER A 1 125 ? -0.672  -13.700 -8.167  1.00 31.60 ? 199 SER A CA  1 
ATOM   982  C C   . SER A 1 125 ? -2.058  -13.532 -7.495  1.00 30.77 ? 199 SER A C   1 
ATOM   983  O O   . SER A 1 125 ? -2.969  -12.904 -8.040  1.00 30.81 ? 199 SER A O   1 
ATOM   984  C CB  . SER A 1 125 ? -0.498  -15.142 -8.747  1.00 34.50 ? 199 SER A CB  1 
ATOM   985  O OG  . SER A 1 125 ? 0.334   -16.004 -7.928  1.00 37.42 ? 199 SER A OG  1 
ATOM   986  N N   . ASP A 1 126 ? -2.166  -14.054 -6.257  1.00 28.71 ? 200 ASP A N   1 
ATOM   987  C CA  . ASP A 1 126 ? -3.350  -14.028 -5.409  1.00 25.76 ? 200 ASP A CA  1 
ATOM   988  C C   . ASP A 1 126 ? -3.557  -12.776 -4.615  1.00 24.14 ? 200 ASP A C   1 
ATOM   989  O O   . ASP A 1 126 ? -4.582  -12.633 -3.967  1.00 21.85 ? 200 ASP A O   1 
ATOM   990  C CB  . ASP A 1 126 ? -3.313  -15.171 -4.403  1.00 28.36 ? 200 ASP A CB  1 
ATOM   991  C CG  . ASP A 1 126 ? -2.001  -15.393 -3.642  1.00 31.20 ? 200 ASP A CG  1 
ATOM   992  O OD1 . ASP A 1 126 ? -1.151  -14.506 -3.598  1.00 29.17 ? 200 ASP A OD1 1 
ATOM   993  O OD2 . ASP A 1 126 ? -1.819  -16.485 -3.100  1.00 34.63 ? 200 ASP A OD2 1 
ATOM   994  N N   . GLY A 1 127 ? -2.549  -11.913 -4.546  1.00 25.51 ? 201 GLY A N   1 
ATOM   995  C CA  . GLY A 1 127 ? -2.604  -10.708 -3.694  1.00 24.13 ? 201 GLY A CA  1 
ATOM   996  C C   . GLY A 1 127 ? -1.727  -10.774 -2.429  1.00 20.36 ? 201 GLY A C   1 
ATOM   997  O O   . GLY A 1 127 ? -1.582  -9.783  -1.738  1.00 19.59 ? 201 GLY A O   1 
ATOM   998  N N   . LYS A 1 128 ? -1.136  -11.909 -2.078  1.00 17.70 ? 202 LYS A N   1 
ATOM   999  C CA  . LYS A 1 128 ? -0.288  -12.021 -0.927  1.00 14.85 ? 202 LYS A CA  1 
ATOM   1000 C C   . LYS A 1 128 ? 0.939   -11.184 -1.174  1.00 16.42 ? 202 LYS A C   1 
ATOM   1001 O O   . LYS A 1 128 ? 1.459   -11.103 -2.284  1.00 16.78 ? 202 LYS A O   1 
ATOM   1002 C CB  . LYS A 1 128 ? 0.117   -13.434 -0.710  1.00 12.22 ? 202 LYS A CB  1 
ATOM   1003 C CG  . LYS A 1 128 ? -0.990  -14.096 0.048   1.00 12.70 ? 202 LYS A CG  1 
ATOM   1004 C CD  . LYS A 1 128 ? -0.626  -15.569 0.135   1.00 20.04 ? 202 LYS A CD  1 
ATOM   1005 C CE  . LYS A 1 128 ? -1.389  -16.275 1.247   1.00 20.40 ? 202 LYS A CE  1 
ATOM   1006 N NZ  . LYS A 1 128 ? -0.955  -15.815 2.557   1.00 22.94 ? 202 LYS A NZ  1 
ATOM   1007 N N   . LEU A 1 129 ? 1.299   -10.497 -0.111  1.00 14.26 ? 203 LEU A N   1 
ATOM   1008 C CA  . LEU A 1 129 ? 2.424   -9.614  -0.056  1.00 11.19 ? 203 LEU A CA  1 
ATOM   1009 C C   . LEU A 1 129 ? 3.592   -10.423 0.419   1.00 12.01 ? 203 LEU A C   1 
ATOM   1010 O O   . LEU A 1 129 ? 3.441   -11.297 1.278   1.00 12.28 ? 203 LEU A O   1 
ATOM   1011 C CB  . LEU A 1 129 ? 2.175   -8.536  0.942   1.00 8.64  ? 203 LEU A CB  1 
ATOM   1012 C CG  . LEU A 1 129 ? 1.393   -7.326  0.602   1.00 9.11  ? 203 LEU A CG  1 
ATOM   1013 C CD1 . LEU A 1 129 ? -0.003  -7.624  0.159   1.00 9.04  ? 203 LEU A CD1 1 
ATOM   1014 C CD2 . LEU A 1 129 ? 1.321   -6.529  1.877   1.00 9.83  ? 203 LEU A CD2 1 
ATOM   1015 N N   . TYR A 1 130 ? 4.775   -10.127 -0.079  1.00 11.24 ? 204 TYR A N   1 
ATOM   1016 C CA  . TYR A 1 130 ? 5.922   -10.800 0.439   1.00 10.41 ? 204 TYR A CA  1 
ATOM   1017 C C   . TYR A 1 130 ? 7.152   -10.024 0.020   1.00 12.76 ? 204 TYR A C   1 
ATOM   1018 O O   . TYR A 1 130 ? 7.068   -9.158  -0.840  1.00 11.72 ? 204 TYR A O   1 
ATOM   1019 C CB  . TYR A 1 130 ? 5.878   -12.246 -0.099  1.00 9.96  ? 204 TYR A CB  1 
ATOM   1020 C CG  . TYR A 1 130 ? 6.086   -12.476 -1.591  1.00 5.81  ? 204 TYR A CG  1 
ATOM   1021 C CD1 . TYR A 1 130 ? 5.040   -12.403 -2.508  1.00 5.64  ? 204 TYR A CD1 1 
ATOM   1022 C CD2 . TYR A 1 130 ? 7.380   -12.739 -2.038  1.00 5.55  ? 204 TYR A CD2 1 
ATOM   1023 C CE1 . TYR A 1 130 ? 5.322   -12.582 -3.864  1.00 4.68  ? 204 TYR A CE1 1 
ATOM   1024 C CE2 . TYR A 1 130 ? 7.659   -12.917 -3.383  1.00 4.19  ? 204 TYR A CE2 1 
ATOM   1025 C CZ  . TYR A 1 130 ? 6.627   -12.841 -4.277  1.00 5.49  ? 204 TYR A CZ  1 
ATOM   1026 O OH  . TYR A 1 130 ? 6.933   -13.025 -5.611  1.00 14.65 ? 204 TYR A OH  1 
ATOM   1027 N N   . VAL A 1 131 ? 8.268   -10.311 0.682   1.00 16.12 ? 205 VAL A N   1 
ATOM   1028 C CA  . VAL A 1 131 ? 9.609   -9.761  0.460   1.00 16.74 ? 205 VAL A CA  1 
ATOM   1029 C C   . VAL A 1 131 ? 10.460  -11.015 0.186   1.00 18.18 ? 205 VAL A C   1 
ATOM   1030 O O   . VAL A 1 131 ? 11.204  -11.103 -0.791  1.00 21.24 ? 205 VAL A O   1 
ATOM   1031 C CB  . VAL A 1 131 ? 10.070  -8.979  1.757   1.00 15.36 ? 205 VAL A CB  1 
ATOM   1032 C CG1 . VAL A 1 131 ? 11.505  -8.543  1.701   1.00 12.61 ? 205 VAL A CG1 1 
ATOM   1033 C CG2 . VAL A 1 131 ? 9.269   -7.707  1.868   1.00 12.04 ? 205 VAL A CG2 1 
ATOM   1034 N N   . SER A 1 132 ? 10.390  -12.034 1.059   1.00 18.88 ? 206 SER A N   1 
ATOM   1035 C CA  . SER A 1 132 ? 10.941  -13.363 0.771   1.00 17.15 ? 206 SER A CA  1 
ATOM   1036 C C   . SER A 1 132 ? 9.811   -14.229 0.227   1.00 15.90 ? 206 SER A C   1 
ATOM   1037 O O   . SER A 1 132 ? 8.685   -14.164 0.718   1.00 15.02 ? 206 SER A O   1 
ATOM   1038 C CB  . SER A 1 132 ? 11.495  -13.979 2.031   1.00 15.03 ? 206 SER A CB  1 
ATOM   1039 O OG  . SER A 1 132 ? 12.578  -13.116 2.297   1.00 19.36 ? 206 SER A OG  1 
ATOM   1040 N N   . SER A 1 133 ? 10.093  -15.067 -0.766  1.00 19.09 ? 207 SER A N   1 
ATOM   1041 C CA  . SER A 1 133 ? 9.088   -15.874 -1.443  1.00 21.55 ? 207 SER A CA  1 
ATOM   1042 C C   . SER A 1 133 ? 8.307   -16.878 -0.626  1.00 21.14 ? 207 SER A C   1 
ATOM   1043 O O   . SER A 1 133 ? 7.166   -17.075 -1.019  1.00 20.12 ? 207 SER A O   1 
ATOM   1044 C CB  . SER A 1 133 ? 9.704   -16.633 -2.659  1.00 21.96 ? 207 SER A CB  1 
ATOM   1045 O OG  . SER A 1 133 ? 8.706   -17.206 -3.541  1.00 21.70 ? 207 SER A OG  1 
ATOM   1046 N N   . GLU A 1 134 ? 8.797   -17.554 0.425   1.00 24.33 ? 208 GLU A N   1 
ATOM   1047 C CA  . GLU A 1 134 ? 7.934   -18.482 1.179   1.00 27.56 ? 208 GLU A CA  1 
ATOM   1048 C C   . GLU A 1 134 ? 7.129   -17.799 2.305   1.00 26.29 ? 208 GLU A C   1 
ATOM   1049 O O   . GLU A 1 134 ? 6.067   -18.267 2.766   1.00 28.22 ? 208 GLU A O   1 
ATOM   1050 C CB  . GLU A 1 134 ? 8.810   -19.675 1.746   1.00 32.80 ? 208 GLU A CB  1 
ATOM   1051 C CG  . GLU A 1 134 ? 8.675   -21.111 1.077   1.00 34.66 ? 208 GLU A CG  1 
ATOM   1052 C CD  . GLU A 1 134 ? 9.770   -21.530 0.075   1.00 38.49 ? 208 GLU A CD  1 
ATOM   1053 O OE1 . GLU A 1 134 ? 9.814   -21.012 -1.049  1.00 37.67 ? 208 GLU A OE1 1 
ATOM   1054 O OE2 . GLU A 1 134 ? 10.585  -22.399 0.416   1.00 41.75 ? 208 GLU A OE2 1 
ATOM   1055 N N   . SER A 1 135 ? 7.561   -16.596 2.707   1.00 25.10 ? 209 SER A N   1 
ATOM   1056 C CA  . SER A 1 135 ? 6.918   -15.834 3.760   1.00 19.38 ? 209 SER A CA  1 
ATOM   1057 C C   . SER A 1 135 ? 5.997   -14.834 3.079   1.00 16.94 ? 209 SER A C   1 
ATOM   1058 O O   . SER A 1 135 ? 6.447   -13.730 2.780   1.00 17.81 ? 209 SER A O   1 
ATOM   1059 C CB  . SER A 1 135 ? 8.047   -15.183 4.574   1.00 17.66 ? 209 SER A CB  1 
ATOM   1060 O OG  . SER A 1 135 ? 9.129   -16.075 4.898   1.00 12.96 ? 209 SER A OG  1 
ATOM   1061 N N   . ARG A 1 136 ? 4.742   -15.223 2.809   1.00 14.98 ? 210 ARG A N   1 
ATOM   1062 C CA  . ARG A 1 136 ? 3.744   -14.381 2.162   1.00 13.19 ? 210 ARG A CA  1 
ATOM   1063 C C   . ARG A 1 136 ? 2.613   -14.094 3.138   1.00 13.95 ? 210 ARG A C   1 
ATOM   1064 O O   . ARG A 1 136 ? 2.220   -14.932 3.974   1.00 15.54 ? 210 ARG A O   1 
ATOM   1065 C CB  . ARG A 1 136 ? 3.131   -15.049 0.936   1.00 12.02 ? 210 ARG A CB  1 
ATOM   1066 C CG  . ARG A 1 136 ? 4.179   -15.436 -0.060  1.00 9.79  ? 210 ARG A CG  1 
ATOM   1067 C CD  . ARG A 1 136 ? 3.545   -15.785 -1.336  1.00 9.06  ? 210 ARG A CD  1 
ATOM   1068 N NE  . ARG A 1 136 ? 4.681   -16.156 -2.138  1.00 10.29 ? 210 ARG A NE  1 
ATOM   1069 C CZ  . ARG A 1 136 ? 4.675   -16.256 -3.481  1.00 16.10 ? 210 ARG A CZ  1 
ATOM   1070 N NH1 . ARG A 1 136 ? 3.594   -16.026 -4.253  1.00 9.11  ? 210 ARG A NH1 1 
ATOM   1071 N NH2 . ARG A 1 136 ? 5.837   -16.569 -4.063  1.00 16.31 ? 210 ARG A NH2 1 
ATOM   1072 N N   . PHE A 1 137 ? 2.015   -12.915 3.045   1.00 12.33 ? 211 PHE A N   1 
ATOM   1073 C CA  . PHE A 1 137 ? 1.089   -12.484 4.059   1.00 11.82 ? 211 PHE A CA  1 
ATOM   1074 C C   . PHE A 1 137 ? -0.083  -11.858 3.377   1.00 13.30 ? 211 PHE A C   1 
ATOM   1075 O O   . PHE A 1 137 ? 0.035   -11.451 2.224   1.00 14.90 ? 211 PHE A O   1 
ATOM   1076 C CB  . PHE A 1 137 ? 1.705   -11.424 4.947   1.00 11.59 ? 211 PHE A CB  1 
ATOM   1077 C CG  . PHE A 1 137 ? 3.022   -11.914 5.513   1.00 16.02 ? 211 PHE A CG  1 
ATOM   1078 C CD1 . PHE A 1 137 ? 3.038   -12.738 6.636   1.00 13.37 ? 211 PHE A CD1 1 
ATOM   1079 C CD2 . PHE A 1 137 ? 4.220   -11.546 4.881   1.00 17.64 ? 211 PHE A CD2 1 
ATOM   1080 C CE1 . PHE A 1 137 ? 4.263   -13.188 7.113   1.00 12.99 ? 211 PHE A CE1 1 
ATOM   1081 C CE2 . PHE A 1 137 ? 5.436   -12.004 5.377   1.00 16.04 ? 211 PHE A CE2 1 
ATOM   1082 C CZ  . PHE A 1 137 ? 5.453   -12.822 6.490   1.00 13.35 ? 211 PHE A CZ  1 
ATOM   1083 N N   . ASN A 1 138 ? -1.174  -11.662 4.106   1.00 14.66 ? 212 ASN A N   1 
ATOM   1084 C CA  . ASN A 1 138 ? -2.341  -11.049 3.505   1.00 17.85 ? 212 ASN A CA  1 
ATOM   1085 C C   . ASN A 1 138 ? -2.372  -9.555  3.621   1.00 15.56 ? 212 ASN A C   1 
ATOM   1086 O O   . ASN A 1 138 ? -2.937  -8.851  2.791   1.00 17.19 ? 212 ASN A O   1 
ATOM   1087 C CB  . ASN A 1 138 ? -3.621  -11.558 4.133   1.00 24.84 ? 212 ASN A CB  1 
ATOM   1088 C CG  . ASN A 1 138 ? -4.642  -11.909 3.036   1.00 35.67 ? 212 ASN A CG  1 
ATOM   1089 O OD1 . ASN A 1 138 ? -4.808  -13.094 2.684   1.00 36.08 ? 212 ASN A OD1 1 
ATOM   1090 N ND2 . ASN A 1 138 ? -5.353  -10.929 2.441   1.00 40.29 ? 212 ASN A ND2 1 
ATOM   1091 N N   . THR A 1 139 ? -1.769  -9.067  4.690   1.00 13.16 ? 213 THR A N   1 
ATOM   1092 C CA  . THR A 1 139 ? -1.821  -7.682  4.992   1.00 7.78  ? 213 THR A CA  1 
ATOM   1093 C C   . THR A 1 139 ? -0.385  -7.265  5.189   1.00 6.56  ? 213 THR A C   1 
ATOM   1094 O O   . THR A 1 139 ? 0.524   -8.063  5.492   1.00 5.85  ? 213 THR A O   1 
ATOM   1095 C CB  . THR A 1 139 ? -2.754  -7.591  6.222   1.00 7.71  ? 213 THR A CB  1 
ATOM   1096 O OG1 . THR A 1 139 ? -2.519  -6.352  6.827   1.00 17.27 ? 213 THR A OG1 1 
ATOM   1097 C CG2 . THR A 1 139 ? -2.486  -8.574  7.292   1.00 11.72 ? 213 THR A CG2 1 
ATOM   1098 N N   . LEU A 1 140 ? -0.187  -5.959  4.984   1.00 6.64  ? 214 LEU A N   1 
ATOM   1099 C CA  . LEU A 1 140 ? 1.102   -5.312  5.151   1.00 6.34  ? 214 LEU A CA  1 
ATOM   1100 C C   . LEU A 1 140 ? 1.500   -5.346  6.595   1.00 7.30  ? 214 LEU A C   1 
ATOM   1101 O O   . LEU A 1 140 ? 2.664   -5.544  6.912   1.00 10.71 ? 214 LEU A O   1 
ATOM   1102 C CB  . LEU A 1 140 ? 1.053   -3.883  4.749   1.00 3.66  ? 214 LEU A CB  1 
ATOM   1103 C CG  . LEU A 1 140 ? 1.951   -3.462  3.653   1.00 8.41  ? 214 LEU A CG  1 
ATOM   1104 C CD1 . LEU A 1 140 ? 1.805   -1.979  3.417   1.00 7.63  ? 214 LEU A CD1 1 
ATOM   1105 C CD2 . LEU A 1 140 ? 3.346   -3.823  4.018   1.00 6.19  ? 214 LEU A CD2 1 
ATOM   1106 N N   . ALA A 1 141 ? 0.536   -5.213  7.491   1.00 5.98  ? 215 ALA A N   1 
ATOM   1107 C CA  . ALA A 1 141 ? 0.797   -5.184  8.930   1.00 5.39  ? 215 ALA A CA  1 
ATOM   1108 C C   . ALA A 1 141 ? 1.319   -6.483  9.399   1.00 3.80  ? 215 ALA A C   1 
ATOM   1109 O O   . ALA A 1 141 ? 2.082   -6.578  10.342  1.00 8.99  ? 215 ALA A O   1 
ATOM   1110 C CB  . ALA A 1 141 ? -0.436  -4.961  9.730   1.00 4.13  ? 215 ALA A CB  1 
ATOM   1111 N N   . GLU A 1 142 ? 0.929   -7.519  8.725   1.00 7.25  ? 216 GLU A N   1 
ATOM   1112 C CA  . GLU A 1 142 ? 1.401   -8.834  9.047   1.00 9.59  ? 216 GLU A CA  1 
ATOM   1113 C C   . GLU A 1 142 ? 2.807   -9.000  8.512   1.00 7.90  ? 216 GLU A C   1 
ATOM   1114 O O   . GLU A 1 142 ? 3.667   -9.556  9.189   1.00 12.15 ? 216 GLU A O   1 
ATOM   1115 C CB  . GLU A 1 142 ? 0.490   -9.770  8.416   1.00 13.70 ? 216 GLU A CB  1 
ATOM   1116 C CG  . GLU A 1 142 ? -0.070  -10.758 9.335   1.00 18.03 ? 216 GLU A CG  1 
ATOM   1117 C CD  . GLU A 1 142 ? -0.450  -11.894 8.447   1.00 22.40 ? 216 GLU A CD  1 
ATOM   1118 O OE1 . GLU A 1 142 ? -1.475  -11.782 7.786   1.00 25.15 ? 216 GLU A OE1 1 
ATOM   1119 O OE2 . GLU A 1 142 ? 0.306   -12.862 8.403   1.00 27.46 ? 216 GLU A OE2 1 
ATOM   1120 N N   . LEU A 1 143 ? 3.099   -8.546  7.300   1.00 6.03  ? 217 LEU A N   1 
ATOM   1121 C CA  . LEU A 1 143 ? 4.458   -8.550  6.825   1.00 4.71  ? 217 LEU A CA  1 
ATOM   1122 C C   . LEU A 1 143 ? 5.383   -7.798  7.775   1.00 7.18  ? 217 LEU A C   1 
ATOM   1123 O O   . LEU A 1 143 ? 6.495   -8.290  8.071   1.00 8.85  ? 217 LEU A O   1 
ATOM   1124 C CB  . LEU A 1 143 ? 4.429   -7.922  5.484   1.00 4.81  ? 217 LEU A CB  1 
ATOM   1125 C CG  . LEU A 1 143 ? 5.636   -7.934  4.583   1.00 8.32  ? 217 LEU A CG  1 
ATOM   1126 C CD1 . LEU A 1 143 ? 5.045   -7.656  3.239   1.00 2.66  ? 217 LEU A CD1 1 
ATOM   1127 C CD2 . LEU A 1 143 ? 6.753   -6.915  4.939   1.00 3.86  ? 217 LEU A CD2 1 
ATOM   1128 N N   . VAL A 1 144 ? 4.986   -6.637  8.348   1.00 7.11  ? 218 VAL A N   1 
ATOM   1129 C CA  . VAL A 1 144 ? 5.983   -5.919  9.125   1.00 10.92 ? 218 VAL A CA  1 
ATOM   1130 C C   . VAL A 1 144 ? 6.153   -6.484  10.514  1.00 12.75 ? 218 VAL A C   1 
ATOM   1131 O O   . VAL A 1 144 ? 7.257   -6.452  11.093  1.00 12.96 ? 218 VAL A O   1 
ATOM   1132 C CB  . VAL A 1 144 ? 5.717   -4.319  9.202   1.00 12.51 ? 218 VAL A CB  1 
ATOM   1133 C CG1 . VAL A 1 144 ? 5.059   -3.933  7.878   1.00 5.06  ? 218 VAL A CG1 1 
ATOM   1134 C CG2 . VAL A 1 144 ? 5.115   -3.893  10.519  1.00 7.29  ? 218 VAL A CG2 1 
ATOM   1135 N N   . HIS A 1 145 ? 5.076   -7.035  11.071  1.00 13.73 ? 219 HIS A N   1 
ATOM   1136 C CA  . HIS A 1 145 ? 5.246   -7.778  12.322  1.00 12.56 ? 219 HIS A CA  1 
ATOM   1137 C C   . HIS A 1 145 ? 6.140   -8.998  12.126  1.00 9.66  ? 219 HIS A C   1 
ATOM   1138 O O   . HIS A 1 145 ? 7.074   -9.217  12.909  1.00 14.48 ? 219 HIS A O   1 
ATOM   1139 C CB  . HIS A 1 145 ? 3.911   -8.261  12.886  1.00 14.14 ? 219 HIS A CB  1 
ATOM   1140 C CG  . HIS A 1 145 ? 3.071   -7.123  13.390  1.00 12.87 ? 219 HIS A CG  1 
ATOM   1141 N ND1 . HIS A 1 145 ? 1.752   -7.160  13.497  1.00 12.87 ? 219 HIS A ND1 1 
ATOM   1142 C CD2 . HIS A 1 145 ? 3.512   -5.886  13.789  1.00 12.34 ? 219 HIS A CD2 1 
ATOM   1143 C CE1 . HIS A 1 145 ? 1.348   -5.983  13.946  1.00 12.43 ? 219 HIS A CE1 1 
ATOM   1144 N NE2 . HIS A 1 145 ? 2.408   -5.232  14.117  1.00 13.41 ? 219 HIS A NE2 1 
ATOM   1145 N N   . HIS A 1 146 ? 5.960   -9.767  11.061  1.00 7.16  ? 220 HIS A N   1 
ATOM   1146 C CA  . HIS A 1 146 ? 6.814   -10.880 10.810  1.00 2.86  ? 220 HIS A CA  1 
ATOM   1147 C C   . HIS A 1 146 ? 8.227   -10.394 10.649  1.00 4.24  ? 220 HIS A C   1 
ATOM   1148 O O   . HIS A 1 146 ? 9.136   -10.961 11.230  1.00 5.67  ? 220 HIS A O   1 
ATOM   1149 C CB  . HIS A 1 146 ? 6.367   -11.526 9.583   1.00 5.58  ? 220 HIS A CB  1 
ATOM   1150 C CG  . HIS A 1 146 ? 7.283   -12.707 9.275   1.00 6.75  ? 220 HIS A CG  1 
ATOM   1151 N ND1 . HIS A 1 146 ? 7.341   -13.849 9.943   1.00 3.70  ? 220 HIS A ND1 1 
ATOM   1152 C CD2 . HIS A 1 146 ? 8.218   -12.754 8.264   1.00 8.00  ? 220 HIS A CD2 1 
ATOM   1153 C CE1 . HIS A 1 146 ? 8.255   -14.585 9.404   1.00 5.33  ? 220 HIS A CE1 1 
ATOM   1154 N NE2 . HIS A 1 146 ? 8.773   -13.917 8.398   1.00 10.15 ? 220 HIS A NE2 1 
ATOM   1155 N N   . HIS A 1 147 ? 8.478   -9.347  9.868   1.00 5.25  ? 221 HIS A N   1 
ATOM   1156 C CA  . HIS A 1 147 ? 9.844   -8.886  9.716   1.00 5.25  ? 221 HIS A CA  1 
ATOM   1157 C C   . HIS A 1 147 ? 10.438  -8.106  10.884  1.00 5.04  ? 221 HIS A C   1 
ATOM   1158 O O   . HIS A 1 147 ? 11.616  -7.802  10.935  1.00 2.00  ? 221 HIS A O   1 
ATOM   1159 C CB  . HIS A 1 147 ? 9.832   -8.144  8.404   1.00 7.17  ? 221 HIS A CB  1 
ATOM   1160 C CG  . HIS A 1 147 ? 9.870   -9.209  7.305   1.00 3.94  ? 221 HIS A CG  1 
ATOM   1161 N ND1 . HIS A 1 147 ? 10.866  -10.061 7.092   1.00 2.00  ? 221 HIS A ND1 1 
ATOM   1162 C CD2 . HIS A 1 147 ? 8.909   -9.443  6.364   1.00 2.00  ? 221 HIS A CD2 1 
ATOM   1163 C CE1 . HIS A 1 147 ? 10.560  -10.800 6.058   1.00 2.00  ? 221 HIS A CE1 1 
ATOM   1164 N NE2 . HIS A 1 147 ? 9.381   -10.429 5.622   1.00 4.10  ? 221 HIS A NE2 1 
ATOM   1165 N N   . SER A 1 148 ? 9.627   -7.734  11.858  1.00 5.97  ? 222 SER A N   1 
ATOM   1166 C CA  . SER A 1 148 ? 10.115  -7.239  13.123  1.00 4.98  ? 222 SER A CA  1 
ATOM   1167 C C   . SER A 1 148 ? 10.541  -8.403  13.962  1.00 2.00  ? 222 SER A C   1 
ATOM   1168 O O   . SER A 1 148 ? 11.517  -8.287  14.686  1.00 5.54  ? 222 SER A O   1 
ATOM   1169 C CB  . SER A 1 148 ? 9.068   -6.522  13.920  1.00 3.38  ? 222 SER A CB  1 
ATOM   1170 O OG  . SER A 1 148 ? 8.770   -5.360  13.234  1.00 5.32  ? 222 SER A OG  1 
ATOM   1171 N N   . THR A 1 149 ? 9.823   -9.501  13.991  1.00 2.97  ? 223 THR A N   1 
ATOM   1172 C CA  . THR A 1 149 ? 10.308  -10.591 14.794  1.00 3.86  ? 223 THR A CA  1 
ATOM   1173 C C   . THR A 1 149 ? 11.595  -11.259 14.275  1.00 5.41  ? 223 THR A C   1 
ATOM   1174 O O   . THR A 1 149 ? 12.555  -11.554 15.046  1.00 4.95  ? 223 THR A O   1 
ATOM   1175 C CB  . THR A 1 149 ? 9.177   -11.586 14.926  1.00 2.34  ? 223 THR A CB  1 
ATOM   1176 O OG1 . THR A 1 149 ? 7.902   -11.014 15.196  1.00 2.70  ? 223 THR A OG1 1 
ATOM   1177 C CG2 . THR A 1 149 ? 9.495   -12.333 16.150  1.00 4.95  ? 223 THR A CG2 1 
ATOM   1178 N N   . VAL A 1 150 ? 11.599  -11.461 12.943  1.00 6.14  ? 224 VAL A N   1 
ATOM   1179 C CA  . VAL A 1 150 ? 12.694  -12.120 12.260  1.00 7.76  ? 224 VAL A CA  1 
ATOM   1180 C C   . VAL A 1 150 ? 13.015  -11.443 10.969  1.00 9.67  ? 224 VAL A C   1 
ATOM   1181 O O   . VAL A 1 150 ? 12.118  -11.050 10.226  1.00 12.23 ? 224 VAL A O   1 
ATOM   1182 C CB  . VAL A 1 150 ? 12.431  -13.550 11.873  1.00 8.56  ? 224 VAL A CB  1 
ATOM   1183 C CG1 . VAL A 1 150 ? 12.995  -14.392 13.018  1.00 12.44 ? 224 VAL A CG1 1 
ATOM   1184 C CG2 . VAL A 1 150 ? 10.948  -13.812 11.592  1.00 8.94  ? 224 VAL A CG2 1 
ATOM   1185 N N   . ALA A 1 151 ? 14.312  -11.352 10.714  1.00 9.05  ? 225 ALA A N   1 
ATOM   1186 C CA  . ALA A 1 151 ? 14.792  -10.670 9.541   1.00 9.32  ? 225 ALA A CA  1 
ATOM   1187 C C   . ALA A 1 151 ? 14.259  -11.410 8.335   1.00 10.02 ? 225 ALA A C   1 
ATOM   1188 O O   . ALA A 1 151 ? 13.388  -10.857 7.665   1.00 11.95 ? 225 ALA A O   1 
ATOM   1189 C CB  . ALA A 1 151 ? 16.300  -10.673 9.619   1.00 9.20  ? 225 ALA A CB  1 
ATOM   1190 N N   . ASP A 1 152 ? 14.704  -12.659 8.059   1.00 12.37 ? 226 ASP A N   1 
ATOM   1191 C CA  . ASP A 1 152 ? 14.171  -13.543 7.009   1.00 11.19 ? 226 ASP A CA  1 
ATOM   1192 C C   . ASP A 1 152 ? 14.122  -12.880 5.653   1.00 10.59 ? 226 ASP A C   1 
ATOM   1193 O O   . ASP A 1 152 ? 13.060  -12.612 5.106   1.00 12.61 ? 226 ASP A O   1 
ATOM   1194 C CB  . ASP A 1 152 ? 12.771  -14.011 7.470   1.00 10.04 ? 226 ASP A CB  1 
ATOM   1195 C CG  . ASP A 1 152 ? 12.017  -14.993 6.601   1.00 13.81 ? 226 ASP A CG  1 
ATOM   1196 O OD1 . ASP A 1 152 ? 12.607  -15.937 6.087   1.00 20.90 ? 226 ASP A OD1 1 
ATOM   1197 O OD2 . ASP A 1 152 ? 10.821  -14.830 6.435   1.00 13.62 ? 226 ASP A OD2 1 
ATOM   1198 N N   . GLY A 1 153 ? 15.264  -12.570 5.085   1.00 13.21 ? 227 GLY A N   1 
ATOM   1199 C CA  . GLY A 1 153 ? 15.274  -11.844 3.830   1.00 14.28 ? 227 GLY A CA  1 
ATOM   1200 C C   . GLY A 1 153 ? 15.998  -10.532 4.043   1.00 15.78 ? 227 GLY A C   1 
ATOM   1201 O O   . GLY A 1 153 ? 17.030  -10.290 3.440   1.00 18.34 ? 227 GLY A O   1 
ATOM   1202 N N   . LEU A 1 154 ? 15.540  -9.682  4.961   1.00 13.94 ? 228 LEU A N   1 
ATOM   1203 C CA  . LEU A 1 154 ? 16.138  -8.382  5.185   1.00 10.21 ? 228 LEU A CA  1 
ATOM   1204 C C   . LEU A 1 154 ? 17.525  -8.517  5.759   1.00 10.13 ? 228 LEU A C   1 
ATOM   1205 O O   . LEU A 1 154 ? 17.889  -9.620  6.139   1.00 10.96 ? 228 LEU A O   1 
ATOM   1206 C CB  . LEU A 1 154 ? 15.287  -7.600  6.143   1.00 7.26  ? 228 LEU A CB  1 
ATOM   1207 C CG  . LEU A 1 154 ? 13.845  -7.584  5.823   1.00 5.85  ? 228 LEU A CG  1 
ATOM   1208 C CD1 . LEU A 1 154 ? 13.203  -6.623  6.744   1.00 8.91  ? 228 LEU A CD1 1 
ATOM   1209 C CD2 . LEU A 1 154 ? 13.570  -7.057  4.469   1.00 8.87  ? 228 LEU A CD2 1 
ATOM   1210 N N   . ILE A 1 155 ? 18.283  -7.413  5.847   1.00 11.16 ? 229 ILE A N   1 
ATOM   1211 C CA  . ILE A 1 155 ? 19.587  -7.417  6.482   1.00 11.19 ? 229 ILE A CA  1 
ATOM   1212 C C   . ILE A 1 155 ? 19.561  -7.474  8.025   1.00 11.45 ? 229 ILE A C   1 
ATOM   1213 O O   . ILE A 1 155 ? 20.522  -7.914  8.701   1.00 8.97  ? 229 ILE A O   1 
ATOM   1214 C CB  . ILE A 1 155 ? 20.352  -6.165  5.969   1.00 12.91 ? 229 ILE A CB  1 
ATOM   1215 C CG1 . ILE A 1 155 ? 21.774  -6.303  6.463   1.00 11.37 ? 229 ILE A CG1 1 
ATOM   1216 C CG2 . ILE A 1 155 ? 19.791  -4.837  6.477   1.00 10.40 ? 229 ILE A CG2 1 
ATOM   1217 C CD1 . ILE A 1 155 ? 22.703  -5.645  5.475   1.00 15.13 ? 229 ILE A CD1 1 
ATOM   1218 N N   . THR A 1 156 ? 18.446  -6.998  8.613   1.00 10.79 ? 230 THR A N   1 
ATOM   1219 C CA  . THR A 1 156 ? 18.245  -7.011  10.054  1.00 6.63  ? 230 THR A CA  1 
ATOM   1220 C C   . THR A 1 156 ? 16.743  -6.947  10.228  1.00 5.78  ? 230 THR A C   1 
ATOM   1221 O O   . THR A 1 156 ? 15.995  -6.916  9.234   1.00 4.06  ? 230 THR A O   1 
ATOM   1222 C CB  . THR A 1 156 ? 18.981  -5.789  10.671  1.00 9.75  ? 230 THR A CB  1 
ATOM   1223 O OG1 . THR A 1 156 ? 19.005  -6.124  12.048  1.00 14.56 ? 230 THR A OG1 1 
ATOM   1224 C CG2 . THR A 1 156 ? 18.370  -4.388  10.453  1.00 10.22 ? 230 THR A CG2 1 
ATOM   1225 N N   . THR A 1 157 ? 16.285  -6.965  11.473  1.00 5.16  ? 231 THR A N   1 
ATOM   1226 C CA  . THR A 1 157 ? 14.866  -6.872  11.695  1.00 6.24  ? 231 THR A CA  1 
ATOM   1227 C C   . THR A 1 157 ? 14.443  -5.442  11.617  1.00 6.37  ? 231 THR A C   1 
ATOM   1228 O O   . THR A 1 157 ? 15.273  -4.534  11.805  1.00 8.63  ? 231 THR A O   1 
ATOM   1229 C CB  . THR A 1 157 ? 14.468  -7.437  13.083  1.00 10.06 ? 231 THR A CB  1 
ATOM   1230 O OG1 . THR A 1 157 ? 15.499  -7.275  14.059  1.00 13.53 ? 231 THR A OG1 1 
ATOM   1231 C CG2 . THR A 1 157 ? 14.166  -8.894  12.910  1.00 8.94  ? 231 THR A CG2 1 
ATOM   1232 N N   . LEU A 1 158 ? 13.156  -5.282  11.338  1.00 4.49  ? 232 LEU A N   1 
ATOM   1233 C CA  . LEU A 1 158 ? 12.472  -4.004  11.386  1.00 5.32  ? 232 LEU A CA  1 
ATOM   1234 C C   . LEU A 1 158 ? 12.373  -3.569  12.841  1.00 7.99  ? 232 LEU A C   1 
ATOM   1235 O O   . LEU A 1 158 ? 12.285  -4.420  13.748  1.00 12.58 ? 232 LEU A O   1 
ATOM   1236 C CB  . LEU A 1 158 ? 11.088  -4.167  10.794  1.00 2.00  ? 232 LEU A CB  1 
ATOM   1237 C CG  . LEU A 1 158 ? 10.869  -3.815  9.333   1.00 4.66  ? 232 LEU A CG  1 
ATOM   1238 C CD1 . LEU A 1 158 ? 12.065  -4.108  8.478   1.00 2.00  ? 232 LEU A CD1 1 
ATOM   1239 C CD2 . LEU A 1 158 ? 9.635   -4.540  8.882   1.00 3.76  ? 232 LEU A CD2 1 
ATOM   1240 N N   . HIS A 1 159 ? 12.469  -2.287  13.166  1.00 8.25  ? 233 HIS A N   1 
ATOM   1241 C CA  . HIS A 1 159 ? 12.334  -1.861  14.553  1.00 8.23  ? 233 HIS A CA  1 
ATOM   1242 C C   . HIS A 1 159 ? 10.904  -1.444  14.684  1.00 6.70  ? 233 HIS A C   1 
ATOM   1243 O O   . HIS A 1 159 ? 10.590  -0.426  14.095  1.00 10.96 ? 233 HIS A O   1 
ATOM   1244 C CB  . HIS A 1 159 ? 13.254  -0.673  14.879  1.00 11.52 ? 233 HIS A CB  1 
ATOM   1245 C CG  . HIS A 1 159 ? 13.114  -0.168  16.316  1.00 13.38 ? 233 HIS A CG  1 
ATOM   1246 N ND1 . HIS A 1 159 ? 13.519  -0.775  17.436  1.00 13.04 ? 233 HIS A ND1 1 
ATOM   1247 C CD2 . HIS A 1 159 ? 12.509  1.023   16.673  1.00 10.64 ? 233 HIS A CD2 1 
ATOM   1248 C CE1 . HIS A 1 159 ? 13.175  0.007   18.439  1.00 14.01 ? 233 HIS A CE1 1 
ATOM   1249 N NE2 . HIS A 1 159 ? 12.571  1.079   17.977  1.00 9.10  ? 233 HIS A NE2 1 
ATOM   1250 N N   . TYR A 1 160 ? 10.018  -2.124  15.404  1.00 9.81  ? 234 TYR A N   1 
ATOM   1251 C CA  . TYR A 1 160 ? 8.619   -1.732  15.479  1.00 10.93 ? 234 TYR A CA  1 
ATOM   1252 C C   . TYR A 1 160 ? 8.565   -0.533  16.404  1.00 14.96 ? 234 TYR A C   1 
ATOM   1253 O O   . TYR A 1 160 ? 9.198   -0.576  17.465  1.00 17.03 ? 234 TYR A O   1 
ATOM   1254 C CB  . TYR A 1 160 ? 7.809   -2.843  16.067  1.00 7.90  ? 234 TYR A CB  1 
ATOM   1255 C CG  . TYR A 1 160 ? 6.319   -2.713  15.871  1.00 4.53  ? 234 TYR A CG  1 
ATOM   1256 C CD1 . TYR A 1 160 ? 5.802   -2.658  14.572  1.00 3.36  ? 234 TYR A CD1 1 
ATOM   1257 C CD2 . TYR A 1 160 ? 5.481   -2.680  16.988  1.00 2.92  ? 234 TYR A CD2 1 
ATOM   1258 C CE1 . TYR A 1 160 ? 4.434   -2.566  14.379  1.00 2.20  ? 234 TYR A CE1 1 
ATOM   1259 C CE2 . TYR A 1 160 ? 4.099   -2.595  16.794  1.00 2.00  ? 234 TYR A CE2 1 
ATOM   1260 C CZ  . TYR A 1 160 ? 3.593   -2.528  15.497  1.00 2.93  ? 234 TYR A CZ  1 
ATOM   1261 O OH  . TYR A 1 160 ? 2.242   -2.376  15.285  1.00 4.38  ? 234 TYR A OH  1 
ATOM   1262 N N   . PRO A 1 161 ? 7.890   0.555   16.077  1.00 17.84 ? 235 PRO A N   1 
ATOM   1263 C CA  . PRO A 1 161 ? 7.931   1.721   16.926  1.00 21.36 ? 235 PRO A CA  1 
ATOM   1264 C C   . PRO A 1 161 ? 7.258   1.485   18.292  1.00 25.63 ? 235 PRO A C   1 
ATOM   1265 O O   . PRO A 1 161 ? 6.228   0.798   18.414  1.00 27.44 ? 235 PRO A O   1 
ATOM   1266 C CB  . PRO A 1 161 ? 7.270   2.783   16.061  1.00 21.35 ? 235 PRO A CB  1 
ATOM   1267 C CG  . PRO A 1 161 ? 7.031   2.126   14.691  1.00 20.25 ? 235 PRO A CG  1 
ATOM   1268 C CD  . PRO A 1 161 ? 6.847   0.674   15.051  1.00 16.36 ? 235 PRO A CD  1 
ATOM   1269 N N   . ALA A 1 162 ? 7.862   2.046   19.346  1.00 28.71 ? 236 ALA A N   1 
ATOM   1270 C CA  . ALA A 1 162 ? 7.247   2.057   20.672  1.00 31.52 ? 236 ALA A CA  1 
ATOM   1271 C C   . ALA A 1 162 ? 5.952   2.855   20.570  1.00 32.96 ? 236 ALA A C   1 
ATOM   1272 O O   . ALA A 1 162 ? 5.881   3.668   19.634  1.00 36.85 ? 236 ALA A O   1 
ATOM   1273 C CB  . ALA A 1 162 ? 8.146   2.757   21.664  1.00 31.14 ? 236 ALA A CB  1 
ATOM   1274 N N   . PRO A 1 163 ? 4.915   2.713   21.393  1.00 33.45 ? 237 PRO A N   1 
ATOM   1275 C CA  . PRO A 1 163 ? 3.686   3.514   21.264  1.00 34.55 ? 237 PRO A CA  1 
ATOM   1276 C C   . PRO A 1 163 ? 3.536   4.768   22.155  1.00 36.57 ? 237 PRO A C   1 
ATOM   1277 O O   . PRO A 1 163 ? 2.535   5.485   22.000  1.00 37.76 ? 237 PRO A O   1 
ATOM   1278 C CB  . PRO A 1 163 ? 2.635   2.465   21.475  1.00 34.58 ? 237 PRO A CB  1 
ATOM   1279 C CG  . PRO A 1 163 ? 3.274   1.687   22.631  1.00 34.66 ? 237 PRO A CG  1 
ATOM   1280 C CD  . PRO A 1 163 ? 4.764   1.621   22.336  1.00 32.40 ? 237 PRO A CD  1 
ATOM   1281 O OXT . PRO A 1 163 ? 4.421   5.022   22.987  1.00 36.00 ? 237 PRO A OXT 1 
HETATM 1282 O O   . HOH B 2 .   ? -15.120 1.647   -21.071 1.00 21.72 ? 501 HOH A O   1 
HETATM 1283 O O   . HOH B 2 .   ? 8.290   1.466   -4.056  1.00 10.55 ? 502 HOH A O   1 
HETATM 1284 O O   . HOH B 2 .   ? -3.777  7.451   -17.719 1.00 14.69 ? 503 HOH A O   1 
HETATM 1285 O O   . HOH B 2 .   ? 11.084  2.310   13.000  1.00 12.24 ? 504 HOH A O   1 
HETATM 1286 O O   . HOH B 2 .   ? 7.899   -11.715 3.176   1.00 11.52 ? 505 HOH A O   1 
HETATM 1287 O O   . HOH B 2 .   ? -2.714  -4.168  4.052   1.00 18.15 ? 506 HOH A O   1 
HETATM 1288 O O   . HOH B 2 .   ? -8.631  3.039   2.554   1.00 13.83 ? 507 HOH A O   1 
HETATM 1289 O O   . HOH B 2 .   ? 1.419   6.978   -4.834  1.00 13.83 ? 508 HOH A O   1 
HETATM 1290 O O   . HOH B 2 .   ? -0.577  0.671   -20.036 1.00 16.80 ? 509 HOH A O   1 
HETATM 1291 O O   . HOH B 2 .   ? 22.609  3.004   12.244  1.00 14.86 ? 510 HOH A O   1 
HETATM 1292 O O   . HOH B 2 .   ? 14.733  1.827   -4.878  1.00 19.22 ? 511 HOH A O   1 
HETATM 1293 O O   . HOH B 2 .   ? 22.016  0.831   16.173  1.00 18.85 ? 512 HOH A O   1 
HETATM 1294 O O   . HOH B 2 .   ? -14.731 14.851  -18.244 1.00 29.13 ? 513 HOH A O   1 
HETATM 1295 O O   . HOH B 2 .   ? -7.413  9.952   4.047   1.00 16.81 ? 514 HOH A O   1 
HETATM 1296 O O   . HOH B 2 .   ? -12.684 -4.391  -16.156 1.00 31.98 ? 515 HOH A O   1 
HETATM 1297 O O   . HOH B 2 .   ? 22.167  2.612   -5.563  1.00 20.56 ? 516 HOH A O   1 
HETATM 1298 O O   . HOH B 2 .   ? -9.546  6.347   12.781  1.00 24.03 ? 517 HOH A O   1 
HETATM 1299 O O   . HOH B 2 .   ? 13.728  18.830  3.519   1.00 20.61 ? 518 HOH A O   1 
HETATM 1300 O O   . HOH B 2 .   ? 9.980   12.299  -2.149  1.00 19.55 ? 519 HOH A O   1 
HETATM 1301 O O   . HOH B 2 .   ? -11.666 1.442   -19.101 1.00 22.43 ? 520 HOH A O   1 
HETATM 1302 O O   . HOH B 2 .   ? -1.079  -21.398 0.420   1.00 25.75 ? 521 HOH A O   1 
HETATM 1303 O O   . HOH B 2 .   ? -3.209  3.621   1.503   1.00 31.99 ? 522 HOH A O   1 
HETATM 1304 O O   . HOH B 2 .   ? -21.517 0.484   -14.244 1.00 21.87 ? 523 HOH A O   1 
HETATM 1305 O O   . HOH B 2 .   ? -20.083 14.909  -8.751  1.00 15.74 ? 524 HOH A O   1 
HETATM 1306 O O   . HOH B 2 .   ? -22.265 -0.118  -18.323 1.00 29.81 ? 525 HOH A O   1 
HETATM 1307 O O   . HOH B 2 .   ? -23.559 1.991   -15.062 1.00 25.19 ? 526 HOH A O   1 
HETATM 1308 O O   . HOH B 2 .   ? -0.662  9.763   -18.878 1.00 18.22 ? 527 HOH A O   1 
HETATM 1309 O O   . HOH B 2 .   ? -16.961 4.423   8.592   1.00 21.65 ? 528 HOH A O   1 
HETATM 1310 O O   . HOH B 2 .   ? -24.010 6.778   -3.568  1.00 33.52 ? 529 HOH A O   1 
HETATM 1311 O O   . HOH B 2 .   ? 22.539  -9.625  10.631  1.00 33.21 ? 530 HOH A O   1 
HETATM 1312 O O   . HOH B 2 .   ? -20.519 6.955   -23.989 1.00 15.96 ? 531 HOH A O   1 
HETATM 1313 O O   . HOH B 2 .   ? 14.826  8.414   11.451  1.00 21.70 ? 532 HOH A O   1 
HETATM 1314 O O   . HOH B 2 .   ? -16.236 12.157  -16.027 1.00 21.98 ? 533 HOH A O   1 
HETATM 1315 O O   . HOH B 2 .   ? 2.497   -20.195 4.399   1.00 36.53 ? 534 HOH A O   1 
HETATM 1316 O O   . HOH B 2 .   ? 6.830   6.248   18.320  1.00 34.03 ? 535 HOH A O   1 
HETATM 1317 O O   . HOH B 2 .   ? -19.744 -7.035  -13.003 1.00 33.13 ? 536 HOH A O   1 
HETATM 1318 O O   . HOH B 2 .   ? 18.567  0.166   24.565  1.00 26.71 ? 537 HOH A O   1 
HETATM 1319 O O   . HOH B 2 .   ? 17.006  -2.360  16.985  1.00 25.71 ? 538 HOH A O   1 
HETATM 1320 O O   . HOH B 2 .   ? 21.673  12.437  10.779  1.00 24.84 ? 539 HOH A O   1 
HETATM 1321 O O   . HOH B 2 .   ? 7.603   11.188  4.298   1.00 36.87 ? 540 HOH A O   1 
# 
